data_8FVT
# 
_entry.id   8FVT 
# 
_audit_conform.dict_name       mmcif_pdbx.dic 
_audit_conform.dict_version    5.387 
_audit_conform.dict_location   http://mmcif.pdb.org/dictionaries/ascii/mmcif_pdbx.dic 
# 
loop_
_database_2.database_id 
_database_2.database_code 
_database_2.pdbx_database_accession 
_database_2.pdbx_DOI 
PDB   8FVT         pdb_00008fvt 10.2210/pdb8fvt/pdb 
WWPDB D_1000271545 ?            ?                   
# 
loop_
_pdbx_audit_revision_history.ordinal 
_pdbx_audit_revision_history.data_content_type 
_pdbx_audit_revision_history.major_revision 
_pdbx_audit_revision_history.minor_revision 
_pdbx_audit_revision_history.revision_date 
1 'Structure model' 1 0 2023-08-16 
2 'Structure model' 1 1 2023-10-11 
3 'Structure model' 1 2 2024-03-06 
# 
_pdbx_audit_revision_details.ordinal             1 
_pdbx_audit_revision_details.revision_ordinal    1 
_pdbx_audit_revision_details.data_content_type   'Structure model' 
_pdbx_audit_revision_details.provider            repository 
_pdbx_audit_revision_details.type                'Initial release' 
_pdbx_audit_revision_details.description         ? 
_pdbx_audit_revision_details.details             ? 
# 
loop_
_pdbx_audit_revision_group.ordinal 
_pdbx_audit_revision_group.revision_ordinal 
_pdbx_audit_revision_group.data_content_type 
_pdbx_audit_revision_group.group 
1 2 'Structure model' 'Refinement description' 
2 3 'Structure model' 'Database references'    
# 
loop_
_pdbx_audit_revision_category.ordinal 
_pdbx_audit_revision_category.revision_ordinal 
_pdbx_audit_revision_category.data_content_type 
_pdbx_audit_revision_category.category 
1 2 'Structure model' pdbx_initial_refinement_model 
2 3 'Structure model' citation                      
3 3 'Structure model' citation_author               
# 
loop_
_pdbx_audit_revision_item.ordinal 
_pdbx_audit_revision_item.revision_ordinal 
_pdbx_audit_revision_item.data_content_type 
_pdbx_audit_revision_item.item 
1  2 'Structure model' '_pdbx_initial_refinement_model.type' 
2  3 'Structure model' '_citation.country'                   
3  3 'Structure model' '_citation.journal_abbrev'            
4  3 'Structure model' '_citation.journal_id_ASTM'           
5  3 'Structure model' '_citation.journal_id_CSD'            
6  3 'Structure model' '_citation.journal_id_ISSN'           
7  3 'Structure model' '_citation.journal_volume'            
8  3 'Structure model' '_citation.page_first'                
9  3 'Structure model' '_citation.page_last'                 
10 3 'Structure model' '_citation.pdbx_database_id_DOI'      
11 3 'Structure model' '_citation.pdbx_database_id_PubMed'   
12 3 'Structure model' '_citation.title'                     
13 3 'Structure model' '_citation.year'                      
# 
_pdbx_database_status.status_code                     REL 
_pdbx_database_status.status_code_sf                  REL 
_pdbx_database_status.status_code_mr                  ? 
_pdbx_database_status.entry_id                        8FVT 
_pdbx_database_status.recvd_initial_deposition_date   2023-01-19 
_pdbx_database_status.SG_entry                        N 
_pdbx_database_status.deposit_site                    RCSB 
_pdbx_database_status.process_site                    RCSB 
_pdbx_database_status.status_code_cs                  ? 
_pdbx_database_status.status_code_nmr_data            ? 
_pdbx_database_status.methods_development_category    ? 
_pdbx_database_status.pdb_format_compatible           Y 
# 
_pdbx_contact_author.id                 2 
_pdbx_contact_author.email              dabaker@uw.edu 
_pdbx_contact_author.name_first         David 
_pdbx_contact_author.name_last          Baker 
_pdbx_contact_author.name_mi            ? 
_pdbx_contact_author.role               'principal investigator/group leader' 
_pdbx_contact_author.identifier_ORCID   0000-0001-7896-6217 
# 
loop_
_audit_author.name 
_audit_author.pdbx_ordinal 
_audit_author.identifier_ORCID 
'Bera, A.K.'   1 ? 
'Broerman, A.' 2 ? 
'Baker, D.'    3 ? 
# 
_citation.abstract                  ? 
_citation.abstract_id_CAS           ? 
_citation.book_id_ISBN              ? 
_citation.book_publisher            ? 
_citation.book_publisher_city       ? 
_citation.book_title                ? 
_citation.coordinate_linkage        ? 
_citation.country                   US 
_citation.database_id_Medline       ? 
_citation.details                   ? 
_citation.id                        primary 
_citation.journal_abbrev            Science 
_citation.journal_id_ASTM           SCIEAS 
_citation.journal_id_CSD            0038 
_citation.journal_id_ISSN           1095-9203 
_citation.journal_full              ? 
_citation.journal_issue             ? 
_citation.journal_volume            381 
_citation.language                  ? 
_citation.page_first                754 
_citation.page_last                 760 
_citation.title                     'Design of stimulus-responsive two-state hinge proteins.' 
_citation.year                      2023 
_citation.database_id_CSD           ? 
_citation.pdbx_database_id_DOI      10.1126/science.adg7731 
_citation.pdbx_database_id_PubMed   37590357 
_citation.pdbx_database_id_patent   ? 
_citation.unpublished_flag          ? 
# 
loop_
_citation_author.citation_id 
_citation_author.name 
_citation_author.ordinal 
_citation_author.identifier_ORCID 
primary 'Praetorius, F.' 1  0000-0002-0806-8101 
primary 'Leung, P.J.Y.'  2  0000-0002-1801-8968 
primary 'Tessmer, M.H.'  3  0000-0001-6357-3496 
primary 'Broerman, A.'   4  0000-0002-6878-1769 
primary 'Demakis, C.'    5  0000-0001-7553-1437 
primary 'Dishman, A.F.'  6  0000-0002-8952-8551 
primary 'Pillai, A.'     7  0000-0002-5012-1199 
primary 'Idris, A.'      8  0000-0002-4928-8426 
primary 'Juergens, D.'   9  0000-0001-6425-8391 
primary 'Dauparas, J.'   10 0000-0002-0030-144X 
primary 'Li, X.'         11 0000-0001-5559-7578 
primary 'Levine, P.M.'   12 0000-0003-4874-5557 
primary 'Lamb, M.'       13 0000-0002-7318-1805 
primary 'Ballard, R.K.'  14 0000-0003-4895-130X 
primary 'Gerben, S.R.'   15 0000-0003-0313-6248 
primary 'Nguyen, H.'     16 0000-0001-9696-4004 
primary 'Kang, A.'       17 0000-0001-5487-0499 
primary 'Sankaran, B.'   18 0000-0002-3266-8131 
primary 'Bera, A.K.'     19 0000-0001-9473-2912 
primary 'Volkman, B.F.'  20 0000-0002-6681-5179 
primary 'Nivala, J.'     21 0000-0002-8210-5417 
primary 'Stoll, S.'      22 ?                   
primary 'Baker, D.'      23 0000-0001-7896-6217 
# 
_entity.id                         1 
_entity.type                       polymer 
_entity.src_method                 man 
_entity.pdbx_description           3hb12 
_entity.formula_weight             11193.331 
_entity.pdbx_number_of_molecules   2 
_entity.pdbx_ec                    ? 
_entity.pdbx_mutation              ? 
_entity.pdbx_fragment              ? 
_entity.details                    ? 
# 
_entity_poly.entity_id                      1 
_entity_poly.type                           'polypeptide(L)' 
_entity_poly.nstd_linkage                   no 
_entity_poly.nstd_monomer                   no 
_entity_poly.pdbx_seq_one_letter_code       
;GLEEEARELAEEAREVRRRAEELRRRAEEARETGEASEEHAAALLAEAAVLELKAVLLELEARRLLKESGGEVAREALEL
AREARREAREALEAAEEASE
;
_entity_poly.pdbx_seq_one_letter_code_can   
;GLEEEARELAEEAREVRRRAEELRRRAEEARETGEASEEHAAALLAEAAVLELKAVLLELEARRLLKESGGEVAREALEL
AREARREAREALEAAEEASE
;
_entity_poly.pdbx_strand_id                 A,B 
_entity_poly.pdbx_target_identifier         ? 
# 
loop_
_entity_poly_seq.entity_id 
_entity_poly_seq.num 
_entity_poly_seq.mon_id 
_entity_poly_seq.hetero 
1 1   GLY n 
1 2   LEU n 
1 3   GLU n 
1 4   GLU n 
1 5   GLU n 
1 6   ALA n 
1 7   ARG n 
1 8   GLU n 
1 9   LEU n 
1 10  ALA n 
1 11  GLU n 
1 12  GLU n 
1 13  ALA n 
1 14  ARG n 
1 15  GLU n 
1 16  VAL n 
1 17  ARG n 
1 18  ARG n 
1 19  ARG n 
1 20  ALA n 
1 21  GLU n 
1 22  GLU n 
1 23  LEU n 
1 24  ARG n 
1 25  ARG n 
1 26  ARG n 
1 27  ALA n 
1 28  GLU n 
1 29  GLU n 
1 30  ALA n 
1 31  ARG n 
1 32  GLU n 
1 33  THR n 
1 34  GLY n 
1 35  GLU n 
1 36  ALA n 
1 37  SER n 
1 38  GLU n 
1 39  GLU n 
1 40  HIS n 
1 41  ALA n 
1 42  ALA n 
1 43  ALA n 
1 44  LEU n 
1 45  LEU n 
1 46  ALA n 
1 47  GLU n 
1 48  ALA n 
1 49  ALA n 
1 50  VAL n 
1 51  LEU n 
1 52  GLU n 
1 53  LEU n 
1 54  LYS n 
1 55  ALA n 
1 56  VAL n 
1 57  LEU n 
1 58  LEU n 
1 59  GLU n 
1 60  LEU n 
1 61  GLU n 
1 62  ALA n 
1 63  ARG n 
1 64  ARG n 
1 65  LEU n 
1 66  LEU n 
1 67  LYS n 
1 68  GLU n 
1 69  SER n 
1 70  GLY n 
1 71  GLY n 
1 72  GLU n 
1 73  VAL n 
1 74  ALA n 
1 75  ARG n 
1 76  GLU n 
1 77  ALA n 
1 78  LEU n 
1 79  GLU n 
1 80  LEU n 
1 81  ALA n 
1 82  ARG n 
1 83  GLU n 
1 84  ALA n 
1 85  ARG n 
1 86  ARG n 
1 87  GLU n 
1 88  ALA n 
1 89  ARG n 
1 90  GLU n 
1 91  ALA n 
1 92  LEU n 
1 93  GLU n 
1 94  ALA n 
1 95  ALA n 
1 96  GLU n 
1 97  GLU n 
1 98  ALA n 
1 99  SER n 
1 100 GLU n 
# 
_entity_src_gen.entity_id                          1 
_entity_src_gen.pdbx_src_id                        1 
_entity_src_gen.pdbx_alt_source_flag               sample 
_entity_src_gen.pdbx_seq_type                      'Biological sequence' 
_entity_src_gen.pdbx_beg_seq_num                   1 
_entity_src_gen.pdbx_end_seq_num                   100 
_entity_src_gen.gene_src_common_name               ? 
_entity_src_gen.gene_src_genus                     ? 
_entity_src_gen.pdbx_gene_src_gene                 ? 
_entity_src_gen.gene_src_species                   ? 
_entity_src_gen.gene_src_strain                    ? 
_entity_src_gen.gene_src_tissue                    ? 
_entity_src_gen.gene_src_tissue_fraction           ? 
_entity_src_gen.gene_src_details                   ? 
_entity_src_gen.pdbx_gene_src_fragment             ? 
_entity_src_gen.pdbx_gene_src_scientific_name      'synthetic construct' 
_entity_src_gen.pdbx_gene_src_ncbi_taxonomy_id     32630 
_entity_src_gen.pdbx_gene_src_variant              ? 
_entity_src_gen.pdbx_gene_src_cell_line            ? 
_entity_src_gen.pdbx_gene_src_atcc                 ? 
_entity_src_gen.pdbx_gene_src_organ                ? 
_entity_src_gen.pdbx_gene_src_organelle            ? 
_entity_src_gen.pdbx_gene_src_cell                 ? 
_entity_src_gen.pdbx_gene_src_cellular_location    ? 
_entity_src_gen.host_org_common_name               ? 
_entity_src_gen.pdbx_host_org_scientific_name      'Escherichia coli' 
_entity_src_gen.pdbx_host_org_ncbi_taxonomy_id     562 
_entity_src_gen.host_org_genus                     ? 
_entity_src_gen.pdbx_host_org_gene                 ? 
_entity_src_gen.pdbx_host_org_organ                ? 
_entity_src_gen.host_org_species                   ? 
_entity_src_gen.pdbx_host_org_tissue               ? 
_entity_src_gen.pdbx_host_org_tissue_fraction      ? 
_entity_src_gen.pdbx_host_org_strain               ? 
_entity_src_gen.pdbx_host_org_variant              ? 
_entity_src_gen.pdbx_host_org_cell_line            ? 
_entity_src_gen.pdbx_host_org_atcc                 ? 
_entity_src_gen.pdbx_host_org_culture_collection   ? 
_entity_src_gen.pdbx_host_org_cell                 ? 
_entity_src_gen.pdbx_host_org_organelle            ? 
_entity_src_gen.pdbx_host_org_cellular_location    ? 
_entity_src_gen.pdbx_host_org_vector_type          ? 
_entity_src_gen.pdbx_host_org_vector               ? 
_entity_src_gen.host_org_details                   ? 
_entity_src_gen.expression_system_id               ? 
_entity_src_gen.plasmid_name                       ? 
_entity_src_gen.plasmid_details                    ? 
_entity_src_gen.pdbx_description                   ? 
# 
loop_
_chem_comp.id 
_chem_comp.type 
_chem_comp.mon_nstd_flag 
_chem_comp.name 
_chem_comp.pdbx_synonyms 
_chem_comp.formula 
_chem_comp.formula_weight 
ALA 'L-peptide linking' y ALANINE         ? 'C3 H7 N O2'     89.093  
ARG 'L-peptide linking' y ARGININE        ? 'C6 H15 N4 O2 1' 175.209 
GLU 'L-peptide linking' y 'GLUTAMIC ACID' ? 'C5 H9 N O4'     147.129 
GLY 'peptide linking'   y GLYCINE         ? 'C2 H5 N O2'     75.067  
HIS 'L-peptide linking' y HISTIDINE       ? 'C6 H10 N3 O2 1' 156.162 
LEU 'L-peptide linking' y LEUCINE         ? 'C6 H13 N O2'    131.173 
LYS 'L-peptide linking' y LYSINE          ? 'C6 H15 N2 O2 1' 147.195 
SER 'L-peptide linking' y SERINE          ? 'C3 H7 N O3'     105.093 
THR 'L-peptide linking' y THREONINE       ? 'C4 H9 N O3'     119.119 
VAL 'L-peptide linking' y VALINE          ? 'C5 H11 N O2'    117.146 
# 
loop_
_pdbx_poly_seq_scheme.asym_id 
_pdbx_poly_seq_scheme.entity_id 
_pdbx_poly_seq_scheme.seq_id 
_pdbx_poly_seq_scheme.mon_id 
_pdbx_poly_seq_scheme.ndb_seq_num 
_pdbx_poly_seq_scheme.pdb_seq_num 
_pdbx_poly_seq_scheme.auth_seq_num 
_pdbx_poly_seq_scheme.pdb_mon_id 
_pdbx_poly_seq_scheme.auth_mon_id 
_pdbx_poly_seq_scheme.pdb_strand_id 
_pdbx_poly_seq_scheme.pdb_ins_code 
_pdbx_poly_seq_scheme.hetero 
A 1 1   GLY 1   1   ?  ?   ?   A . n 
A 1 2   LEU 2   2   2  LEU LEU A . n 
A 1 3   GLU 3   3   3  GLU GLU A . n 
A 1 4   GLU 4   4   4  GLU GLU A . n 
A 1 5   GLU 5   5   5  GLU GLU A . n 
A 1 6   ALA 6   6   6  ALA ALA A . n 
A 1 7   ARG 7   7   7  ARG ARG A . n 
A 1 8   GLU 8   8   8  GLU GLU A . n 
A 1 9   LEU 9   9   9  LEU LEU A . n 
A 1 10  ALA 10  10  10 ALA ALA A . n 
A 1 11  GLU 11  11  11 GLU GLU A . n 
A 1 12  GLU 12  12  12 GLU GLU A . n 
A 1 13  ALA 13  13  13 ALA ALA A . n 
A 1 14  ARG 14  14  14 ARG ARG A . n 
A 1 15  GLU 15  15  15 GLU GLU A . n 
A 1 16  VAL 16  16  16 VAL VAL A . n 
A 1 17  ARG 17  17  17 ARG ARG A . n 
A 1 18  ARG 18  18  18 ARG ARG A . n 
A 1 19  ARG 19  19  19 ARG ARG A . n 
A 1 20  ALA 20  20  20 ALA ALA A . n 
A 1 21  GLU 21  21  21 GLU GLU A . n 
A 1 22  GLU 22  22  22 GLU GLU A . n 
A 1 23  LEU 23  23  23 LEU LEU A . n 
A 1 24  ARG 24  24  24 ARG ARG A . n 
A 1 25  ARG 25  25  25 ARG ARG A . n 
A 1 26  ARG 26  26  26 ARG ARG A . n 
A 1 27  ALA 27  27  27 ALA ALA A . n 
A 1 28  GLU 28  28  28 GLU GLU A . n 
A 1 29  GLU 29  29  29 GLU GLU A . n 
A 1 30  ALA 30  30  30 ALA ALA A . n 
A 1 31  ARG 31  31  31 ARG ARG A . n 
A 1 32  GLU 32  32  32 GLU GLU A . n 
A 1 33  THR 33  33  33 THR THR A . n 
A 1 34  GLY 34  34  34 GLY GLY A . n 
A 1 35  GLU 35  35  35 GLU GLU A . n 
A 1 36  ALA 36  36  36 ALA ALA A . n 
A 1 37  SER 37  37  37 SER SER A . n 
A 1 38  GLU 38  38  38 GLU GLU A . n 
A 1 39  GLU 39  39  39 GLU GLU A . n 
A 1 40  HIS 40  40  40 HIS HIS A . n 
A 1 41  ALA 41  41  41 ALA ALA A . n 
A 1 42  ALA 42  42  42 ALA ALA A . n 
A 1 43  ALA 43  43  43 ALA ALA A . n 
A 1 44  LEU 44  44  44 LEU LEU A . n 
A 1 45  LEU 45  45  45 LEU LEU A . n 
A 1 46  ALA 46  46  46 ALA ALA A . n 
A 1 47  GLU 47  47  47 GLU GLU A . n 
A 1 48  ALA 48  48  48 ALA ALA A . n 
A 1 49  ALA 49  49  49 ALA ALA A . n 
A 1 50  VAL 50  50  50 VAL VAL A . n 
A 1 51  LEU 51  51  51 LEU LEU A . n 
A 1 52  GLU 52  52  52 GLU GLU A . n 
A 1 53  LEU 53  53  53 LEU LEU A . n 
A 1 54  LYS 54  54  54 LYS LYS A . n 
A 1 55  ALA 55  55  55 ALA ALA A . n 
A 1 56  VAL 56  56  56 VAL VAL A . n 
A 1 57  LEU 57  57  57 LEU LEU A . n 
A 1 58  LEU 58  58  58 LEU LEU A . n 
A 1 59  GLU 59  59  59 GLU GLU A . n 
A 1 60  LEU 60  60  60 LEU LEU A . n 
A 1 61  GLU 61  61  61 GLU GLU A . n 
A 1 62  ALA 62  62  62 ALA ALA A . n 
A 1 63  ARG 63  63  63 ARG ARG A . n 
A 1 64  ARG 64  64  64 ARG ARG A . n 
A 1 65  LEU 65  65  65 LEU LEU A . n 
A 1 66  LEU 66  66  66 LEU LEU A . n 
A 1 67  LYS 67  67  67 LYS LYS A . n 
A 1 68  GLU 68  68  68 GLU GLU A . n 
A 1 69  SER 69  69  69 SER SER A . n 
A 1 70  GLY 70  70  70 GLY GLY A . n 
A 1 71  GLY 71  71  71 GLY GLY A . n 
A 1 72  GLU 72  72  72 GLU GLU A . n 
A 1 73  VAL 73  73  73 VAL VAL A . n 
A 1 74  ALA 74  74  74 ALA ALA A . n 
A 1 75  ARG 75  75  75 ARG ARG A . n 
A 1 76  GLU 76  76  76 GLU GLU A . n 
A 1 77  ALA 77  77  77 ALA ALA A . n 
A 1 78  LEU 78  78  78 LEU LEU A . n 
A 1 79  GLU 79  79  79 GLU GLU A . n 
A 1 80  LEU 80  80  80 LEU LEU A . n 
A 1 81  ALA 81  81  81 ALA ALA A . n 
A 1 82  ARG 82  82  82 ARG ARG A . n 
A 1 83  GLU 83  83  83 GLU GLU A . n 
A 1 84  ALA 84  84  84 ALA ALA A . n 
A 1 85  ARG 85  85  85 ARG ARG A . n 
A 1 86  ARG 86  86  86 ARG ARG A . n 
A 1 87  GLU 87  87  87 GLU GLU A . n 
A 1 88  ALA 88  88  88 ALA ALA A . n 
A 1 89  ARG 89  89  89 ARG ARG A . n 
A 1 90  GLU 90  90  90 GLU GLU A . n 
A 1 91  ALA 91  91  91 ALA ALA A . n 
A 1 92  LEU 92  92  92 LEU LEU A . n 
A 1 93  GLU 93  93  93 GLU GLU A . n 
A 1 94  ALA 94  94  94 ALA ALA A . n 
A 1 95  ALA 95  95  95 ALA ALA A . n 
A 1 96  GLU 96  96  96 GLU GLU A . n 
A 1 97  GLU 97  97  97 GLU GLU A . n 
A 1 98  ALA 98  98  ?  ?   ?   A . n 
A 1 99  SER 99  99  ?  ?   ?   A . n 
A 1 100 GLU 100 100 ?  ?   ?   A . n 
B 1 1   GLY 1   1   ?  ?   ?   B . n 
B 1 2   LEU 2   2   2  LEU LEU B . n 
B 1 3   GLU 3   3   3  GLU GLU B . n 
B 1 4   GLU 4   4   4  GLU GLU B . n 
B 1 5   GLU 5   5   5  GLU GLU B . n 
B 1 6   ALA 6   6   6  ALA ALA B . n 
B 1 7   ARG 7   7   7  ARG ARG B . n 
B 1 8   GLU 8   8   8  GLU GLU B . n 
B 1 9   LEU 9   9   9  LEU LEU B . n 
B 1 10  ALA 10  10  10 ALA ALA B . n 
B 1 11  GLU 11  11  11 GLU GLU B . n 
B 1 12  GLU 12  12  12 GLU GLU B . n 
B 1 13  ALA 13  13  13 ALA ALA B . n 
B 1 14  ARG 14  14  14 ARG ARG B . n 
B 1 15  GLU 15  15  15 GLU GLU B . n 
B 1 16  VAL 16  16  16 VAL VAL B . n 
B 1 17  ARG 17  17  17 ARG ARG B . n 
B 1 18  ARG 18  18  18 ARG ARG B . n 
B 1 19  ARG 19  19  19 ARG ARG B . n 
B 1 20  ALA 20  20  20 ALA ALA B . n 
B 1 21  GLU 21  21  21 GLU GLU B . n 
B 1 22  GLU 22  22  22 GLU GLU B . n 
B 1 23  LEU 23  23  23 LEU LEU B . n 
B 1 24  ARG 24  24  24 ARG ARG B . n 
B 1 25  ARG 25  25  25 ARG ARG B . n 
B 1 26  ARG 26  26  26 ARG ARG B . n 
B 1 27  ALA 27  27  27 ALA ALA B . n 
B 1 28  GLU 28  28  28 GLU GLU B . n 
B 1 29  GLU 29  29  29 GLU GLU B . n 
B 1 30  ALA 30  30  30 ALA ALA B . n 
B 1 31  ARG 31  31  31 ARG ARG B . n 
B 1 32  GLU 32  32  32 GLU GLU B . n 
B 1 33  THR 33  33  33 THR THR B . n 
B 1 34  GLY 34  34  34 GLY GLY B . n 
B 1 35  GLU 35  35  35 GLU GLU B . n 
B 1 36  ALA 36  36  36 ALA ALA B . n 
B 1 37  SER 37  37  37 SER SER B . n 
B 1 38  GLU 38  38  38 GLU GLU B . n 
B 1 39  GLU 39  39  39 GLU GLU B . n 
B 1 40  HIS 40  40  40 HIS HIS B . n 
B 1 41  ALA 41  41  41 ALA ALA B . n 
B 1 42  ALA 42  42  42 ALA ALA B . n 
B 1 43  ALA 43  43  43 ALA ALA B . n 
B 1 44  LEU 44  44  44 LEU LEU B . n 
B 1 45  LEU 45  45  45 LEU LEU B . n 
B 1 46  ALA 46  46  46 ALA ALA B . n 
B 1 47  GLU 47  47  47 GLU GLU B . n 
B 1 48  ALA 48  48  48 ALA ALA B . n 
B 1 49  ALA 49  49  49 ALA ALA B . n 
B 1 50  VAL 50  50  50 VAL VAL B . n 
B 1 51  LEU 51  51  51 LEU LEU B . n 
B 1 52  GLU 52  52  52 GLU GLU B . n 
B 1 53  LEU 53  53  53 LEU LEU B . n 
B 1 54  LYS 54  54  54 LYS LYS B . n 
B 1 55  ALA 55  55  55 ALA ALA B . n 
B 1 56  VAL 56  56  56 VAL VAL B . n 
B 1 57  LEU 57  57  57 LEU LEU B . n 
B 1 58  LEU 58  58  58 LEU LEU B . n 
B 1 59  GLU 59  59  59 GLU GLU B . n 
B 1 60  LEU 60  60  60 LEU LEU B . n 
B 1 61  GLU 61  61  61 GLU GLU B . n 
B 1 62  ALA 62  62  62 ALA ALA B . n 
B 1 63  ARG 63  63  63 ARG ARG B . n 
B 1 64  ARG 64  64  64 ARG ARG B . n 
B 1 65  LEU 65  65  65 LEU LEU B . n 
B 1 66  LEU 66  66  66 LEU LEU B . n 
B 1 67  LYS 67  67  67 LYS LYS B . n 
B 1 68  GLU 68  68  68 GLU GLU B . n 
B 1 69  SER 69  69  69 SER SER B . n 
B 1 70  GLY 70  70  70 GLY GLY B . n 
B 1 71  GLY 71  71  71 GLY GLY B . n 
B 1 72  GLU 72  72  72 GLU GLU B . n 
B 1 73  VAL 73  73  73 VAL VAL B . n 
B 1 74  ALA 74  74  74 ALA ALA B . n 
B 1 75  ARG 75  75  75 ARG ARG B . n 
B 1 76  GLU 76  76  76 GLU GLU B . n 
B 1 77  ALA 77  77  77 ALA ALA B . n 
B 1 78  LEU 78  78  78 LEU LEU B . n 
B 1 79  GLU 79  79  79 GLU GLU B . n 
B 1 80  LEU 80  80  80 LEU LEU B . n 
B 1 81  ALA 81  81  81 ALA ALA B . n 
B 1 82  ARG 82  82  82 ARG ARG B . n 
B 1 83  GLU 83  83  83 GLU GLU B . n 
B 1 84  ALA 84  84  84 ALA ALA B . n 
B 1 85  ARG 85  85  85 ARG ARG B . n 
B 1 86  ARG 86  86  86 ARG ARG B . n 
B 1 87  GLU 87  87  87 GLU GLU B . n 
B 1 88  ALA 88  88  88 ALA ALA B . n 
B 1 89  ARG 89  89  89 ARG ARG B . n 
B 1 90  GLU 90  90  90 GLU GLU B . n 
B 1 91  ALA 91  91  91 ALA ALA B . n 
B 1 92  LEU 92  92  92 LEU LEU B . n 
B 1 93  GLU 93  93  93 GLU GLU B . n 
B 1 94  ALA 94  94  94 ALA ALA B . n 
B 1 95  ALA 95  95  95 ALA ALA B . n 
B 1 96  GLU 96  96  96 GLU GLU B . n 
B 1 97  GLU 97  97  97 GLU GLU B . n 
B 1 98  ALA 98  98  ?  ?   ?   B . n 
B 1 99  SER 99  99  ?  ?   ?   B . n 
B 1 100 GLU 100 100 ?  ?   ?   B . n 
# 
loop_
_software.citation_id 
_software.classification 
_software.compiler_name 
_software.compiler_version 
_software.contact_author 
_software.contact_author_email 
_software.date 
_software.description 
_software.dependencies 
_software.hardware 
_software.language 
_software.location 
_software.mods 
_software.name 
_software.os 
_software.os_version 
_software.type 
_software.version 
_software.pdbx_ordinal 
? refinement       ? ? ? ? ? ? ? ? ? ? ? PHENIX ? ? ? dev_4761 1 
? 'data reduction' ? ? ? ? ? ? ? ? ? ? ? XDS    ? ? ? .        2 
? 'data scaling'   ? ? ? ? ? ? ? ? ? ? ? XSCALE ? ? ? .        3 
? phasing          ? ? ? ? ? ? ? ? ? ? ? PHASER ? ? ? .        4 
# 
_cell.angle_alpha                  90.000 
_cell.angle_alpha_esd              ? 
_cell.angle_beta                   90.000 
_cell.angle_beta_esd               ? 
_cell.angle_gamma                  90.000 
_cell.angle_gamma_esd              ? 
_cell.entry_id                     8FVT 
_cell.details                      ? 
_cell.formula_units_Z              ? 
_cell.length_a                     67.678 
_cell.length_a_esd                 ? 
_cell.length_b                     67.678 
_cell.length_b_esd                 ? 
_cell.length_c                     82.374 
_cell.length_c_esd                 ? 
_cell.volume                       377298.595 
_cell.volume_esd                   ? 
_cell.Z_PDB                        16 
_cell.reciprocal_angle_alpha       ? 
_cell.reciprocal_angle_beta        ? 
_cell.reciprocal_angle_gamma       ? 
_cell.reciprocal_angle_alpha_esd   ? 
_cell.reciprocal_angle_beta_esd    ? 
_cell.reciprocal_angle_gamma_esd   ? 
_cell.reciprocal_length_a          ? 
_cell.reciprocal_length_b          ? 
_cell.reciprocal_length_c          ? 
_cell.reciprocal_length_a_esd      ? 
_cell.reciprocal_length_b_esd      ? 
_cell.reciprocal_length_c_esd      ? 
_cell.pdbx_unique_axis             ? 
_cell.pdbx_esd_method              ? 
# 
_symmetry.entry_id                         8FVT 
_symmetry.cell_setting                     ? 
_symmetry.Int_Tables_number                79 
_symmetry.space_group_name_Hall            'I 4' 
_symmetry.space_group_name_H-M             'I 4' 
_symmetry.pdbx_full_space_group_name_H-M   ? 
# 
_exptl.absorpt_coefficient_mu     ? 
_exptl.absorpt_correction_T_max   ? 
_exptl.absorpt_correction_T_min   ? 
_exptl.absorpt_correction_type    ? 
_exptl.absorpt_process_details    ? 
_exptl.entry_id                   8FVT 
_exptl.crystals_number            1 
_exptl.details                    ? 
_exptl.method                     'X-RAY DIFFRACTION' 
_exptl.method_details             ? 
# 
_exptl_crystal.colour                       ? 
_exptl_crystal.density_diffrn               ? 
_exptl_crystal.density_Matthews             2.19 
_exptl_crystal.density_method               ? 
_exptl_crystal.density_percent_sol          41.62 
_exptl_crystal.description                  ? 
_exptl_crystal.F_000                        ? 
_exptl_crystal.id                           1 
_exptl_crystal.preparation                  ? 
_exptl_crystal.size_max                     ? 
_exptl_crystal.size_mid                     ? 
_exptl_crystal.size_min                     ? 
_exptl_crystal.size_rad                     ? 
_exptl_crystal.colour_lustre                ? 
_exptl_crystal.colour_modifier              ? 
_exptl_crystal.colour_primary               ? 
_exptl_crystal.density_meas                 ? 
_exptl_crystal.density_meas_esd             ? 
_exptl_crystal.density_meas_gt              ? 
_exptl_crystal.density_meas_lt              ? 
_exptl_crystal.density_meas_temp            ? 
_exptl_crystal.density_meas_temp_esd        ? 
_exptl_crystal.density_meas_temp_gt         ? 
_exptl_crystal.density_meas_temp_lt         ? 
_exptl_crystal.pdbx_crystal_image_url       ? 
_exptl_crystal.pdbx_crystal_image_format    ? 
_exptl_crystal.pdbx_mosaicity               ? 
_exptl_crystal.pdbx_mosaicity_esd           ? 
_exptl_crystal.pdbx_mosaic_method           ? 
_exptl_crystal.pdbx_mosaic_block_size       ? 
_exptl_crystal.pdbx_mosaic_block_size_esd   ? 
# 
_exptl_crystal_grow.apparatus       ? 
_exptl_crystal_grow.atmosphere      ? 
_exptl_crystal_grow.crystal_id      1 
_exptl_crystal_grow.details         ? 
_exptl_crystal_grow.method          'VAPOR DIFFUSION, SITTING DROP' 
_exptl_crystal_grow.method_ref      ? 
_exptl_crystal_grow.pH              7 
_exptl_crystal_grow.pressure        ? 
_exptl_crystal_grow.pressure_esd    ? 
_exptl_crystal_grow.seeding         ? 
_exptl_crystal_grow.seeding_ref     ? 
_exptl_crystal_grow.temp_details    ? 
_exptl_crystal_grow.temp_esd        ? 
_exptl_crystal_grow.time            ? 
_exptl_crystal_grow.pdbx_details    '1.8 M Ammonium citrate tribasic pH 7.0' 
_exptl_crystal_grow.pdbx_pH_range   ? 
_exptl_crystal_grow.temp            293 
# 
_diffrn.ambient_environment              ? 
_diffrn.ambient_temp                     100 
_diffrn.ambient_temp_details             ? 
_diffrn.ambient_temp_esd                 ? 
_diffrn.crystal_id                       1 
_diffrn.crystal_support                  ? 
_diffrn.crystal_treatment                ? 
_diffrn.details                          ? 
_diffrn.id                               1 
_diffrn.ambient_pressure                 ? 
_diffrn.ambient_pressure_esd             ? 
_diffrn.ambient_pressure_gt              ? 
_diffrn.ambient_pressure_lt              ? 
_diffrn.ambient_temp_gt                  ? 
_diffrn.ambient_temp_lt                  ? 
_diffrn.pdbx_serial_crystal_experiment   N 
# 
_diffrn_detector.details                      ? 
_diffrn_detector.detector                     PIXEL 
_diffrn_detector.diffrn_id                    1 
_diffrn_detector.type                         'DECTRIS PILATUS 6M' 
_diffrn_detector.area_resol_mean              ? 
_diffrn_detector.dtime                        ? 
_diffrn_detector.pdbx_frames_total            ? 
_diffrn_detector.pdbx_collection_time_total   ? 
_diffrn_detector.pdbx_collection_date         2022-11-04 
_diffrn_detector.pdbx_frequency               ? 
# 
_diffrn_radiation.collimation                      ? 
_diffrn_radiation.diffrn_id                        1 
_diffrn_radiation.filter_edge                      ? 
_diffrn_radiation.inhomogeneity                    ? 
_diffrn_radiation.monochromator                    ? 
_diffrn_radiation.polarisn_norm                    ? 
_diffrn_radiation.polarisn_ratio                   ? 
_diffrn_radiation.probe                            ? 
_diffrn_radiation.type                             ? 
_diffrn_radiation.xray_symbol                      ? 
_diffrn_radiation.wavelength_id                    1 
_diffrn_radiation.pdbx_monochromatic_or_laue_m_l   M 
_diffrn_radiation.pdbx_wavelength_list             ? 
_diffrn_radiation.pdbx_wavelength                  ? 
_diffrn_radiation.pdbx_diffrn_protocol             'SINGLE WAVELENGTH' 
_diffrn_radiation.pdbx_analyzer                    ? 
_diffrn_radiation.pdbx_scattering_type             x-ray 
# 
_diffrn_radiation_wavelength.id           1 
_diffrn_radiation_wavelength.wavelength   0.99998 
_diffrn_radiation_wavelength.wt           1.0 
# 
_diffrn_source.current                     ? 
_diffrn_source.details                     ? 
_diffrn_source.diffrn_id                   1 
_diffrn_source.power                       ? 
_diffrn_source.size                        ? 
_diffrn_source.source                      SYNCHROTRON 
_diffrn_source.target                      ? 
_diffrn_source.type                        'ALS BEAMLINE 8.2.2' 
_diffrn_source.voltage                     ? 
_diffrn_source.take-off_angle              ? 
_diffrn_source.pdbx_wavelength_list        0.99998 
_diffrn_source.pdbx_wavelength             ? 
_diffrn_source.pdbx_synchrotron_beamline   8.2.2 
_diffrn_source.pdbx_synchrotron_site       ALS 
# 
_reflns.B_iso_Wilson_estimate                          95.25 
_reflns.entry_id                                       8FVT 
_reflns.data_reduction_details                         ? 
_reflns.data_reduction_method                          ? 
_reflns.d_resolution_high                              3.07 
_reflns.d_resolution_low                               47.86 
_reflns.details                                        ? 
_reflns.limit_h_max                                    ? 
_reflns.limit_h_min                                    ? 
_reflns.limit_k_max                                    ? 
_reflns.limit_k_min                                    ? 
_reflns.limit_l_max                                    ? 
_reflns.limit_l_min                                    ? 
_reflns.number_all                                     ? 
_reflns.number_obs                                     3505 
_reflns.observed_criterion                             ? 
_reflns.observed_criterion_F_max                       ? 
_reflns.observed_criterion_F_min                       ? 
_reflns.observed_criterion_I_max                       ? 
_reflns.observed_criterion_I_min                       ? 
_reflns.observed_criterion_sigma_F                     ? 
_reflns.observed_criterion_sigma_I                     ? 
_reflns.percent_possible_obs                           99.6 
_reflns.R_free_details                                 ? 
_reflns.Rmerge_F_all                                   ? 
_reflns.Rmerge_F_obs                                   ? 
_reflns.Friedel_coverage                               ? 
_reflns.number_gt                                      ? 
_reflns.threshold_expression                           ? 
_reflns.pdbx_redundancy                                8.8 
_reflns.pdbx_netI_over_av_sigmaI                       ? 
_reflns.pdbx_netI_over_sigmaI                          17.39 
_reflns.pdbx_res_netI_over_av_sigmaI_2                 ? 
_reflns.pdbx_res_netI_over_sigmaI_2                    ? 
_reflns.pdbx_chi_squared                               ? 
_reflns.pdbx_scaling_rejects                           ? 
_reflns.pdbx_d_res_high_opt                            ? 
_reflns.pdbx_d_res_low_opt                             ? 
_reflns.pdbx_d_res_opt_method                          ? 
_reflns.phase_calculation_details                      ? 
_reflns.pdbx_Rrim_I_all                                ? 
_reflns.pdbx_Rpim_I_all                                0.145 
_reflns.pdbx_d_opt                                     ? 
_reflns.pdbx_number_measured_all                       ? 
_reflns.pdbx_diffrn_id                                 1 
_reflns.pdbx_ordinal                                   1 
_reflns.pdbx_CC_half                                   1.00 
_reflns.pdbx_CC_star                                   ? 
_reflns.pdbx_R_split                                   ? 
_reflns.pdbx_Rmerge_I_obs                              0.098 
_reflns.pdbx_Rmerge_I_all                              ? 
_reflns.pdbx_Rsym_value                                ? 
_reflns.pdbx_CC_split_method                           ? 
_reflns.pdbx_aniso_diffraction_limit_axis_1_ortho[1]   ? 
_reflns.pdbx_aniso_diffraction_limit_axis_1_ortho[2]   ? 
_reflns.pdbx_aniso_diffraction_limit_axis_1_ortho[3]   ? 
_reflns.pdbx_aniso_diffraction_limit_axis_2_ortho[1]   ? 
_reflns.pdbx_aniso_diffraction_limit_axis_2_ortho[2]   ? 
_reflns.pdbx_aniso_diffraction_limit_axis_2_ortho[3]   ? 
_reflns.pdbx_aniso_diffraction_limit_axis_3_ortho[1]   ? 
_reflns.pdbx_aniso_diffraction_limit_axis_3_ortho[2]   ? 
_reflns.pdbx_aniso_diffraction_limit_axis_3_ortho[3]   ? 
_reflns.pdbx_aniso_diffraction_limit_1                 ? 
_reflns.pdbx_aniso_diffraction_limit_2                 ? 
_reflns.pdbx_aniso_diffraction_limit_3                 ? 
_reflns.pdbx_aniso_B_tensor_eigenvector_1_ortho[1]     ? 
_reflns.pdbx_aniso_B_tensor_eigenvector_1_ortho[2]     ? 
_reflns.pdbx_aniso_B_tensor_eigenvector_1_ortho[3]     ? 
_reflns.pdbx_aniso_B_tensor_eigenvector_2_ortho[1]     ? 
_reflns.pdbx_aniso_B_tensor_eigenvector_2_ortho[2]     ? 
_reflns.pdbx_aniso_B_tensor_eigenvector_2_ortho[3]     ? 
_reflns.pdbx_aniso_B_tensor_eigenvector_3_ortho[1]     ? 
_reflns.pdbx_aniso_B_tensor_eigenvector_3_ortho[2]     ? 
_reflns.pdbx_aniso_B_tensor_eigenvector_3_ortho[3]     ? 
_reflns.pdbx_aniso_B_tensor_eigenvalue_1               ? 
_reflns.pdbx_aniso_B_tensor_eigenvalue_2               ? 
_reflns.pdbx_aniso_B_tensor_eigenvalue_3               ? 
_reflns.pdbx_orthogonalization_convention              ? 
_reflns.pdbx_percent_possible_ellipsoidal              ? 
_reflns.pdbx_percent_possible_spherical                ? 
_reflns.pdbx_percent_possible_ellipsoidal_anomalous    ? 
_reflns.pdbx_percent_possible_spherical_anomalous      ? 
_reflns.pdbx_redundancy_anomalous                      ? 
_reflns.pdbx_CC_half_anomalous                         ? 
_reflns.pdbx_absDiff_over_sigma_anomalous              ? 
_reflns.pdbx_percent_possible_anomalous                ? 
_reflns.pdbx_observed_signal_threshold                 ? 
_reflns.pdbx_signal_type                               ? 
_reflns.pdbx_signal_details                            ? 
_reflns.pdbx_signal_software_id                        ? 
# 
_reflns_shell.d_res_high                                    3.07 
_reflns_shell.d_res_low                                     3.28 
_reflns_shell.meanI_over_sigI_all                           ? 
_reflns_shell.meanI_over_sigI_obs                           5.59 
_reflns_shell.number_measured_all                           ? 
_reflns_shell.number_measured_obs                           ? 
_reflns_shell.number_possible                               ? 
_reflns_shell.number_unique_all                             ? 
_reflns_shell.number_unique_obs                             1727 
_reflns_shell.percent_possible_obs                          ? 
_reflns_shell.Rmerge_F_all                                  ? 
_reflns_shell.Rmerge_F_obs                                  ? 
_reflns_shell.meanI_over_sigI_gt                            ? 
_reflns_shell.meanI_over_uI_all                             ? 
_reflns_shell.meanI_over_uI_gt                              ? 
_reflns_shell.number_measured_gt                            ? 
_reflns_shell.number_unique_gt                              ? 
_reflns_shell.percent_possible_gt                           ? 
_reflns_shell.Rmerge_F_gt                                   ? 
_reflns_shell.Rmerge_I_gt                                   ? 
_reflns_shell.pdbx_redundancy                               9.1 
_reflns_shell.pdbx_chi_squared                              ? 
_reflns_shell.pdbx_netI_over_sigmaI_all                     ? 
_reflns_shell.pdbx_netI_over_sigmaI_obs                     ? 
_reflns_shell.pdbx_Rrim_I_all                               ? 
_reflns_shell.pdbx_Rpim_I_all                               0.145 
_reflns_shell.pdbx_rejects                                  ? 
_reflns_shell.pdbx_ordinal                                  1 
_reflns_shell.pdbx_diffrn_id                                1 
_reflns_shell.pdbx_CC_half                                  0.987 
_reflns_shell.pdbx_CC_star                                  ? 
_reflns_shell.pdbx_R_split                                  ? 
_reflns_shell.percent_possible_all                          99.48 
_reflns_shell.Rmerge_I_all                                  ? 
_reflns_shell.Rmerge_I_obs                                  0.415 
_reflns_shell.pdbx_Rsym_value                               ? 
_reflns_shell.pdbx_percent_possible_ellipsoidal             ? 
_reflns_shell.pdbx_percent_possible_spherical               ? 
_reflns_shell.pdbx_percent_possible_ellipsoidal_anomalous   ? 
_reflns_shell.pdbx_percent_possible_spherical_anomalous     ? 
_reflns_shell.pdbx_redundancy_anomalous                     ? 
_reflns_shell.pdbx_CC_half_anomalous                        ? 
_reflns_shell.pdbx_absDiff_over_sigma_anomalous             ? 
_reflns_shell.pdbx_percent_possible_anomalous               ? 
# 
_refine.aniso_B[1][1]                            ? 
_refine.aniso_B[1][2]                            ? 
_refine.aniso_B[1][3]                            ? 
_refine.aniso_B[2][2]                            ? 
_refine.aniso_B[2][3]                            ? 
_refine.aniso_B[3][3]                            ? 
_refine.B_iso_max                                ? 
_refine.B_iso_mean                               85.94 
_refine.B_iso_min                                ? 
_refine.correlation_coeff_Fo_to_Fc               ? 
_refine.correlation_coeff_Fo_to_Fc_free          ? 
_refine.details                                  ? 
_refine.diff_density_max                         ? 
_refine.diff_density_max_esd                     ? 
_refine.diff_density_min                         ? 
_refine.diff_density_min_esd                     ? 
_refine.diff_density_rms                         ? 
_refine.diff_density_rms_esd                     ? 
_refine.entry_id                                 8FVT 
_refine.pdbx_refine_id                           'X-RAY DIFFRACTION' 
_refine.ls_abs_structure_details                 ? 
_refine.ls_abs_structure_Flack                   ? 
_refine.ls_abs_structure_Flack_esd               ? 
_refine.ls_abs_structure_Rogers                  ? 
_refine.ls_abs_structure_Rogers_esd              ? 
_refine.ls_d_res_high                            3.07 
_refine.ls_d_res_low                             47.86 
_refine.ls_extinction_coef                       ? 
_refine.ls_extinction_coef_esd                   ? 
_refine.ls_extinction_expression                 ? 
_refine.ls_extinction_method                     ? 
_refine.ls_goodness_of_fit_all                   ? 
_refine.ls_goodness_of_fit_all_esd               ? 
_refine.ls_goodness_of_fit_obs                   ? 
_refine.ls_goodness_of_fit_obs_esd               ? 
_refine.ls_hydrogen_treatment                    ? 
_refine.ls_matrix_type                           ? 
_refine.ls_number_constraints                    ? 
_refine.ls_number_parameters                     ? 
_refine.ls_number_reflns_all                     ? 
_refine.ls_number_reflns_obs                     3505 
_refine.ls_number_reflns_R_free                  341 
_refine.ls_number_reflns_R_work                  3164 
_refine.ls_number_restraints                     ? 
_refine.ls_percent_reflns_obs                    99.66 
_refine.ls_percent_reflns_R_free                 9.73 
_refine.ls_R_factor_all                          ? 
_refine.ls_R_factor_obs                          0.2291 
_refine.ls_R_factor_R_free                       0.2737 
_refine.ls_R_factor_R_free_error                 ? 
_refine.ls_R_factor_R_free_error_details         ? 
_refine.ls_R_factor_R_work                       0.2244 
_refine.ls_R_Fsqd_factor_obs                     ? 
_refine.ls_R_I_factor_obs                        ? 
_refine.ls_redundancy_reflns_all                 ? 
_refine.ls_redundancy_reflns_obs                 ? 
_refine.ls_restrained_S_all                      ? 
_refine.ls_restrained_S_obs                      ? 
_refine.ls_shift_over_esd_max                    ? 
_refine.ls_shift_over_esd_mean                   ? 
_refine.ls_structure_factor_coef                 ? 
_refine.ls_weighting_details                     ? 
_refine.ls_weighting_scheme                      ? 
_refine.ls_wR_factor_all                         ? 
_refine.ls_wR_factor_obs                         ? 
_refine.ls_wR_factor_R_free                      ? 
_refine.ls_wR_factor_R_work                      ? 
_refine.occupancy_max                            ? 
_refine.occupancy_min                            ? 
_refine.solvent_model_details                    'FLAT BULK SOLVENT MODEL' 
_refine.solvent_model_param_bsol                 ? 
_refine.solvent_model_param_ksol                 ? 
_refine.pdbx_R_complete                          ? 
_refine.ls_R_factor_gt                           ? 
_refine.ls_goodness_of_fit_gt                    ? 
_refine.ls_goodness_of_fit_ref                   ? 
_refine.ls_shift_over_su_max                     ? 
_refine.ls_shift_over_su_max_lt                  ? 
_refine.ls_shift_over_su_mean                    ? 
_refine.ls_shift_over_su_mean_lt                 ? 
_refine.pdbx_ls_sigma_I                          ? 
_refine.pdbx_ls_sigma_F                          1.34 
_refine.pdbx_ls_sigma_Fsqd                       ? 
_refine.pdbx_data_cutoff_high_absF               ? 
_refine.pdbx_data_cutoff_high_rms_absF           ? 
_refine.pdbx_data_cutoff_low_absF                ? 
_refine.pdbx_isotropic_thermal_model             ? 
_refine.pdbx_ls_cross_valid_method               'FREE R-VALUE' 
_refine.pdbx_method_to_determine_struct          'MOLECULAR REPLACEMENT' 
_refine.pdbx_starting_model                      ? 
_refine.pdbx_stereochemistry_target_values       'GeoStd + Monomer Library + CDL v1.2' 
_refine.pdbx_R_Free_selection_details            ? 
_refine.pdbx_stereochem_target_val_spec_case     ? 
_refine.pdbx_overall_ESU_R                       ? 
_refine.pdbx_overall_ESU_R_Free                  ? 
_refine.pdbx_solvent_vdw_probe_radii             1.1000 
_refine.pdbx_solvent_ion_probe_radii             ? 
_refine.pdbx_solvent_shrinkage_radii             0.9000 
_refine.pdbx_real_space_R                        ? 
_refine.pdbx_density_correlation                 ? 
_refine.pdbx_pd_number_of_powder_patterns        ? 
_refine.pdbx_pd_number_of_points                 ? 
_refine.pdbx_pd_meas_number_of_points            ? 
_refine.pdbx_pd_proc_ls_prof_R_factor            ? 
_refine.pdbx_pd_proc_ls_prof_wR_factor           ? 
_refine.pdbx_pd_Marquardt_correlation_coeff      ? 
_refine.pdbx_pd_Fsqrd_R_factor                   ? 
_refine.pdbx_pd_ls_matrix_band_width             ? 
_refine.pdbx_overall_phase_error                 36.7284 
_refine.pdbx_overall_SU_R_free_Cruickshank_DPI   ? 
_refine.pdbx_overall_SU_R_free_Blow_DPI          ? 
_refine.pdbx_overall_SU_R_Blow_DPI               ? 
_refine.pdbx_TLS_residual_ADP_flag               ? 
_refine.pdbx_diffrn_id                           1 
_refine.overall_SU_B                             ? 
_refine.overall_SU_ML                            0.3040 
_refine.overall_SU_R_Cruickshank_DPI             ? 
_refine.overall_SU_R_free                        ? 
_refine.overall_FOM_free_R_set                   ? 
_refine.overall_FOM_work_R_set                   ? 
_refine.pdbx_average_fsc_overall                 ? 
_refine.pdbx_average_fsc_work                    ? 
_refine.pdbx_average_fsc_free                    ? 
# 
_refine_hist.pdbx_refine_id                   'X-RAY DIFFRACTION' 
_refine_hist.cycle_id                         LAST 
_refine_hist.details                          ? 
_refine_hist.d_res_high                       3.07 
_refine_hist.d_res_low                        47.86 
_refine_hist.number_atoms_solvent             0 
_refine_hist.number_atoms_total               1518 
_refine_hist.number_reflns_all                ? 
_refine_hist.number_reflns_obs                ? 
_refine_hist.number_reflns_R_free             ? 
_refine_hist.number_reflns_R_work             ? 
_refine_hist.R_factor_all                     ? 
_refine_hist.R_factor_obs                     ? 
_refine_hist.R_factor_R_free                  ? 
_refine_hist.R_factor_R_work                  ? 
_refine_hist.pdbx_number_residues_total       ? 
_refine_hist.pdbx_B_iso_mean_ligand           ? 
_refine_hist.pdbx_B_iso_mean_solvent          ? 
_refine_hist.pdbx_number_atoms_protein        1518 
_refine_hist.pdbx_number_atoms_nucleic_acid   0 
_refine_hist.pdbx_number_atoms_ligand         0 
_refine_hist.pdbx_number_atoms_lipid          ? 
_refine_hist.pdbx_number_atoms_carb           ? 
_refine_hist.pdbx_pseudo_atom_details         ? 
# 
loop_
_refine_ls_restr.pdbx_refine_id 
_refine_ls_restr.criterion 
_refine_ls_restr.dev_ideal 
_refine_ls_restr.dev_ideal_target 
_refine_ls_restr.number 
_refine_ls_restr.rejects 
_refine_ls_restr.type 
_refine_ls_restr.weight 
_refine_ls_restr.pdbx_restraint_function 
'X-RAY DIFFRACTION' ? 0.0037 ? 1518 ? f_bond_d           ? ? 
'X-RAY DIFFRACTION' ? 0.5764 ? 2026 ? f_angle_d          ? ? 
'X-RAY DIFFRACTION' ? 0.0266 ? 226  ? f_chiral_restr     ? ? 
'X-RAY DIFFRACTION' ? 0.0064 ? 282  ? f_plane_restr      ? ? 
'X-RAY DIFFRACTION' ? 3.9332 ? 222  ? f_dihedral_angle_d ? ? 
# 
loop_
_refine_ls_shell.pdbx_refine_id 
_refine_ls_shell.d_res_high 
_refine_ls_shell.d_res_low 
_refine_ls_shell.number_reflns_all 
_refine_ls_shell.number_reflns_obs 
_refine_ls_shell.number_reflns_R_free 
_refine_ls_shell.number_reflns_R_work 
_refine_ls_shell.percent_reflns_obs 
_refine_ls_shell.percent_reflns_R_free 
_refine_ls_shell.R_factor_all 
_refine_ls_shell.R_factor_obs 
_refine_ls_shell.R_factor_R_free_error 
_refine_ls_shell.R_factor_R_work 
_refine_ls_shell.redundancy_reflns_all 
_refine_ls_shell.redundancy_reflns_obs 
_refine_ls_shell.wR_factor_all 
_refine_ls_shell.wR_factor_obs 
_refine_ls_shell.wR_factor_R_free 
_refine_ls_shell.wR_factor_R_work 
_refine_ls_shell.pdbx_R_complete 
_refine_ls_shell.pdbx_total_number_of_bins_used 
_refine_ls_shell.pdbx_phase_error 
_refine_ls_shell.pdbx_fsc_work 
_refine_ls_shell.pdbx_fsc_free 
_refine_ls_shell.R_factor_R_free 
'X-RAY DIFFRACTION' 3.07 3.86  . . 185 1543 99.54 . . . . 0.2988 . . . . . . . . . . . 0.3166 
'X-RAY DIFFRACTION' 3.87 47.86 . . 156 1621 99.78 . . . . 0.1994 . . . . . . . . . . . 0.2564 
# 
_struct.entry_id                     8FVT 
_struct.title                        'Multi-state design of two-state switchable hinge proteins' 
_struct.pdbx_model_details           ? 
_struct.pdbx_formula_weight          ? 
_struct.pdbx_formula_weight_method   ? 
_struct.pdbx_model_type_details      ? 
_struct.pdbx_CASP_flag               N 
# 
_struct_keywords.entry_id        8FVT 
_struct_keywords.text            
'De novo protein, Metamorphic proteins, switchable hinge proteins, protein dynamics, three-helix bundles' 
_struct_keywords.pdbx_keywords   'DE NOVO PROTEIN' 
# 
loop_
_struct_asym.id 
_struct_asym.pdbx_blank_PDB_chainid_flag 
_struct_asym.pdbx_modified 
_struct_asym.entity_id 
_struct_asym.details 
A N N 1 ? 
B N N 1 ? 
# 
_struct_ref.id                         1 
_struct_ref.db_name                    PDB 
_struct_ref.db_code                    8FVT 
_struct_ref.pdbx_db_accession          8FVT 
_struct_ref.pdbx_db_isoform            ? 
_struct_ref.entity_id                  1 
_struct_ref.pdbx_seq_one_letter_code   ? 
_struct_ref.pdbx_align_begin           1 
# 
loop_
_struct_ref_seq.align_id 
_struct_ref_seq.ref_id 
_struct_ref_seq.pdbx_PDB_id_code 
_struct_ref_seq.pdbx_strand_id 
_struct_ref_seq.seq_align_beg 
_struct_ref_seq.pdbx_seq_align_beg_ins_code 
_struct_ref_seq.seq_align_end 
_struct_ref_seq.pdbx_seq_align_end_ins_code 
_struct_ref_seq.pdbx_db_accession 
_struct_ref_seq.db_align_beg 
_struct_ref_seq.pdbx_db_align_beg_ins_code 
_struct_ref_seq.db_align_end 
_struct_ref_seq.pdbx_db_align_end_ins_code 
_struct_ref_seq.pdbx_auth_seq_align_beg 
_struct_ref_seq.pdbx_auth_seq_align_end 
1 1 8FVT A 1 ? 100 ? 8FVT 1 ? 100 ? 1 100 
2 1 8FVT B 1 ? 100 ? 8FVT 1 ? 100 ? 1 100 
# 
_pdbx_struct_assembly.id                   1 
_pdbx_struct_assembly.details              author_defined_assembly 
_pdbx_struct_assembly.method_details       ? 
_pdbx_struct_assembly.oligomeric_details   dimeric 
_pdbx_struct_assembly.oligomeric_count     2 
# 
_pdbx_struct_assembly_gen.assembly_id       1 
_pdbx_struct_assembly_gen.oper_expression   1 
_pdbx_struct_assembly_gen.asym_id_list      A,B 
# 
_pdbx_struct_assembly_auth_evidence.id                     1 
_pdbx_struct_assembly_auth_evidence.assembly_id            1 
_pdbx_struct_assembly_auth_evidence.experimental_support   SAXS 
_pdbx_struct_assembly_auth_evidence.details                ? 
# 
_pdbx_struct_oper_list.id                   1 
_pdbx_struct_oper_list.type                 'identity operation' 
_pdbx_struct_oper_list.name                 1_555 
_pdbx_struct_oper_list.symmetry_operation   x,y,z 
_pdbx_struct_oper_list.matrix[1][1]         1.0000000000 
_pdbx_struct_oper_list.matrix[1][2]         0.0000000000 
_pdbx_struct_oper_list.matrix[1][3]         0.0000000000 
_pdbx_struct_oper_list.vector[1]            0.0000000000 
_pdbx_struct_oper_list.matrix[2][1]         0.0000000000 
_pdbx_struct_oper_list.matrix[2][2]         1.0000000000 
_pdbx_struct_oper_list.matrix[2][3]         0.0000000000 
_pdbx_struct_oper_list.vector[2]            0.0000000000 
_pdbx_struct_oper_list.matrix[3][1]         0.0000000000 
_pdbx_struct_oper_list.matrix[3][2]         0.0000000000 
_pdbx_struct_oper_list.matrix[3][3]         1.0000000000 
_pdbx_struct_oper_list.vector[3]            0.0000000000 
# 
loop_
_struct_conf.conf_type_id 
_struct_conf.id 
_struct_conf.pdbx_PDB_helix_id 
_struct_conf.beg_label_comp_id 
_struct_conf.beg_label_asym_id 
_struct_conf.beg_label_seq_id 
_struct_conf.pdbx_beg_PDB_ins_code 
_struct_conf.end_label_comp_id 
_struct_conf.end_label_asym_id 
_struct_conf.end_label_seq_id 
_struct_conf.pdbx_end_PDB_ins_code 
_struct_conf.beg_auth_comp_id 
_struct_conf.beg_auth_asym_id 
_struct_conf.beg_auth_seq_id 
_struct_conf.end_auth_comp_id 
_struct_conf.end_auth_asym_id 
_struct_conf.end_auth_seq_id 
_struct_conf.pdbx_PDB_helix_class 
_struct_conf.details 
_struct_conf.pdbx_PDB_helix_length 
HELX_P HELX_P1 AA1 LEU A 2  ? GLY A 34 ? LEU A 2  GLY A 34 1 ? 33 
HELX_P HELX_P2 AA2 SER A 37 ? GLU A 68 ? SER A 37 GLU A 68 1 ? 32 
HELX_P HELX_P3 AA3 GLY A 71 ? GLU A 97 ? GLY A 71 GLU A 97 1 ? 27 
HELX_P HELX_P4 AA4 GLU B 3  ? THR B 33 ? GLU B 3  THR B 33 1 ? 31 
HELX_P HELX_P5 AA5 SER B 37 ? SER B 69 ? SER B 37 SER B 69 1 ? 33 
HELX_P HELX_P6 AA6 GLY B 71 ? GLU B 97 ? GLY B 71 GLU B 97 1 ? 27 
# 
_struct_conf_type.id          HELX_P 
_struct_conf_type.criteria    ? 
_struct_conf_type.reference   ? 
# 
loop_
_pdbx_validate_torsion.id 
_pdbx_validate_torsion.PDB_model_num 
_pdbx_validate_torsion.auth_comp_id 
_pdbx_validate_torsion.auth_asym_id 
_pdbx_validate_torsion.auth_seq_id 
_pdbx_validate_torsion.PDB_ins_code 
_pdbx_validate_torsion.label_alt_id 
_pdbx_validate_torsion.phi 
_pdbx_validate_torsion.psi 
1 1 ALA A 36 ? ? -86.72 39.10   
2 1 SER A 37 ? ? -63.60 97.00   
3 1 SER A 69 ? ? 57.15  -106.65 
4 1 THR B 33 ? ? -88.41 -156.65 
# 
loop_
_space_group_symop.id 
_space_group_symop.operation_xyz 
1 x,y,z               
2 -y,x,z              
3 y,-x,z              
4 -x,-y,z             
5 x+1/2,y+1/2,z+1/2   
6 -y+1/2,x+1/2,z+1/2  
7 y+1/2,-x+1/2,z+1/2  
8 -x+1/2,-y+1/2,z+1/2 
# 
loop_
_pdbx_unobs_or_zero_occ_residues.id 
_pdbx_unobs_or_zero_occ_residues.PDB_model_num 
_pdbx_unobs_or_zero_occ_residues.polymer_flag 
_pdbx_unobs_or_zero_occ_residues.occupancy_flag 
_pdbx_unobs_or_zero_occ_residues.auth_asym_id 
_pdbx_unobs_or_zero_occ_residues.auth_comp_id 
_pdbx_unobs_or_zero_occ_residues.auth_seq_id 
_pdbx_unobs_or_zero_occ_residues.PDB_ins_code 
_pdbx_unobs_or_zero_occ_residues.label_asym_id 
_pdbx_unobs_or_zero_occ_residues.label_comp_id 
_pdbx_unobs_or_zero_occ_residues.label_seq_id 
1 1 Y 1 A GLY 1   ? A GLY 1   
2 1 Y 1 A ALA 98  ? A ALA 98  
3 1 Y 1 A SER 99  ? A SER 99  
4 1 Y 1 A GLU 100 ? A GLU 100 
5 1 Y 1 B GLY 1   ? B GLY 1   
6 1 Y 1 B ALA 98  ? B ALA 98  
7 1 Y 1 B SER 99  ? B SER 99  
8 1 Y 1 B GLU 100 ? B GLU 100 
# 
loop_
_chem_comp_atom.comp_id 
_chem_comp_atom.atom_id 
_chem_comp_atom.type_symbol 
_chem_comp_atom.pdbx_aromatic_flag 
_chem_comp_atom.pdbx_stereo_config 
_chem_comp_atom.pdbx_ordinal 
ALA N    N N N 1   
ALA CA   C N S 2   
ALA C    C N N 3   
ALA O    O N N 4   
ALA CB   C N N 5   
ALA OXT  O N N 6   
ALA H    H N N 7   
ALA H2   H N N 8   
ALA HA   H N N 9   
ALA HB1  H N N 10  
ALA HB2  H N N 11  
ALA HB3  H N N 12  
ALA HXT  H N N 13  
ARG N    N N N 14  
ARG CA   C N S 15  
ARG C    C N N 16  
ARG O    O N N 17  
ARG CB   C N N 18  
ARG CG   C N N 19  
ARG CD   C N N 20  
ARG NE   N N N 21  
ARG CZ   C N N 22  
ARG NH1  N N N 23  
ARG NH2  N N N 24  
ARG OXT  O N N 25  
ARG H    H N N 26  
ARG H2   H N N 27  
ARG HA   H N N 28  
ARG HB2  H N N 29  
ARG HB3  H N N 30  
ARG HG2  H N N 31  
ARG HG3  H N N 32  
ARG HD2  H N N 33  
ARG HD3  H N N 34  
ARG HE   H N N 35  
ARG HH11 H N N 36  
ARG HH12 H N N 37  
ARG HH21 H N N 38  
ARG HH22 H N N 39  
ARG HXT  H N N 40  
GLU N    N N N 41  
GLU CA   C N S 42  
GLU C    C N N 43  
GLU O    O N N 44  
GLU CB   C N N 45  
GLU CG   C N N 46  
GLU CD   C N N 47  
GLU OE1  O N N 48  
GLU OE2  O N N 49  
GLU OXT  O N N 50  
GLU H    H N N 51  
GLU H2   H N N 52  
GLU HA   H N N 53  
GLU HB2  H N N 54  
GLU HB3  H N N 55  
GLU HG2  H N N 56  
GLU HG3  H N N 57  
GLU HE2  H N N 58  
GLU HXT  H N N 59  
GLY N    N N N 60  
GLY CA   C N N 61  
GLY C    C N N 62  
GLY O    O N N 63  
GLY OXT  O N N 64  
GLY H    H N N 65  
GLY H2   H N N 66  
GLY HA2  H N N 67  
GLY HA3  H N N 68  
GLY HXT  H N N 69  
HIS N    N N N 70  
HIS CA   C N S 71  
HIS C    C N N 72  
HIS O    O N N 73  
HIS CB   C N N 74  
HIS CG   C Y N 75  
HIS ND1  N Y N 76  
HIS CD2  C Y N 77  
HIS CE1  C Y N 78  
HIS NE2  N Y N 79  
HIS OXT  O N N 80  
HIS H    H N N 81  
HIS H2   H N N 82  
HIS HA   H N N 83  
HIS HB2  H N N 84  
HIS HB3  H N N 85  
HIS HD1  H N N 86  
HIS HD2  H N N 87  
HIS HE1  H N N 88  
HIS HE2  H N N 89  
HIS HXT  H N N 90  
LEU N    N N N 91  
LEU CA   C N S 92  
LEU C    C N N 93  
LEU O    O N N 94  
LEU CB   C N N 95  
LEU CG   C N N 96  
LEU CD1  C N N 97  
LEU CD2  C N N 98  
LEU OXT  O N N 99  
LEU H    H N N 100 
LEU H2   H N N 101 
LEU HA   H N N 102 
LEU HB2  H N N 103 
LEU HB3  H N N 104 
LEU HG   H N N 105 
LEU HD11 H N N 106 
LEU HD12 H N N 107 
LEU HD13 H N N 108 
LEU HD21 H N N 109 
LEU HD22 H N N 110 
LEU HD23 H N N 111 
LEU HXT  H N N 112 
LYS N    N N N 113 
LYS CA   C N S 114 
LYS C    C N N 115 
LYS O    O N N 116 
LYS CB   C N N 117 
LYS CG   C N N 118 
LYS CD   C N N 119 
LYS CE   C N N 120 
LYS NZ   N N N 121 
LYS OXT  O N N 122 
LYS H    H N N 123 
LYS H2   H N N 124 
LYS HA   H N N 125 
LYS HB2  H N N 126 
LYS HB3  H N N 127 
LYS HG2  H N N 128 
LYS HG3  H N N 129 
LYS HD2  H N N 130 
LYS HD3  H N N 131 
LYS HE2  H N N 132 
LYS HE3  H N N 133 
LYS HZ1  H N N 134 
LYS HZ2  H N N 135 
LYS HZ3  H N N 136 
LYS HXT  H N N 137 
SER N    N N N 138 
SER CA   C N S 139 
SER C    C N N 140 
SER O    O N N 141 
SER CB   C N N 142 
SER OG   O N N 143 
SER OXT  O N N 144 
SER H    H N N 145 
SER H2   H N N 146 
SER HA   H N N 147 
SER HB2  H N N 148 
SER HB3  H N N 149 
SER HG   H N N 150 
SER HXT  H N N 151 
THR N    N N N 152 
THR CA   C N S 153 
THR C    C N N 154 
THR O    O N N 155 
THR CB   C N R 156 
THR OG1  O N N 157 
THR CG2  C N N 158 
THR OXT  O N N 159 
THR H    H N N 160 
THR H2   H N N 161 
THR HA   H N N 162 
THR HB   H N N 163 
THR HG1  H N N 164 
THR HG21 H N N 165 
THR HG22 H N N 166 
THR HG23 H N N 167 
THR HXT  H N N 168 
VAL N    N N N 169 
VAL CA   C N S 170 
VAL C    C N N 171 
VAL O    O N N 172 
VAL CB   C N N 173 
VAL CG1  C N N 174 
VAL CG2  C N N 175 
VAL OXT  O N N 176 
VAL H    H N N 177 
VAL H2   H N N 178 
VAL HA   H N N 179 
VAL HB   H N N 180 
VAL HG11 H N N 181 
VAL HG12 H N N 182 
VAL HG13 H N N 183 
VAL HG21 H N N 184 
VAL HG22 H N N 185 
VAL HG23 H N N 186 
VAL HXT  H N N 187 
# 
loop_
_chem_comp_bond.comp_id 
_chem_comp_bond.atom_id_1 
_chem_comp_bond.atom_id_2 
_chem_comp_bond.value_order 
_chem_comp_bond.pdbx_aromatic_flag 
_chem_comp_bond.pdbx_stereo_config 
_chem_comp_bond.pdbx_ordinal 
ALA N   CA   sing N N 1   
ALA N   H    sing N N 2   
ALA N   H2   sing N N 3   
ALA CA  C    sing N N 4   
ALA CA  CB   sing N N 5   
ALA CA  HA   sing N N 6   
ALA C   O    doub N N 7   
ALA C   OXT  sing N N 8   
ALA CB  HB1  sing N N 9   
ALA CB  HB2  sing N N 10  
ALA CB  HB3  sing N N 11  
ALA OXT HXT  sing N N 12  
ARG N   CA   sing N N 13  
ARG N   H    sing N N 14  
ARG N   H2   sing N N 15  
ARG CA  C    sing N N 16  
ARG CA  CB   sing N N 17  
ARG CA  HA   sing N N 18  
ARG C   O    doub N N 19  
ARG C   OXT  sing N N 20  
ARG CB  CG   sing N N 21  
ARG CB  HB2  sing N N 22  
ARG CB  HB3  sing N N 23  
ARG CG  CD   sing N N 24  
ARG CG  HG2  sing N N 25  
ARG CG  HG3  sing N N 26  
ARG CD  NE   sing N N 27  
ARG CD  HD2  sing N N 28  
ARG CD  HD3  sing N N 29  
ARG NE  CZ   sing N N 30  
ARG NE  HE   sing N N 31  
ARG CZ  NH1  sing N N 32  
ARG CZ  NH2  doub N N 33  
ARG NH1 HH11 sing N N 34  
ARG NH1 HH12 sing N N 35  
ARG NH2 HH21 sing N N 36  
ARG NH2 HH22 sing N N 37  
ARG OXT HXT  sing N N 38  
GLU N   CA   sing N N 39  
GLU N   H    sing N N 40  
GLU N   H2   sing N N 41  
GLU CA  C    sing N N 42  
GLU CA  CB   sing N N 43  
GLU CA  HA   sing N N 44  
GLU C   O    doub N N 45  
GLU C   OXT  sing N N 46  
GLU CB  CG   sing N N 47  
GLU CB  HB2  sing N N 48  
GLU CB  HB3  sing N N 49  
GLU CG  CD   sing N N 50  
GLU CG  HG2  sing N N 51  
GLU CG  HG3  sing N N 52  
GLU CD  OE1  doub N N 53  
GLU CD  OE2  sing N N 54  
GLU OE2 HE2  sing N N 55  
GLU OXT HXT  sing N N 56  
GLY N   CA   sing N N 57  
GLY N   H    sing N N 58  
GLY N   H2   sing N N 59  
GLY CA  C    sing N N 60  
GLY CA  HA2  sing N N 61  
GLY CA  HA3  sing N N 62  
GLY C   O    doub N N 63  
GLY C   OXT  sing N N 64  
GLY OXT HXT  sing N N 65  
HIS N   CA   sing N N 66  
HIS N   H    sing N N 67  
HIS N   H2   sing N N 68  
HIS CA  C    sing N N 69  
HIS CA  CB   sing N N 70  
HIS CA  HA   sing N N 71  
HIS C   O    doub N N 72  
HIS C   OXT  sing N N 73  
HIS CB  CG   sing N N 74  
HIS CB  HB2  sing N N 75  
HIS CB  HB3  sing N N 76  
HIS CG  ND1  sing Y N 77  
HIS CG  CD2  doub Y N 78  
HIS ND1 CE1  doub Y N 79  
HIS ND1 HD1  sing N N 80  
HIS CD2 NE2  sing Y N 81  
HIS CD2 HD2  sing N N 82  
HIS CE1 NE2  sing Y N 83  
HIS CE1 HE1  sing N N 84  
HIS NE2 HE2  sing N N 85  
HIS OXT HXT  sing N N 86  
LEU N   CA   sing N N 87  
LEU N   H    sing N N 88  
LEU N   H2   sing N N 89  
LEU CA  C    sing N N 90  
LEU CA  CB   sing N N 91  
LEU CA  HA   sing N N 92  
LEU C   O    doub N N 93  
LEU C   OXT  sing N N 94  
LEU CB  CG   sing N N 95  
LEU CB  HB2  sing N N 96  
LEU CB  HB3  sing N N 97  
LEU CG  CD1  sing N N 98  
LEU CG  CD2  sing N N 99  
LEU CG  HG   sing N N 100 
LEU CD1 HD11 sing N N 101 
LEU CD1 HD12 sing N N 102 
LEU CD1 HD13 sing N N 103 
LEU CD2 HD21 sing N N 104 
LEU CD2 HD22 sing N N 105 
LEU CD2 HD23 sing N N 106 
LEU OXT HXT  sing N N 107 
LYS N   CA   sing N N 108 
LYS N   H    sing N N 109 
LYS N   H2   sing N N 110 
LYS CA  C    sing N N 111 
LYS CA  CB   sing N N 112 
LYS CA  HA   sing N N 113 
LYS C   O    doub N N 114 
LYS C   OXT  sing N N 115 
LYS CB  CG   sing N N 116 
LYS CB  HB2  sing N N 117 
LYS CB  HB3  sing N N 118 
LYS CG  CD   sing N N 119 
LYS CG  HG2  sing N N 120 
LYS CG  HG3  sing N N 121 
LYS CD  CE   sing N N 122 
LYS CD  HD2  sing N N 123 
LYS CD  HD3  sing N N 124 
LYS CE  NZ   sing N N 125 
LYS CE  HE2  sing N N 126 
LYS CE  HE3  sing N N 127 
LYS NZ  HZ1  sing N N 128 
LYS NZ  HZ2  sing N N 129 
LYS NZ  HZ3  sing N N 130 
LYS OXT HXT  sing N N 131 
SER N   CA   sing N N 132 
SER N   H    sing N N 133 
SER N   H2   sing N N 134 
SER CA  C    sing N N 135 
SER CA  CB   sing N N 136 
SER CA  HA   sing N N 137 
SER C   O    doub N N 138 
SER C   OXT  sing N N 139 
SER CB  OG   sing N N 140 
SER CB  HB2  sing N N 141 
SER CB  HB3  sing N N 142 
SER OG  HG   sing N N 143 
SER OXT HXT  sing N N 144 
THR N   CA   sing N N 145 
THR N   H    sing N N 146 
THR N   H2   sing N N 147 
THR CA  C    sing N N 148 
THR CA  CB   sing N N 149 
THR CA  HA   sing N N 150 
THR C   O    doub N N 151 
THR C   OXT  sing N N 152 
THR CB  OG1  sing N N 153 
THR CB  CG2  sing N N 154 
THR CB  HB   sing N N 155 
THR OG1 HG1  sing N N 156 
THR CG2 HG21 sing N N 157 
THR CG2 HG22 sing N N 158 
THR CG2 HG23 sing N N 159 
THR OXT HXT  sing N N 160 
VAL N   CA   sing N N 161 
VAL N   H    sing N N 162 
VAL N   H2   sing N N 163 
VAL CA  C    sing N N 164 
VAL CA  CB   sing N N 165 
VAL CA  HA   sing N N 166 
VAL C   O    doub N N 167 
VAL C   OXT  sing N N 168 
VAL CB  CG1  sing N N 169 
VAL CB  CG2  sing N N 170 
VAL CB  HB   sing N N 171 
VAL CG1 HG11 sing N N 172 
VAL CG1 HG12 sing N N 173 
VAL CG1 HG13 sing N N 174 
VAL CG2 HG21 sing N N 175 
VAL CG2 HG22 sing N N 176 
VAL CG2 HG23 sing N N 177 
VAL OXT HXT  sing N N 178 
# 
_pdbx_audit_support.funding_organization   'Howard Hughes Medical Institute (HHMI)' 
_pdbx_audit_support.country                'United States' 
_pdbx_audit_support.grant_number           ? 
_pdbx_audit_support.ordinal                1 
# 
_pdbx_initial_refinement_model.id               1 
_pdbx_initial_refinement_model.entity_id_list   ? 
_pdbx_initial_refinement_model.type             'in silico model' 
_pdbx_initial_refinement_model.source_name      Other 
_pdbx_initial_refinement_model.accession_code   ? 
_pdbx_initial_refinement_model.details          'De novo Designed Model' 
# 
_space_group.name_H-M_alt     'I 4' 
_space_group.name_Hall        'I 4' 
_space_group.IT_number        79 
_space_group.crystal_system   tetragonal 
_space_group.id               1 
# 
_atom_sites.entry_id                    8FVT 
_atom_sites.Cartn_transf_matrix[1][1]   ? 
_atom_sites.Cartn_transf_matrix[1][2]   ? 
_atom_sites.Cartn_transf_matrix[1][3]   ? 
_atom_sites.Cartn_transf_matrix[2][1]   ? 
_atom_sites.Cartn_transf_matrix[2][2]   ? 
_atom_sites.Cartn_transf_matrix[2][3]   ? 
_atom_sites.Cartn_transf_matrix[3][1]   ? 
_atom_sites.Cartn_transf_matrix[3][2]   ? 
_atom_sites.Cartn_transf_matrix[3][3]   ? 
_atom_sites.Cartn_transf_vector[1]      ? 
_atom_sites.Cartn_transf_vector[2]      ? 
_atom_sites.Cartn_transf_vector[3]      ? 
_atom_sites.fract_transf_matrix[1][1]   -0.00755409 
_atom_sites.fract_transf_matrix[1][2]   -0.00287493 
_atom_sites.fract_transf_matrix[1][3]   0.01236935 
_atom_sites.fract_transf_matrix[2][1]   0.01045834 
_atom_sites.fract_transf_matrix[2][2]   -0.00957233 
_atom_sites.fract_transf_matrix[2][3]   0.00416219 
_atom_sites.fract_transf_matrix[3][1]   0.00591833 
_atom_sites.fract_transf_matrix[3][2]   0.00894134 
_atom_sites.fract_transf_matrix[3][3]   0.00569257 
_atom_sites.fract_transf_vector[1]      0.113072 
_atom_sites.fract_transf_vector[2]      -0.426250 
_atom_sites.fract_transf_vector[3]      -0.129725 
_atom_sites.solution_primary            ? 
_atom_sites.solution_secondary          ? 
_atom_sites.solution_hydrogens          ? 
_atom_sites.special_details             ? 
# 
loop_
_atom_type.symbol 
_atom_type.scat_dispersion_real 
_atom_type.scat_dispersion_imag 
_atom_type.scat_Cromer_Mann_a1 
_atom_type.scat_Cromer_Mann_a2 
_atom_type.scat_Cromer_Mann_a3 
_atom_type.scat_Cromer_Mann_a4 
_atom_type.scat_Cromer_Mann_b1 
_atom_type.scat_Cromer_Mann_b2 
_atom_type.scat_Cromer_Mann_b3 
_atom_type.scat_Cromer_Mann_b4 
_atom_type.scat_Cromer_Mann_c 
_atom_type.scat_source 
_atom_type.scat_dispersion_source 
C ? ? 3.54356 2.42580 ? ? 25.62398 1.50364 ? ? 0.0 
;2-Gaussian fit: Grosse-Kunstleve RW, Sauter NK, Adams PD: Newsletter of the IUCr Commission on Crystallographic Computing 2004, 3, 22-31.
;
? 
N ? ? 6.96715 ?       ? ? 11.43723 ?       ? ? 0.0 
;1-Gaussian fit: Grosse-Kunstleve RW, Sauter NK, Adams PD: Newsletter of the IUCr Commission on Crystallographic Computing 2004, 3, 22-31.
;
? 
O ? ? 7.96527 ?       ? ? 9.05267  ?       ? ? 0.0 
;1-Gaussian fit: Grosse-Kunstleve RW, Sauter NK, Adams PD: Newsletter of the IUCr Commission on Crystallographic Computing 2004, 3, 22-31.
;
? 
# 
loop_
_atom_site.group_PDB 
_atom_site.id 
_atom_site.type_symbol 
_atom_site.label_atom_id 
_atom_site.label_alt_id 
_atom_site.label_comp_id 
_atom_site.label_asym_id 
_atom_site.label_entity_id 
_atom_site.label_seq_id 
_atom_site.pdbx_PDB_ins_code 
_atom_site.Cartn_x 
_atom_site.Cartn_y 
_atom_site.Cartn_z 
_atom_site.occupancy 
_atom_site.B_iso_or_equiv 
_atom_site.pdbx_formal_charge 
_atom_site.auth_seq_id 
_atom_site.auth_comp_id 
_atom_site.auth_asym_id 
_atom_site.auth_atom_id 
_atom_site.pdbx_PDB_model_num 
ATOM 1    N N   . LEU A 1 2  ? -18.37115 11.32921  10.77551  1.000 86.03518  ? 2  LEU A N   1 
ATOM 2    C CA  . LEU A 1 2  ? -17.01632 11.06566  11.24457  1.000 88.60893  ? 2  LEU A CA  1 
ATOM 3    C C   . LEU A 1 2  ? -16.35223 9.88554   10.54490  1.000 91.92960  ? 2  LEU A C   1 
ATOM 4    O O   . LEU A 1 2  ? -15.13716 9.89796   10.34215  1.000 101.17931 ? 2  LEU A O   1 
ATOM 5    C CB  . LEU A 1 2  ? -17.00571 10.81028  12.74913  1.000 84.03574  ? 2  LEU A CB  1 
ATOM 6    C CG  . LEU A 1 2  ? -17.78837 9.61065   13.27800  1.000 99.45986  ? 2  LEU A CG  1 
ATOM 7    C CD1 . LEU A 1 2  ? -16.88789 8.38774   13.41071  1.000 121.69890 ? 2  LEU A CD1 1 
ATOM 8    C CD2 . LEU A 1 2  ? -18.38837 9.97936   14.61133  1.000 88.84442  ? 2  LEU A CD2 1 
ATOM 9    N N   . GLU A 1 3  ? -17.12832 8.84355   10.22979  1.000 96.07240  ? 3  GLU A N   1 
ATOM 10   C CA  . GLU A 1 3  ? -16.58169 7.73190   9.46093   1.000 95.19357  ? 3  GLU A CA  1 
ATOM 11   C C   . GLU A 1 3  ? -16.10442 8.19321   8.09606   1.000 100.03705 ? 3  GLU A C   1 
ATOM 12   O O   . GLU A 1 3  ? -15.17254 7.60832   7.53382   1.000 101.83987 ? 3  GLU A O   1 
ATOM 13   C CB  . GLU A 1 3  ? -17.62774 6.63351   9.30176   1.000 102.09484 ? 3  GLU A CB  1 
ATOM 14   C CG  . GLU A 1 3  ? -18.16748 6.05789   10.60417  1.000 113.39217 ? 3  GLU A CG  1 
ATOM 15   C CD  . GLU A 1 3  ? -19.67595 5.90705   10.57121  1.000 126.15735 ? 3  GLU A CD  1 
ATOM 16   O OE1 . GLU A 1 3  ? -20.27507 5.62247   11.62565  1.000 128.37905 ? 3  GLU A OE1 1 
ATOM 17   O OE2 . GLU A 1 3  ? -20.27048 6.11071   9.49185   1.000 120.83728 ? 3  GLU A OE2 1 
ATOM 18   N N   . GLU A 1 4  ? -16.72739 9.24102   7.55194   1.000 99.45664  ? 4  GLU A N   1 
ATOM 19   C CA  . GLU A 1 4  ? -16.25943 9.80213   6.29082   1.000 95.68318  ? 4  GLU A CA  1 
ATOM 20   C C   . GLU A 1 4  ? -14.94110 10.54224  6.47685   1.000 93.13842  ? 4  GLU A C   1 
ATOM 21   O O   . GLU A 1 4  ? -14.09538 10.54723  5.57560   1.000 95.93403  ? 4  GLU A O   1 
ATOM 22   C CB  . GLU A 1 4  ? -17.31986 10.73047  5.69446   1.000 104.55638 ? 4  GLU A CB  1 
ATOM 23   C CG  . GLU A 1 4  ? -18.58706 10.02640  5.20453   1.000 110.50757 ? 4  GLU A CG  1 
ATOM 24   C CD  . GLU A 1 4  ? -18.32732 9.07571   4.04651   1.000 117.25139 ? 4  GLU A CD  1 
ATOM 25   O OE1 . GLU A 1 4  ? -17.67729 9.49406   3.06416   1.000 130.69905 ? 4  GLU A OE1 1 
ATOM 26   O OE2 . GLU A 1 4  ? -18.80297 7.92199   4.10084   1.000 117.70889 ? 4  GLU A OE2 1 
ATOM 27   N N   . GLU A 1 5  ? -14.74492 11.17731  7.63529   1.000 86.25813  ? 5  GLU A N   1 
ATOM 28   C CA  . GLU A 1 5  ? -13.46386 11.82447  7.89803   1.000 81.48286  ? 5  GLU A CA  1 
ATOM 29   C C   . GLU A 1 5  ? -12.36389 10.78805  8.07233   1.000 93.62527  ? 5  GLU A C   1 
ATOM 30   O O   . GLU A 1 5  ? -11.22972 10.98942  7.62132   1.000 101.62273 ? 5  GLU A O   1 
ATOM 31   C CB  . GLU A 1 5  ? -13.56819 12.71372  9.13365   1.000 77.52543  ? 5  GLU A CB  1 
ATOM 32   C CG  . GLU A 1 5  ? -14.47946 13.90907  8.93244   1.000 93.40964  ? 5  GLU A CG  1 
ATOM 33   C CD  . GLU A 1 5  ? -14.72919 14.67161  10.21121  1.000 95.67909  ? 5  GLU A CD  1 
ATOM 34   O OE1 . GLU A 1 5  ? -13.74205 15.05600  10.87027  1.000 92.98012  ? 5  GLU A OE1 1 
ATOM 35   O OE2 . GLU A 1 5  ? -15.91133 14.87905  10.56000  1.000 101.01504 ? 5  GLU A OE2 1 
ATOM 36   N N   . ALA A 1 6  ? -12.68901 9.66076   8.71171   1.000 96.78569  ? 6  ALA A N   1 
ATOM 37   C CA  . ALA A 1 6  ? -11.72308 8.57746   8.85356   1.000 91.87736  ? 6  ALA A CA  1 
ATOM 38   C C   . ALA A 1 6  ? -11.41140 7.92551   7.51259   1.000 96.01563  ? 6  ALA A C   1 
ATOM 39   O O   . ALA A 1 6  ? -10.28709 7.45600   7.30210   1.000 95.24871  ? 6  ALA A O   1 
ATOM 40   C CB  . ALA A 1 6  ? -12.24249 7.53496   9.84467   1.000 90.66515  ? 6  ALA A CB  1 
ATOM 41   N N   . ARG A 1 7  ? -12.38968 7.88534   6.60093   1.000 99.93501  ? 7  ARG A N   1 
ATOM 42   C CA  . ARG A 1 7  ? -12.15188 7.34134   5.26593   1.000 99.76270  ? 7  ARG A CA  1 
ATOM 43   C C   . ARG A 1 7  ? -11.18984 8.22243   4.47377   1.000 93.51932  ? 7  ARG A C   1 
ATOM 44   O O   . ARG A 1 7  ? -10.34635 7.71273   3.72576   1.000 93.63968  ? 7  ARG A O   1 
ATOM 45   C CB  . ARG A 1 7  ? -13.47956 7.18758   4.51561   1.000 105.03660 ? 7  ARG A CB  1 
ATOM 46   C CG  . ARG A 1 7  ? -14.30553 5.92991   4.83277   1.000 103.65466 ? 7  ARG A CG  1 
ATOM 47   C CD  . ARG A 1 7  ? -13.66004 4.62689   4.35752   1.000 110.61650 ? 7  ARG A CD  1 
ATOM 48   N NE  . ARG A 1 7  ? -12.66077 4.10924   5.28515   1.000 116.40364 ? 7  ARG A NE  1 
ATOM 49   C CZ  . ARG A 1 7  ? -11.90602 3.04239   5.05605   1.000 110.75400 ? 7  ARG A CZ  1 
ATOM 50   N NH1 . ARG A 1 7  ? -12.02830 2.33370   3.94390   1.000 96.65080  ? 7  ARG A NH1 1 
ATOM 51   N NH2 . ARG A 1 7  ? -11.00885 2.67493   5.96721   1.000 101.53320 ? 7  ARG A NH2 1 
ATOM 52   N N   . GLU A 1 8  ? -11.30422 9.54747   4.61418   1.000 89.08118  ? 8  GLU A N   1 
ATOM 53   C CA  . GLU A 1 8  ? -10.36595 10.43414  3.93270   1.000 88.99595  ? 8  GLU A CA  1 
ATOM 54   C C   . GLU A 1 8  ? -8.99143  10.39723  4.58678   1.000 81.23151  ? 8  GLU A C   1 
ATOM 55   O O   . GLU A 1 8  ? -7.97693  10.55889  3.89915   1.000 86.36373  ? 8  GLU A O   1 
ATOM 56   C CB  . GLU A 1 8  ? -10.89962 11.86878  3.90062   1.000 94.40228  ? 8  GLU A CB  1 
ATOM 57   C CG  . GLU A 1 8  ? -12.20994 12.04223  3.13854   1.000 97.16001  ? 8  GLU A CG  1 
ATOM 58   C CD  . GLU A 1 8  ? -12.80496 13.43354  3.29513   1.000 105.02939 ? 8  GLU A CD  1 
ATOM 59   O OE1 . GLU A 1 8  ? -12.14854 14.30511  3.90479   1.000 103.47334 ? 8  GLU A OE1 1 
ATOM 60   O OE2 . GLU A 1 8  ? -13.93692 13.65327  2.81587   1.000 102.87786 ? 8  GLU A OE2 1 
ATOM 61   N N   . LEU A 1 9  ? -8.93530  10.19182  5.90567   1.000 74.75557  ? 9  LEU A N   1 
ATOM 62   C CA  . LEU A 1 9  ? -7.64748  10.00093  6.56421   1.000 67.02071  ? 9  LEU A CA  1 
ATOM 63   C C   . LEU A 1 9  ? -6.97841  8.71674   6.09568   1.000 68.60927  ? 9  LEU A C   1 
ATOM 64   O O   . LEU A 1 9  ? -5.78372  8.71194   5.77966   1.000 77.41692  ? 9  LEU A O   1 
ATOM 65   C CB  . LEU A 1 9  ? -7.82043  9.99275   8.08420   1.000 68.02847  ? 9  LEU A CB  1 
ATOM 66   C CG  . LEU A 1 9  ? -7.60013  11.31668  8.82156   1.000 74.23650  ? 9  LEU A CG  1 
ATOM 67   C CD1 . LEU A 1 9  ? -7.68124  11.12783  10.32947  1.000 74.71357  ? 9  LEU A CD1 1 
ATOM 68   C CD2 . LEU A 1 9  ? -6.25809  11.91484  8.43486   1.000 77.67236  ? 9  LEU A CD2 1 
ATOM 69   N N   . ALA A 1 10 ? -7.73409  7.61843   6.03688   1.000 71.61043  ? 10 ALA A N   1 
ATOM 70   C CA  . ALA A 1 10 ? -7.16482  6.34902   5.59589   1.000 68.90555  ? 10 ALA A CA  1 
ATOM 71   C C   . ALA A 1 10 ? -6.67938  6.43197   4.15439   1.000 68.04071  ? 10 ALA A C   1 
ATOM 72   O O   . ALA A 1 10 ? -5.54057  6.06003   3.85265   1.000 71.25873  ? 10 ALA A O   1 
ATOM 73   C CB  . ALA A 1 10 ? -8.19151  5.22844   5.75461   1.000 78.17229  ? 10 ALA A CB  1 
ATOM 74   N N   . GLU A 1 11 ? -7.52662  6.92870   3.25031   1.000 71.18480  ? 11 GLU A N   1 
ATOM 75   C CA  . GLU A 1 11 ? -7.14832  6.98123   1.84241   1.000 69.12564  ? 11 GLU A CA  1 
ATOM 76   C C   . GLU A 1 11 ? -5.92605  7.86627   1.63086   1.000 73.28560  ? 11 GLU A C   1 
ATOM 77   O O   . GLU A 1 11 ? -5.06629  7.56021   0.79645   1.000 79.03364  ? 11 GLU A O   1 
ATOM 78   C CB  . GLU A 1 11 ? -8.32443  7.46955   0.99826   1.000 67.18129  ? 11 GLU A CB  1 
ATOM 79   C CG  . GLU A 1 11 ? -8.16891  7.13900   -0.47101  1.000 84.61276  ? 11 GLU A CG  1 
ATOM 80   C CD  . GLU A 1 11 ? -7.91858  5.65979   -0.70007  1.000 86.34724  ? 11 GLU A CD  1 
ATOM 81   O OE1 . GLU A 1 11 ? -8.68388  4.83592   -0.15608  1.000 82.43310  ? 11 GLU A OE1 1 
ATOM 82   O OE2 . GLU A 1 11 ? -6.94366  5.32035   -1.40476  1.000 78.41747  ? 11 GLU A OE2 1 
ATOM 83   N N   . GLU A 1 12 ? -5.82288  8.96417   2.38451   1.000 75.49512  ? 12 GLU A N   1 
ATOM 84   C CA  . GLU A 1 12 ? -4.62545  9.79616   2.30864   1.000 71.16567  ? 12 GLU A CA  1 
ATOM 85   C C   . GLU A 1 12 ? -3.39731  9.05541   2.82309   1.000 66.83930  ? 12 GLU A C   1 
ATOM 86   O O   . GLU A 1 12 ? -2.29050  9.25351   2.30801   1.000 69.79352  ? 12 GLU A O   1 
ATOM 87   C CB  . GLU A 1 12 ? -4.83364  11.09488  3.09040   1.000 75.85494  ? 12 GLU A CB  1 
ATOM 88   C CG  . GLU A 1 12 ? -3.77467  12.16282  2.82511   1.000 83.43945  ? 12 GLU A CG  1 
ATOM 89   C CD  . GLU A 1 12 ? -4.07922  13.48364  3.51474   1.000 94.54590  ? 12 GLU A CD  1 
ATOM 90   O OE1 . GLU A 1 12 ? -5.18852  13.62742  4.07138   1.000 94.94666  ? 12 GLU A OE1 1 
ATOM 91   O OE2 . GLU A 1 12 ? -3.20706  14.37866  3.50269   1.000 95.06265  ? 12 GLU A OE2 1 
ATOM 92   N N   . ALA A 1 13 ? -3.56890  8.20268   3.83408   1.000 61.99599  ? 13 ALA A N   1 
ATOM 93   C CA  . ALA A 1 13 ? -2.45546  7.38493   4.30075   1.000 61.36934  ? 13 ALA A CA  1 
ATOM 94   C C   . ALA A 1 13 ? -2.02826  6.36545   3.25121   1.000 65.95191  ? 13 ALA A C   1 
ATOM 95   O O   . ALA A 1 13 ? -0.82732  6.13501   3.06639   1.000 67.85279  ? 13 ALA A O   1 
ATOM 96   C CB  . ALA A 1 13 ? -2.82661  6.67935   5.60450   1.000 66.64847  ? 13 ALA A CB  1 
ATOM 97   N N   . ARG A 1 14 ? -2.98823  5.74516   2.55949   1.000 59.82388  ? 14 ARG A N   1 
ATOM 98   C CA  . ARG A 1 14 ? -2.64311  4.82275   1.48162   1.000 62.62588  ? 14 ARG A CA  1 
ATOM 99   C C   . ARG A 1 14 ? -1.78384  5.50816   0.42952   1.000 71.00466  ? 14 ARG A C   1 
ATOM 100  O O   . ARG A 1 14 ? -0.87767  4.89097   -0.14393  1.000 78.04230  ? 14 ARG A O   1 
ATOM 101  C CB  . ARG A 1 14 ? -3.91149  4.26664   0.83981   1.000 69.67721  ? 14 ARG A CB  1 
ATOM 102  C CG  . ARG A 1 14 ? -4.92999  3.77169   1.82720   1.000 76.01850  ? 14 ARG A CG  1 
ATOM 103  C CD  . ARG A 1 14 ? -6.11472  3.14614   1.13053   1.000 74.12047  ? 14 ARG A CD  1 
ATOM 104  N NE  . ARG A 1 14 ? -6.70818  2.10569   1.95512   1.000 77.39322  ? 14 ARG A NE  1 
ATOM 105  C CZ  . ARG A 1 14 ? -7.96324  2.12532   2.37651   1.000 88.74065  ? 14 ARG A CZ  1 
ATOM 106  N NH1 . ARG A 1 14 ? -8.78196  3.11635   2.05997   1.000 87.63856  ? 14 ARG A NH1 1 
ATOM 107  N NH2 . ARG A 1 14 ? -8.40893  1.12683   3.13250   1.000 102.94418 ? 14 ARG A NH2 1 
ATOM 108  N N   . GLU A 1 15 ? -2.05847  6.78515   0.16038   1.000 66.90863  ? 15 GLU A N   1 
ATOM 109  C CA  . GLU A 1 15 ? -1.28321  7.51475   -0.83409  1.000 58.17819  ? 15 GLU A CA  1 
ATOM 110  C C   . GLU A 1 15 ? 0.15653   7.69897   -0.37167  1.000 58.49039  ? 15 GLU A C   1 
ATOM 111  O O   . GLU A 1 15 ? 1.09821   7.35650   -1.09583  1.000 63.32795  ? 15 GLU A O   1 
ATOM 112  C CB  . GLU A 1 15 ? -1.94476  8.86308   -1.12654  1.000 67.18783  ? 15 GLU A CB  1 
ATOM 113  C CG  . GLU A 1 15 ? -3.28253  8.74573   -1.84424  1.000 67.57896  ? 15 GLU A CG  1 
ATOM 114  C CD  . GLU A 1 15 ? -3.95501  10.08726  -2.05921  1.000 68.57382  ? 15 GLU A CD  1 
ATOM 115  O OE1 . GLU A 1 15 ? -3.39244  11.11057  -1.62060  1.000 76.21732  ? 15 GLU A OE1 1 
ATOM 116  O OE2 . GLU A 1 15 ? -5.05091  10.11941  -2.65747  1.000 77.94261  ? 15 GLU A OE2 1 
ATOM 117  N N   . VAL A 1 16 ? 0.34821   8.21588   0.84514   1.000 55.97039  ? 16 VAL A N   1 
ATOM 118  C CA  . VAL A 1 16 ? 1.69931   8.43942   1.34418   1.000 61.95093  ? 16 VAL A CA  1 
ATOM 119  C C   . VAL A 1 16 ? 2.43453   7.12992   1.60797   1.000 65.31725  ? 16 VAL A C   1 
ATOM 120  O O   . VAL A 1 16 ? 3.66673   7.09562   1.52408   1.000 72.85405  ? 16 VAL A O   1 
ATOM 121  C CB  . VAL A 1 16 ? 1.67520   9.33027   2.60239   1.000 58.01954  ? 16 VAL A CB  1 
ATOM 122  C CG1 . VAL A 1 16 ? 1.07574   10.68566  2.27345   1.000 60.53992  ? 16 VAL A CG1 1 
ATOM 123  C CG2 . VAL A 1 16 ? 0.89004   8.67278   3.71248   1.000 66.94577  ? 16 VAL A CG2 1 
ATOM 124  N N   . ARG A 1 17 ? 1.72324   6.04278   1.91471   1.000 60.32651  ? 17 ARG A N   1 
ATOM 125  C CA  . ARG A 1 17 ? 2.39185   4.74879   2.01847   1.000 56.86736  ? 17 ARG A CA  1 
ATOM 126  C C   . ARG A 1 17 ? 2.98227   4.33080   0.68019   1.000 59.18278  ? 17 ARG A C   1 
ATOM 127  O O   . ARG A 1 17 ? 4.18314   4.05514   0.57905   1.000 62.02411  ? 17 ARG A O   1 
ATOM 128  C CB  . ARG A 1 17 ? 1.42466   3.67977   2.52052   1.000 59.48529  ? 17 ARG A CB  1 
ATOM 129  C CG  . ARG A 1 17 ? 2.04337   2.28677   2.60343   1.000 59.26647  ? 17 ARG A CG  1 
ATOM 130  C CD  . ARG A 1 17 ? 1.00206   1.24265   2.96653   1.000 60.80364  ? 17 ARG A CD  1 
ATOM 131  N NE  . ARG A 1 17 ? -0.11600  1.23104   2.02933   1.000 80.10226  ? 17 ARG A NE  1 
ATOM 132  C CZ  . ARG A 1 17 ? -0.08072  0.71793   0.80580   1.000 83.09562  ? 17 ARG A CZ  1 
ATOM 133  N NH1 . ARG A 1 17 ? 0.98567   0.07512   0.35397   1.000 74.34416  ? 17 ARG A NH1 1 
ATOM 134  N NH2 . ARG A 1 17 ? -1.15621  0.82164   0.02856   1.000 75.93545  ? 17 ARG A NH2 1 
ATOM 135  N N   . ARG A 1 18 ? 2.14633   4.27283   -0.35854  1.000 60.19959  ? 18 ARG A N   1 
ATOM 136  C CA  . ARG A 1 18 ? 2.62214   3.84944   -1.67056  1.000 63.34797  ? 18 ARG A CA  1 
ATOM 137  C C   . ARG A 1 18 ? 3.76864   4.73111   -2.14660  1.000 63.91856  ? 18 ARG A C   1 
ATOM 138  O O   . ARG A 1 18 ? 4.78241   4.22833   -2.64410  1.000 69.92443  ? 18 ARG A O   1 
ATOM 139  C CB  . ARG A 1 18 ? 1.46990   3.87057   -2.67636  1.000 65.88839  ? 18 ARG A CB  1 
ATOM 140  C CG  . ARG A 1 18 ? 1.83876   3.37176   -4.05944  1.000 62.07916  ? 18 ARG A CG  1 
ATOM 141  C CD  . ARG A 1 18 ? 2.24005   1.90838   -4.02287  1.000 66.55731  ? 18 ARG A CD  1 
ATOM 142  N NE  . ARG A 1 18 ? 2.76626   1.46659   -5.30828  1.000 70.32043  ? 18 ARG A NE  1 
ATOM 143  C CZ  . ARG A 1 18 ? 3.98150   0.96422   -5.48545  1.000 74.02789  ? 18 ARG A CZ  1 
ATOM 144  N NH1 . ARG A 1 18 ? 4.80849   0.77819   -4.46891  1.000 71.83888  ? 18 ARG A NH1 1 
ATOM 145  N NH2 . ARG A 1 18 ? 4.37785   0.64027   -6.71313  1.000 78.15166  ? 18 ARG A NH2 1 
ATOM 146  N N   . ARG A 1 19 ? 3.63618   6.04997   -1.97822  1.000 63.85219  ? 19 ARG A N   1 
ATOM 147  C CA  . ARG A 1 19 ? 4.70838   6.96276   -2.36427  1.000 61.24450  ? 19 ARG A CA  1 
ATOM 148  C C   . ARG A 1 19 ? 5.97752   6.72325   -1.55626  1.000 65.08553  ? 19 ARG A C   1 
ATOM 149  O O   . ARG A 1 19 ? 7.08265   6.83766   -2.09803  1.000 70.89817  ? 19 ARG A O   1 
ATOM 150  C CB  . ARG A 1 19 ? 4.24230   8.41238   -2.22158  1.000 56.71318  ? 19 ARG A CB  1 
ATOM 151  C CG  . ARG A 1 19 ? 5.23136   9.43261   -2.75543  1.000 52.16588  ? 19 ARG A CG  1 
ATOM 152  C CD  . ARG A 1 19 ? 5.56380   9.15627   -4.20633  1.000 56.87210  ? 19 ARG A CD  1 
ATOM 153  N NE  . ARG A 1 19 ? 6.60812   10.03883  -4.71415  1.000 62.59829  ? 19 ARG A NE  1 
ATOM 154  C CZ  . ARG A 1 19 ? 7.55309   9.67298   -5.57248  1.000 65.78614  ? 19 ARG A CZ  1 
ATOM 155  N NH1 . ARG A 1 19 ? 7.64553   8.42840   -6.01433  1.000 66.58531  ? 19 ARG A NH1 1 
ATOM 156  N NH2 . ARG A 1 19 ? 8.42497   10.58025  -6.00396  1.000 69.80783  ? 19 ARG A NH2 1 
ATOM 157  N N   . ALA A 1 20 ? 5.84781   6.39021   -0.27015  1.000 57.88138  ? 20 ALA A N   1 
ATOM 158  C CA  . ALA A 1 20 ? 7.02302   5.99205   0.49481   1.000 58.63014  ? 20 ALA A CA  1 
ATOM 159  C C   . ALA A 1 20 ? 7.56930   4.66188   0.00640   1.000 63.53778  ? 20 ALA A C   1 
ATOM 160  O O   . ALA A 1 20 ? 8.78923   4.46899   -0.02462  1.000 66.79967  ? 20 ALA A O   1 
ATOM 161  C CB  . ALA A 1 20 ? 6.69002   5.91353   1.98269   1.000 64.77505  ? 20 ALA A CB  1 
ATOM 162  N N   . GLU A 1 21 ? 6.68365   3.73771   -0.37375  1.000 65.99895  ? 21 GLU A N   1 
ATOM 163  C CA  . GLU A 1 21 ? 7.12636   2.48091   -0.96692  1.000 69.15509  ? 21 GLU A CA  1 
ATOM 164  C C   . GLU A 1 21 ? 7.91901   2.72787   -2.24491  1.000 67.39689  ? 21 GLU A C   1 
ATOM 165  O O   . GLU A 1 21 ? 8.95186   2.08930   -2.47646  1.000 72.94505  ? 21 GLU A O   1 
ATOM 166  C CB  . GLU A 1 21 ? 5.91651   1.58214   -1.23308  1.000 66.82453  ? 21 GLU A CB  1 
ATOM 167  C CG  . GLU A 1 21 ? 5.27986   1.02857   0.03414   1.000 66.35725  ? 21 GLU A CG  1 
ATOM 168  C CD  . GLU A 1 21 ? 4.01013   0.23906   -0.22988  1.000 68.39101  ? 21 GLU A CD  1 
ATOM 169  O OE1 . GLU A 1 21 ? 3.50621   0.27272   -1.37400  1.000 65.81710  ? 21 GLU A OE1 1 
ATOM 170  O OE2 . GLU A 1 21 ? 3.51586   -0.41859  0.71172   1.000 72.88298  ? 21 GLU A OE2 1 
ATOM 171  N N   . GLU A 1 22 ? 7.45945   3.66214   -3.08009  1.000 62.97639  ? 22 GLU A N   1 
ATOM 172  C CA  . GLU A 1 22 ? 8.18827   3.98745   -4.30167  1.000 61.29684  ? 22 GLU A CA  1 
ATOM 173  C C   . GLU A 1 22 ? 9.53613   4.61608   -3.98438  1.000 63.84837  ? 22 GLU A C   1 
ATOM 174  O O   . GLU A 1 22 ? 10.55777  4.23585   -4.56395  1.000 70.29900  ? 22 GLU A O   1 
ATOM 175  C CB  . GLU A 1 22 ? 7.35589   4.92159   -5.17409  1.000 62.63305  ? 22 GLU A CB  1 
ATOM 176  C CG  . GLU A 1 22 ? 6.17033   4.24556   -5.82185  1.000 68.46275  ? 22 GLU A CG  1 
ATOM 177  C CD  . GLU A 1 22 ? 5.37998   5.19383   -6.69069  1.000 74.56510  ? 22 GLU A CD  1 
ATOM 178  O OE1 . GLU A 1 22 ? 5.68741   6.40320   -6.67724  1.000 77.32809  ? 22 GLU A OE1 1 
ATOM 179  O OE2 . GLU A 1 22 ? 4.44831   4.73558   -7.38228  1.000 81.90793  ? 22 GLU A OE2 1 
ATOM 180  N N   . LEU A 1 23 ? 9.55586   5.58042   -3.06010  1.000 68.32811  ? 23 LEU A N   1 
ATOM 181  C CA  . LEU A 1 23 ? 10.80221  6.25557   -2.70687  1.000 70.28275  ? 23 LEU A CA  1 
ATOM 182  C C   . LEU A 1 23 ? 11.80943  5.29283   -2.09071  1.000 77.14157  ? 23 LEU A C   1 
ATOM 183  O O   . LEU A 1 23 ? 13.01165  5.38286   -2.36635  1.000 82.55862  ? 23 LEU A O   1 
ATOM 184  C CB  . LEU A 1 23 ? 10.52186  7.41149   -1.74610  1.000 72.35734  ? 23 LEU A CB  1 
ATOM 185  C CG  . LEU A 1 23 ? 9.87357   8.67137   -2.31840  1.000 75.03097  ? 23 LEU A CG  1 
ATOM 186  C CD1 . LEU A 1 23 ? 9.90071   9.79335   -1.29252  1.000 67.17452  ? 23 LEU A CD1 1 
ATOM 187  C CD2 . LEU A 1 23 ? 10.59976  9.09792   -3.58026  1.000 81.33467  ? 23 LEU A CD2 1 
ATOM 188  N N   . ARG A 1 24 ? 11.34250  4.37345   -1.24314  1.000 75.96794  ? 24 ARG A N   1 
ATOM 189  C CA  . ARG A 1 24 ? 12.25381  3.42275   -0.61368  1.000 77.75841  ? 24 ARG A CA  1 
ATOM 190  C C   . ARG A 1 24 ? 12.93902  2.54702   -1.65835  1.000 86.40290  ? 24 ARG A C   1 
ATOM 191  O O   . ARG A 1 24 ? 14.16123  2.35571   -1.61777  1.000 92.06124  ? 24 ARG A O   1 
ATOM 192  C CB  . ARG A 1 24 ? 11.48810  2.57065   0.39934   1.000 78.13997  ? 24 ARG A CB  1 
ATOM 193  C CG  . ARG A 1 24 ? 12.30379  1.48389   1.06815   1.000 81.62850  ? 24 ARG A CG  1 
ATOM 194  C CD  . ARG A 1 24 ? 11.40742  0.60079   1.92137   1.000 87.22962  ? 24 ARG A CD  1 
ATOM 195  N NE  . ARG A 1 24 ? 10.25454  0.12487   1.16358   1.000 86.45482  ? 24 ARG A NE  1 
ATOM 196  C CZ  . ARG A 1 24 ? 10.31586  -0.68120  0.10934   1.000 91.58402  ? 24 ARG A CZ  1 
ATOM 197  N NH1 . ARG A 1 24 ? 11.45963  -1.21027  -0.29604  1.000 93.62254  ? 24 ARG A NH1 1 
ATOM 198  N NH2 . ARG A 1 24 ? 9.19997   -0.96335  -0.55694  1.000 89.25270  ? 24 ARG A NH2 1 
ATOM 199  N N   . ARG A 1 25 ? 12.16228  2.00945   -2.60446  1.000 84.96551  ? 25 ARG A N   1 
ATOM 200  C CA  . ARG A 1 25 ? 12.73285  1.22008   -3.69282  1.000 76.19121  ? 25 ARG A CA  1 
ATOM 201  C C   . ARG A 1 25 ? 13.77537  2.01168   -4.47193  1.000 76.14443  ? 25 ARG A C   1 
ATOM 202  O O   . ARG A 1 25 ? 14.85703  1.49353   -4.77251  1.000 80.54863  ? 25 ARG A O   1 
ATOM 203  C CB  . ARG A 1 25 ? 11.61786  0.74260   -4.62099  1.000 82.60271  ? 25 ARG A CB  1 
ATOM 204  C CG  . ARG A 1 25 ? 12.07866  -0.07013  -5.81194  1.000 80.15367  ? 25 ARG A CG  1 
ATOM 205  C CD  . ARG A 1 25 ? 10.90923  -0.31258  -6.75371  1.000 95.28398  ? 25 ARG A CD  1 
ATOM 206  N NE  . ARG A 1 25 ? 10.35633  0.94411   -7.24989  1.000 99.35275  ? 25 ARG A NE  1 
ATOM 207  C CZ  . ARG A 1 25 ? 9.16266   1.07221   -7.81438  1.000 92.64262  ? 25 ARG A CZ  1 
ATOM 208  N NH1 . ARG A 1 25 ? 8.37051   0.02940   -8.00233  1.000 89.14605  ? 25 ARG A NH1 1 
ATOM 209  N NH2 . ARG A 1 25 ? 8.75082   2.27861   -8.19404  1.000 88.22228  ? 25 ARG A NH2 1 
ATOM 210  N N   . ARG A 1 26 ? 13.47014  3.26945   -4.81123  1.000 78.79767  ? 26 ARG A N   1 
ATOM 211  C CA  . ARG A 1 26 ? 14.43807  4.10983   -5.50650  1.000 82.19068  ? 26 ARG A CA  1 
ATOM 212  C C   . ARG A 1 26 ? 15.70940  4.29030   -4.69087  1.000 84.56862  ? 26 ARG A C   1 
ATOM 213  O O   . ARG A 1 26 ? 16.80004  4.38984   -5.26157  1.000 87.02807  ? 26 ARG A O   1 
ATOM 214  C CB  . ARG A 1 26 ? 13.82614  5.47525   -5.82751  1.000 76.83122  ? 26 ARG A CB  1 
ATOM 215  C CG  . ARG A 1 26 ? 12.50072  5.41658   -6.58622  1.000 83.05823  ? 26 ARG A CG  1 
ATOM 216  C CD  . ARG A 1 26 ? 12.61690  4.79462   -7.97069  1.000 79.39350  ? 26 ARG A CD  1 
ATOM 217  N NE  . ARG A 1 26 ? 13.38300  5.62970   -8.88745  1.000 78.89267  ? 26 ARG A NE  1 
ATOM 218  C CZ  . ARG A 1 26 ? 13.45755  5.43274   -10.19732 1.000 86.81461  ? 26 ARG A CZ  1 
ATOM 219  N NH1 . ARG A 1 26 ? 12.80294  4.44423   -10.78627 1.000 89.82022  ? 26 ARG A NH1 1 
ATOM 220  N NH2 . ARG A 1 26 ? 14.21473  6.24175   -10.93321 1.000 89.54314  ? 26 ARG A NH2 1 
ATOM 221  N N   . ALA A 1 27 ? 15.59212  4.31997   -3.35893  1.000 77.76367  ? 27 ALA A N   1 
ATOM 222  C CA  . ALA A 1 27 ? 16.76733  4.49908   -2.51580  1.000 83.11694  ? 27 ALA A CA  1 
ATOM 223  C C   . ALA A 1 27 ? 17.55134  3.20148   -2.37394  1.000 93.69914  ? 27 ALA A C   1 
ATOM 224  O O   . ALA A 1 27 ? 18.78706  3.21554   -2.38219  1.000 98.45458  ? 27 ALA A O   1 
ATOM 225  C CB  . ALA A 1 27 ? 16.35166  5.03378   -1.14649  1.000 78.70067  ? 27 ALA A CB  1 
ATOM 226  N N   . GLU A 1 28 ? 16.85146  2.07222   -2.25598  1.000 91.54685  ? 28 GLU A N   1 
ATOM 227  C CA  . GLU A 1 28 ? 17.53289  0.78635   -2.16019  1.000 87.63022  ? 28 GLU A CA  1 
ATOM 228  C C   . GLU A 1 28 ? 18.29440  0.46769   -3.44055  1.000 91.85817  ? 28 GLU A C   1 
ATOM 229  O O   . GLU A 1 28 ? 19.46113  0.05723   -3.38958  1.000 87.68422  ? 28 GLU A O   1 
ATOM 230  C CB  . GLU A 1 28 ? 16.51713  -0.30410  -1.83636  1.000 77.79504  ? 28 GLU A CB  1 
ATOM 231  C CG  . GLU A 1 28 ? 15.96290  -0.17762  -0.43733  1.000 79.60494  ? 28 GLU A CG  1 
ATOM 232  C CD  . GLU A 1 28 ? 14.92593  -1.22756  -0.13326  1.000 92.52314  ? 28 GLU A CD  1 
ATOM 233  O OE1 . GLU A 1 28 ? 14.59006  -2.00440  -1.05122  1.000 89.66088  ? 28 GLU A OE1 1 
ATOM 234  O OE2 . GLU A 1 28 ? 14.43953  -1.27103  1.01669   1.000 95.91285  ? 28 GLU A OE2 1 
ATOM 235  N N   . GLU A 1 29 ? 17.65176  0.65396   -4.60007  1.000 97.51343  ? 29 GLU A N   1 
ATOM 236  C CA  . GLU A 1 29 ? 18.36269  0.47828   -5.86207  1.000 104.15077 ? 29 GLU A CA  1 
ATOM 237  C C   . GLU A 1 29 ? 19.55264  1.42136   -5.95512  1.000 103.29802 ? 29 GLU A C   1 
ATOM 238  O O   . GLU A 1 29 ? 20.55362  1.09772   -6.60293  1.000 107.54109 ? 29 GLU A O   1 
ATOM 239  C CB  . GLU A 1 29 ? 17.42537  0.70122   -7.05544  1.000 106.50867 ? 29 GLU A CB  1 
ATOM 240  C CG  . GLU A 1 29 ? 17.00057  2.16235   -7.28561  1.000 105.06979 ? 29 GLU A CG  1 
ATOM 241  C CD  . GLU A 1 29 ? 16.62357  2.43972   -8.74391  1.000 101.27754 ? 29 GLU A CD  1 
ATOM 242  O OE1 . GLU A 1 29 ? 15.82536  1.66971   -9.33038  1.000 96.18539  ? 29 GLU A OE1 1 
ATOM 243  O OE2 . GLU A 1 29 ? 17.14891  3.41881   -9.31410  1.000 99.35909  ? 29 GLU A OE2 1 
ATOM 244  N N   . ALA A 1 30 ? 19.46356  2.58592   -5.30938  1.000 93.51549  ? 30 ALA A N   1 
ATOM 245  C CA  . ALA A 1 30 ? 20.53414  3.57181   -5.39000  1.000 90.32588  ? 30 ALA A CA  1 
ATOM 246  C C   . ALA A 1 30 ? 21.75690  3.14117   -4.58593  1.000 97.84725  ? 30 ALA A C   1 
ATOM 247  O O   . ALA A 1 30 ? 22.89659  3.33256   -5.02885  1.000 105.02258 ? 30 ALA A O   1 
ATOM 248  C CB  . ALA A 1 30 ? 20.02201  4.92751   -4.90906  1.000 91.70627  ? 30 ALA A CB  1 
ATOM 249  N N   . ARG A 1 31 ? 21.54862  2.56365   -3.39954  1.000 94.93166  ? 31 ARG A N   1 
ATOM 250  C CA  . ARG A 1 31 ? 22.69062  2.11802   -2.60592  1.000 97.20019  ? 31 ARG A CA  1 
ATOM 251  C C   . ARG A 1 31 ? 23.38107  0.93489   -3.26784  1.000 102.04355 ? 31 ARG A C   1 
ATOM 252  O O   . ARG A 1 31 ? 24.61437  0.86942   -3.32217  1.000 109.55255 ? 31 ARG A O   1 
ATOM 253  C CB  . ARG A 1 31 ? 22.25911  1.74382   -1.19076  1.000 89.50300  ? 31 ARG A CB  1 
ATOM 254  C CG  . ARG A 1 31 ? 23.41577  1.23824   -0.34504  1.000 101.63513 ? 31 ARG A CG  1 
ATOM 255  C CD  . ARG A 1 31 ? 23.29127  -0.24698  -0.03524  1.000 114.89076 ? 31 ARG A CD  1 
ATOM 256  N NE  . ARG A 1 31 ? 24.43949  -0.73057  0.72254   1.000 126.73836 ? 31 ARG A NE  1 
ATOM 257  C CZ  . ARG A 1 31 ? 24.55953  -1.96262  1.19731   1.000 121.03030 ? 31 ARG A CZ  1 
ATOM 258  N NH1 . ARG A 1 31 ? 23.61443  -2.86987  1.01144   1.000 116.77905 ? 31 ARG A NH1 1 
ATOM 259  N NH2 . ARG A 1 31 ? 25.65755  -2.29396  1.87121   1.000 117.91064 ? 31 ARG A NH2 1 
ATOM 260  N N   . GLU A 1 32 ? 22.59641  -0.01336  -3.77702  1.000 99.70070  ? 32 GLU A N   1 
ATOM 261  C CA  . GLU A 1 32 ? 23.17547  -1.17470  -4.44012  1.000 104.97767 ? 32 GLU A CA  1 
ATOM 262  C C   . GLU A 1 32 ? 23.85448  -0.80540  -5.75429  1.000 101.39101 ? 32 GLU A C   1 
ATOM 263  O O   . GLU A 1 32 ? 24.86283  -1.42158  -6.11804  1.000 109.09125 ? 32 GLU A O   1 
ATOM 264  C CB  . GLU A 1 32 ? 22.09183  -2.24052  -4.62937  1.000 110.09884 ? 32 GLU A CB  1 
ATOM 265  C CG  . GLU A 1 32 ? 21.10208  -2.00260  -5.75914  1.000 107.56577 ? 32 GLU A CG  1 
ATOM 266  C CD  . GLU A 1 32 ? 19.77329  -2.71380  -5.52896  1.000 106.35817 ? 32 GLU A CD  1 
ATOM 267  O OE1 . GLU A 1 32 ? 19.58460  -3.27910  -4.43469  1.000 110.65499 ? 32 GLU A OE1 1 
ATOM 268  O OE2 . GLU A 1 32 ? 18.90473  -2.68202  -6.42538  1.000 98.01501  ? 32 GLU A OE2 1 
ATOM 269  N N   . THR A 1 33 ? 23.34914  0.20739   -6.46120  1.000 96.41313  ? 33 THR A N   1 
ATOM 270  C CA  . THR A 1 33 ? 24.01826  0.64247   -7.68321  1.000 97.50061  ? 33 THR A CA  1 
ATOM 271  C C   . THR A 1 33 ? 25.27224  1.45003   -7.37308  1.000 96.45559  ? 33 THR A C   1 
ATOM 272  O O   . THR A 1 33 ? 26.22450  1.44857   -8.16225  1.000 100.03206 ? 33 THR A O   1 
ATOM 273  C CB  . THR A 1 33 ? 23.06372  1.46550   -8.55282  1.000 101.32507 ? 33 THR A CB  1 
ATOM 274  O OG1 . THR A 1 33 ? 21.85675  0.72764   -8.77701  1.000 104.04060 ? 33 THR A OG1 1 
ATOM 275  C CG2 . THR A 1 33 ? 23.70013  1.79008   -9.90146  1.000 91.65325  ? 33 THR A CG2 1 
ATOM 276  N N   . GLY A 1 34 ? 25.29974  2.13023   -6.23178  1.000 96.57735  ? 34 GLY A N   1 
ATOM 277  C CA  . GLY A 1 34 ? 26.42040  2.98037   -5.89579  1.000 94.74472  ? 34 GLY A CA  1 
ATOM 278  C C   . GLY A 1 34 ? 26.42798  4.32816   -6.57826  1.000 98.18263  ? 34 GLY A C   1 
ATOM 279  O O   . GLY A 1 34 ? 27.41722  5.06033   -6.45123  1.000 100.95728 ? 34 GLY A O   1 
ATOM 280  N N   . GLU A 1 35 ? 25.35579  4.68528   -7.28480  1.000 97.73247  ? 35 GLU A N   1 
ATOM 281  C CA  . GLU A 1 35 ? 25.28628  5.93945   -8.03281  1.000 102.92991 ? 35 GLU A CA  1 
ATOM 282  C C   . GLU A 1 35 ? 25.23948  7.10500   -7.05022  1.000 103.99669 ? 35 GLU A C   1 
ATOM 283  O O   . GLU A 1 35 ? 24.19688  7.39646   -6.46070  1.000 96.05068  ? 35 GLU A O   1 
ATOM 284  C CB  . GLU A 1 35 ? 24.07130  5.93384   -8.95551  1.000 101.49615 ? 35 GLU A CB  1 
ATOM 285  C CG  . GLU A 1 35 ? 23.79993  7.26965   -9.64319  1.000 98.59006  ? 35 GLU A CG  1 
ATOM 286  C CD  . GLU A 1 35 ? 22.33280  7.47308   -9.95297  1.000 100.92164 ? 35 GLU A CD  1 
ATOM 287  O OE1 . GLU A 1 35 ? 21.52951  6.57619   -9.62473  1.000 91.90238  ? 35 GLU A OE1 1 
ATOM 288  O OE2 . GLU A 1 35 ? 21.98403  8.52460   -10.52904 1.000 105.49695 ? 35 GLU A OE2 1 
ATOM 289  N N   . ALA A 1 36 ? 26.37061  7.78807   -6.88350  1.000 107.82718 ? 36 ALA A N   1 
ATOM 290  C CA  . ALA A 1 36 ? 26.50229  8.86768   -5.90416  1.000 100.82551 ? 36 ALA A CA  1 
ATOM 291  C C   . ALA A 1 36 ? 26.05466  10.21129  -6.47690  1.000 93.91070  ? 36 ALA A C   1 
ATOM 292  O O   . ALA A 1 36 ? 26.65956  11.24916  -6.21555  1.000 89.35660  ? 36 ALA A O   1 
ATOM 293  C CB  . ALA A 1 36 ? 27.93938  8.93036   -5.39464  1.000 87.39366  ? 36 ALA A CB  1 
ATOM 294  N N   . SER A 1 37 ? 24.98099  10.19471  -7.26705  1.000 78.97015  ? 37 SER A N   1 
ATOM 295  C CA  . SER A 1 37 ? 24.37189  11.42152  -7.77500  1.000 73.16915  ? 37 SER A CA  1 
ATOM 296  C C   . SER A 1 37 ? 23.84839  12.22085  -6.59189  1.000 86.11402  ? 37 SER A C   1 
ATOM 297  O O   . SER A 1 37 ? 22.74968  11.96676  -6.09212  1.000 91.27185  ? 37 SER A O   1 
ATOM 298  C CB  . SER A 1 37 ? 23.25533  11.09516  -8.75731  1.000 76.02580  ? 37 SER A CB  1 
ATOM 299  O OG  . SER A 1 37 ? 22.59600  12.27368  -9.17883  1.000 81.29030  ? 37 SER A OG  1 
ATOM 300  N N   . GLU A 1 38 ? 24.64760  13.19058  -6.13840  1.000 87.98862  ? 38 GLU A N   1 
ATOM 301  C CA  . GLU A 1 38 ? 24.34525  13.90040  -4.89981  1.000 90.43572  ? 38 GLU A CA  1 
ATOM 302  C C   . GLU A 1 38 ? 22.99729  14.60458  -4.97840  1.000 92.27949  ? 38 GLU A C   1 
ATOM 303  O O   . GLU A 1 38 ? 22.27722  14.70452  -3.97808  1.000 92.44401  ? 38 GLU A O   1 
ATOM 304  C CB  . GLU A 1 38 ? 25.45780  14.90246  -4.60424  1.000 95.36926  ? 38 GLU A CB  1 
ATOM 305  C CG  . GLU A 1 38 ? 26.80401  14.24172  -4.36650  1.000 95.56330  ? 38 GLU A CG  1 
ATOM 306  C CD  . GLU A 1 38 ? 26.73598  13.16486  -3.30933  1.000 105.81584 ? 38 GLU A CD  1 
ATOM 307  O OE1 . GLU A 1 38 ? 26.46417  13.49828  -2.13997  1.000 110.49119 ? 38 GLU A OE1 1 
ATOM 308  O OE2 . GLU A 1 38 ? 26.93295  11.98081  -3.64800  1.000 103.72872 ? 38 GLU A OE2 1 
ATOM 309  N N   . GLU A 1 39 ? 22.64833  15.10827  -6.16196  1.000 84.84078  ? 39 GLU A N   1 
ATOM 310  C CA  . GLU A 1 39 ? 21.34471  15.73070  -6.35560  1.000 76.02782  ? 39 GLU A CA  1 
ATOM 311  C C   . GLU A 1 39 ? 20.22813  14.70989  -6.16922  1.000 77.97116  ? 39 GLU A C   1 
ATOM 312  O O   . GLU A 1 39 ? 19.23554  14.97401  -5.48118  1.000 76.05008  ? 39 GLU A O   1 
ATOM 313  C CB  . GLU A 1 39 ? 21.27231  16.34576  -7.75090  1.000 82.22584  ? 39 GLU A CB  1 
ATOM 314  C CG  . GLU A 1 39 ? 21.87551  15.47290  -8.84826  1.000 99.39475  ? 39 GLU A CG  1 
ATOM 315  C CD  . GLU A 1 39 ? 23.33484  15.79543  -9.15003  1.000 109.60298 ? 39 GLU A CD  1 
ATOM 316  O OE1 . GLU A 1 39 ? 23.65650  15.97848  -10.34451 1.000 112.68720 ? 39 GLU A OE1 1 
ATOM 317  O OE2 . GLU A 1 39 ? 24.16296  15.84123  -8.21358  1.000 95.70693  ? 39 GLU A OE2 1 
ATOM 318  N N   . HIS A 1 40 ? 20.38385  13.53543  -6.77954  1.000 80.46659  ? 40 HIS A N   1 
ATOM 319  C CA  . HIS A 1 40 ? 19.36240  12.50052  -6.67690  1.000 87.10216  ? 40 HIS A CA  1 
ATOM 320  C C   . HIS A 1 40 ? 19.29209  11.94945  -5.25978  1.000 86.22338  ? 40 HIS A C   1 
ATOM 321  O O   . HIS A 1 40 ? 18.19952  11.68684  -4.74391  1.000 91.58278  ? 40 HIS A O   1 
ATOM 322  C CB  . HIS A 1 40 ? 19.65487  11.38777  -7.68606  1.000 90.50054  ? 40 HIS A CB  1 
ATOM 323  C CG  . HIS A 1 40 ? 18.60642  10.32037  -7.74175  1.000 89.21868  ? 40 HIS A CG  1 
ATOM 324  N ND1 . HIS A 1 40 ? 18.87987  8.99469   -7.48222  1.000 83.19894  ? 40 HIS A ND1 1 
ATOM 325  C CD2 . HIS A 1 40 ? 17.28731  10.38012  -8.04395  1.000 90.39847  ? 40 HIS A CD2 1 
ATOM 326  C CE1 . HIS A 1 40 ? 17.77381  8.28476   -7.61431  1.000 82.77610  ? 40 HIS A CE1 1 
ATOM 327  N NE2 . HIS A 1 40 ? 16.79279  9.10187   -7.95390  1.000 90.90631  ? 40 HIS A NE2 1 
ATOM 328  N N   . ALA A 1 41 ? 20.44752  11.78532  -4.60887  1.000 77.00936  ? 41 ALA A N   1 
ATOM 329  C CA  . ALA A 1 41 ? 20.46333  11.29379  -3.23440  1.000 70.47020  ? 41 ALA A CA  1 
ATOM 330  C C   . ALA A 1 41 ? 19.78422  12.27303  -2.28696  1.000 77.27375  ? 41 ALA A C   1 
ATOM 331  O O   . ALA A 1 41 ? 18.99718  11.86836  -1.42257  1.000 79.01820  ? 41 ALA A O   1 
ATOM 332  C CB  . ALA A 1 41 ? 21.89951  11.03241  -2.78606  1.000 77.18155  ? 41 ALA A CB  1 
ATOM 333  N N   . ALA A 1 42 ? 20.06897  13.56821  -2.43737  1.000 79.36121  ? 42 ALA A N   1 
ATOM 334  C CA  . ALA A 1 42 ? 19.47155  14.55912  -1.55117  1.000 75.64415  ? 42 ALA A CA  1 
ATOM 335  C C   . ALA A 1 42 ? 18.00737  14.81653  -1.88293  1.000 76.93016  ? 42 ALA A C   1 
ATOM 336  O O   . ALA A 1 42 ? 17.22528  15.15338  -0.98749  1.000 81.39107  ? 42 ALA A O   1 
ATOM 337  C CB  . ALA A 1 42 ? 20.26490  15.86402  -1.60788  1.000 69.65925  ? 42 ALA A CB  1 
ATOM 338  N N   . ALA A 1 43 ? 17.61491  14.66280  -3.14909  1.000 73.72968  ? 43 ALA A N   1 
ATOM 339  C CA  . ALA A 1 43 ? 16.21162  14.84601  -3.50746  1.000 74.73647  ? 43 ALA A CA  1 
ATOM 340  C C   . ALA A 1 43 ? 15.34330  13.73304  -2.93143  1.000 72.20233  ? 43 ALA A C   1 
ATOM 341  O O   . ALA A 1 43 ? 14.25104  13.99340  -2.41363  1.000 72.52626  ? 43 ALA A O   1 
ATOM 342  C CB  . ALA A 1 43 ? 16.06150  14.91451  -5.02560  1.000 78.61755  ? 43 ALA A CB  1 
ATOM 343  N N   . LEU A 1 44 ? 15.80658  12.48511  -3.01940  1.000 72.41318  ? 44 LEU A N   1 
ATOM 344  C CA  . LEU A 1 44 ? 15.08108  11.38779  -2.38846  1.000 68.81634  ? 44 LEU A CA  1 
ATOM 345  C C   . LEU A 1 44 ? 15.01149  11.57526  -0.87933  1.000 71.32747  ? 44 LEU A C   1 
ATOM 346  O O   . LEU A 1 44 ? 13.95224  11.38581  -0.26871  1.000 70.23825  ? 44 LEU A O   1 
ATOM 347  C CB  . LEU A 1 44 ? 15.74228  10.05336  -2.73229  1.000 71.00574  ? 44 LEU A CB  1 
ATOM 348  C CG  . LEU A 1 44 ? 15.56651  9.53370   -4.15901  1.000 76.02630  ? 44 LEU A CG  1 
ATOM 349  C CD1 . LEU A 1 44 ? 15.76174  8.02588   -4.19856  1.000 76.16244  ? 44 LEU A CD1 1 
ATOM 350  C CD2 . LEU A 1 44 ? 14.19270  9.90945   -4.68897  1.000 74.28769  ? 44 LEU A CD2 1 
ATOM 351  N N   . LEU A 1 45 ? 16.13521  11.94726  -0.26291  1.000 74.25552  ? 45 LEU A N   1 
ATOM 352  C CA  . LEU A 1 45 ? 16.14829  12.22958  1.16825   1.000 71.12908  ? 45 LEU A CA  1 
ATOM 353  C C   . LEU A 1 45 ? 15.13297  13.30527  1.53293   1.000 73.80441  ? 45 LEU A C   1 
ATOM 354  O O   . LEU A 1 45 ? 14.38674  13.15839  2.50915   1.000 70.67455  ? 45 LEU A O   1 
ATOM 355  C CB  . LEU A 1 45 ? 17.55498  12.64734  1.59592   1.000 70.07768  ? 45 LEU A CB  1 
ATOM 356  C CG  . LEU A 1 45 ? 17.88377  12.65785  3.08907   1.000 72.70399  ? 45 LEU A CG  1 
ATOM 357  C CD1 . LEU A 1 45 ? 18.09055  11.25150  3.60875   1.000 85.26182  ? 45 LEU A CD1 1 
ATOM 358  C CD2 . LEU A 1 45 ? 19.12422  13.50825  3.33827   1.000 65.77421  ? 45 LEU A CD2 1 
ATOM 359  N N   . ALA A 1 46 ? 15.08426  14.39022  0.75446   1.000 71.35603  ? 46 ALA A N   1 
ATOM 360  C CA  . ALA A 1 46 ? 14.15558  15.47719  1.04939   1.000 64.87347  ? 46 ALA A CA  1 
ATOM 361  C C   . ALA A 1 46 ? 12.70849  15.00909  0.96452   1.000 67.70887  ? 46 ALA A C   1 
ATOM 362  O O   . ALA A 1 46 ? 11.92216  15.23347  1.89186   1.000 73.24951  ? 46 ALA A O   1 
ATOM 363  C CB  . ALA A 1 46 ? 14.39669  16.65086  0.10089   1.000 72.88019  ? 46 ALA A CB  1 
ATOM 364  N N   . GLU A 1 47 ? 12.33707  14.34864  -0.13871  1.000 66.52080  ? 47 GLU A N   1 
ATOM 365  C CA  . GLU A 1 47 ? 10.94612  13.93603  -0.30696  1.000 67.30789  ? 47 GLU A CA  1 
ATOM 366  C C   . GLU A 1 47 ? 10.56261  12.84028  0.68012   1.000 70.08473  ? 47 GLU A C   1 
ATOM 367  O O   . GLU A 1 47 ? 9.38894   12.72861  1.04971   1.000 73.42757  ? 47 GLU A O   1 
ATOM 368  C CB  . GLU A 1 47 ? 10.68520  13.47516  -1.74712  1.000 77.19183  ? 47 GLU A CB  1 
ATOM 369  C CG  . GLU A 1 47 ? 9.18778   13.38240  -2.10089  1.000 85.69238  ? 47 GLU A CG  1 
ATOM 370  C CD  . GLU A 1 47 ? 8.89254   12.55503  -3.34398  1.000 88.23702  ? 47 GLU A CD  1 
ATOM 371  O OE1 . GLU A 1 47 ? 9.82524   12.28736  -4.13501  1.000 93.04401  ? 47 GLU A OE1 1 
ATOM 372  O OE2 . GLU A 1 47 ? 7.71015   12.19328  -3.53427  1.000 77.06080  ? 47 GLU A OE2 1 
ATOM 373  N N   . ALA A 1 48 ? 11.52677  12.02527  1.11665   1.000 64.28058  ? 48 ALA A N   1 
ATOM 374  C CA  . ALA A 1 48 ? 11.23643  11.02928  2.14386   1.000 59.19935  ? 48 ALA A CA  1 
ATOM 375  C C   . ALA A 1 48 ? 11.02431  11.68381  3.50271   1.000 60.83219  ? 48 ALA A C   1 
ATOM 376  O O   . ALA A 1 48 ? 10.12526  11.28983  4.25497   1.000 63.22797  ? 48 ALA A O   1 
ATOM 377  C CB  . ALA A 1 48 ? 12.36332  10.00145  2.21799   1.000 66.79181  ? 48 ALA A CB  1 
ATOM 378  N N   . ALA A 1 49 ? 11.84666  12.67995  3.83772   1.000 64.25324  ? 49 ALA A N   1 
ATOM 379  C CA  . ALA A 1 49 ? 11.66336  13.39437  5.09590   1.000 62.65092  ? 49 ALA A CA  1 
ATOM 380  C C   . ALA A 1 49 ? 10.30808  14.08572  5.14448   1.000 63.28341  ? 49 ALA A C   1 
ATOM 381  O O   . ALA A 1 49 ? 9.59470   13.99424  6.15018   1.000 66.15554  ? 49 ALA A O   1 
ATOM 382  C CB  . ALA A 1 49 ? 12.78728  14.40905  5.29095   1.000 64.96850  ? 49 ALA A CB  1 
ATOM 383  N N   . VAL A 1 50 ? 9.93963   14.78155  4.06648   1.000 60.43909  ? 50 VAL A N   1 
ATOM 384  C CA  . VAL A 1 50 ? 8.65017   15.46388  4.01194   1.000 59.33519  ? 50 VAL A CA  1 
ATOM 385  C C   . VAL A 1 50 ? 7.50281   14.45926  4.04442   1.000 68.16367  ? 50 VAL A C   1 
ATOM 386  O O   . VAL A 1 50 ? 6.48449   14.68066  4.71211   1.000 69.36864  ? 50 VAL A O   1 
ATOM 387  C CB  . VAL A 1 50 ? 8.58706   16.36331  2.76510   1.000 58.24778  ? 50 VAL A CB  1 
ATOM 388  C CG1 . VAL A 1 50 ? 7.18631   16.90737  2.56356   1.000 71.08948  ? 50 VAL A CG1 1 
ATOM 389  C CG2 . VAL A 1 50 ? 9.57920   17.50114  2.89235   1.000 60.93074  ? 50 VAL A CG2 1 
ATOM 390  N N   . LEU A 1 51 ? 7.64343   13.34233  3.32753   1.000 68.90937  ? 51 LEU A N   1 
ATOM 391  C CA  . LEU A 1 51 ? 6.61090   12.31344  3.37088   1.000 58.18133  ? 51 LEU A CA  1 
ATOM 392  C C   . LEU A 1 51 ? 6.42043   11.79356  4.78980   1.000 63.59807  ? 51 LEU A C   1 
ATOM 393  O O   . LEU A 1 51 ? 5.29588   11.47833  5.19687   1.000 65.56462  ? 51 LEU A O   1 
ATOM 394  C CB  . LEU A 1 51 ? 6.96670   11.17377  2.41669   1.000 52.07467  ? 51 LEU A CB  1 
ATOM 395  C CG  . LEU A 1 51 ? 5.84265   10.67896  1.50830   1.000 54.27239  ? 51 LEU A CG  1 
ATOM 396  C CD1 . LEU A 1 51 ? 5.40123   11.77780  0.55625   1.000 68.54653  ? 51 LEU A CD1 1 
ATOM 397  C CD2 . LEU A 1 51 ? 6.28735   9.45979   0.73675   1.000 56.50863  ? 51 LEU A CD2 1 
ATOM 398  N N   . GLU A 1 52 ? 7.50681   11.71083  5.56437   1.000 59.83386  ? 52 GLU A N   1 
ATOM 399  C CA  . GLU A 1 52 ? 7.39190   11.25540  6.94691   1.000 66.88613  ? 52 GLU A CA  1 
ATOM 400  C C   . GLU A 1 52 ? 6.59550   12.25130  7.78185   1.000 68.84501  ? 52 GLU A C   1 
ATOM 401  O O   . GLU A 1 52 ? 5.68794   11.86397  8.52784   1.000 70.83990  ? 52 GLU A O   1 
ATOM 402  C CB  . GLU A 1 52 ? 8.78038   11.02819  7.55616   1.000 73.37633  ? 52 GLU A CB  1 
ATOM 403  C CG  . GLU A 1 52 ? 8.74810   10.40740  8.96108   1.000 75.86167  ? 52 GLU A CG  1 
ATOM 404  C CD  . GLU A 1 52 ? 10.11579  9.95002   9.46224   1.000 90.22776  ? 52 GLU A CD  1 
ATOM 405  O OE1 . GLU A 1 52 ? 10.85991  9.31705   8.68462   1.000 101.17858 ? 52 GLU A OE1 1 
ATOM 406  O OE2 . GLU A 1 52 ? 10.43345  10.19756  10.64773  1.000 88.62990  ? 52 GLU A OE2 1 
ATOM 407  N N   . LEU A 1 53 ? 6.91879   13.54377  7.66260   1.000 66.05318  ? 53 LEU A N   1 
ATOM 408  C CA  . LEU A 1 53 ? 6.18387   14.56452  8.40386   1.000 56.53057  ? 53 LEU A CA  1 
ATOM 409  C C   . LEU A 1 53 ? 4.69972   14.53489  8.06471   1.000 63.03211  ? 53 LEU A C   1 
ATOM 410  O O   . LEU A 1 53 ? 3.85443   14.69540  8.95147   1.000 69.16308  ? 53 LEU A O   1 
ATOM 411  C CB  . LEU A 1 53 ? 6.77488   15.94564  8.12787   1.000 54.87613  ? 53 LEU A CB  1 
ATOM 412  C CG  . LEU A 1 53 ? 6.12653   17.11846  8.86629   1.000 60.68207  ? 53 LEU A CG  1 
ATOM 413  C CD1 . LEU A 1 53 ? 6.29569   16.98890  10.36863  1.000 68.88483  ? 53 LEU A CD1 1 
ATOM 414  C CD2 . LEU A 1 53 ? 6.71924   18.42816  8.37963   1.000 71.53590  ? 53 LEU A CD2 1 
ATOM 415  N N   . LYS A 1 54 ? 4.36124   14.32202  6.78893   1.000 61.43263  ? 54 LYS A N   1 
ATOM 416  C CA  . LYS A 1 54 ? 2.96075   14.13852  6.41977   1.000 56.24455  ? 54 LYS A CA  1 
ATOM 417  C C   . LYS A 1 54 ? 2.37388   12.91039  7.10254   1.000 60.61507  ? 54 LYS A C   1 
ATOM 418  O O   . LYS A 1 54 ? 1.22947   12.93712  7.56998   1.000 60.11445  ? 54 LYS A O   1 
ATOM 419  C CB  . LYS A 1 54 ? 2.82649   14.02730  4.90056   1.000 50.37928  ? 54 LYS A CB  1 
ATOM 420  C CG  . LYS A 1 54 ? 2.73745   15.36871  4.18681   1.000 58.83176  ? 54 LYS A CG  1 
ATOM 421  C CD  . LYS A 1 54 ? 1.97544   15.25988  2.87243   1.000 73.13428  ? 54 LYS A CD  1 
ATOM 422  C CE  . LYS A 1 54 ? 0.47657   15.17166  3.08237   1.000 74.98245  ? 54 LYS A CE  1 
ATOM 423  N NZ  . LYS A 1 54 ? -0.21614  14.84177  1.80944   1.000 65.72387  ? 54 LYS A NZ  1 
ATOM 424  N N   . ALA A 1 55 ? 3.14896   11.82498  7.17869   1.000 60.96264  ? 55 ALA A N   1 
ATOM 425  C CA  . ALA A 1 55 ? 2.65876   10.61190  7.82371   1.000 61.41695  ? 55 ALA A CA  1 
ATOM 426  C C   . ALA A 1 55 ? 2.45148   10.81316  9.31730   1.000 56.46933  ? 55 ALA A C   1 
ATOM 427  O O   . ALA A 1 55 ? 1.48219   10.29481  9.87983   1.000 65.22428  ? 55 ALA A O   1 
ATOM 428  C CB  . ALA A 1 55 ? 3.62304   9.45442   7.57451   1.000 68.58818  ? 55 ALA A CB  1 
ATOM 429  N N   . VAL A 1 56 ? 3.34569   11.55460  9.97229   1.000 53.05191  ? 56 VAL A N   1 
ATOM 430  C CA  . VAL A 1 56 ? 3.16877   11.86049  11.38829  1.000 57.50733  ? 56 VAL A CA  1 
ATOM 431  C C   . VAL A 1 56 ? 1.93406   12.72869  11.60117  1.000 68.82170  ? 56 VAL A C   1 
ATOM 432  O O   . VAL A 1 56 ? 1.15686   12.50356  12.53762  1.000 74.30315  ? 56 VAL A O   1 
ATOM 433  C CB  . VAL A 1 56 ? 4.43569   12.53015  11.94941  1.000 59.72290  ? 56 VAL A CB  1 
ATOM 434  C CG1 . VAL A 1 56 ? 4.27239   12.82750  13.43079  1.000 77.19652  ? 56 VAL A CG1 1 
ATOM 435  C CG2 . VAL A 1 56 ? 5.64808   11.64441  11.71972  1.000 73.13349  ? 56 VAL A CG2 1 
ATOM 436  N N   . LEU A 1 57 ? 1.73291   13.73643  10.74427  1.000 69.72830  ? 57 LEU A N   1 
ATOM 437  C CA  . LEU A 1 57 ? 0.53149   14.56034  10.84998  1.000 66.79293  ? 57 LEU A CA  1 
ATOM 438  C C   . LEU A 1 57 ? -0.72337  13.71757  10.66137  1.000 66.42373  ? 57 LEU A C   1 
ATOM 439  O O   . LEU A 1 57 ? -1.67687  13.82398  11.44183  1.000 69.62457  ? 57 LEU A O   1 
ATOM 440  C CB  . LEU A 1 57 ? 0.57078   15.70193  9.82999   1.000 62.51786  ? 57 LEU A CB  1 
ATOM 441  C CG  . LEU A 1 57 ? 1.74164   16.69083  9.89814   1.000 61.72138  ? 57 LEU A CG  1 
ATOM 442  C CD1 . LEU A 1 57 ? 1.52792   17.87791  8.96286   1.000 60.71812  ? 57 LEU A CD1 1 
ATOM 443  C CD2 . LEU A 1 57 ? 2.00613   17.15527  11.32161  1.000 71.78627  ? 57 LEU A CD2 1 
ATOM 444  N N   . LEU A 1 58 ? -0.73100  12.85848  9.64001   1.000 61.48887  ? 58 LEU A N   1 
ATOM 445  C CA  . LEU A 1 58 ? -1.86179  11.96151  9.43396   1.000 60.41627  ? 58 LEU A CA  1 
ATOM 446  C C   . LEU A 1 58 ? -2.05136  11.03917  10.63423  1.000 70.34777  ? 58 LEU A C   1 
ATOM 447  O O   . LEU A 1 58 ? -3.18524  10.77718  11.05548  1.000 78.02782  ? 58 LEU A O   1 
ATOM 448  C CB  . LEU A 1 58 ? -1.64458  11.15006  8.15741   1.000 58.01450  ? 58 LEU A CB  1 
ATOM 449  C CG  . LEU A 1 58 ? -1.75611  11.92601  6.84096   1.000 60.08934  ? 58 LEU A CG  1 
ATOM 450  C CD1 . LEU A 1 58 ? -1.73046  10.98157  5.64327   1.000 62.97997  ? 58 LEU A CD1 1 
ATOM 451  C CD2 . LEU A 1 58 ? -2.98389  12.82863  6.81133   1.000 72.64500  ? 58 LEU A CD2 1 
ATOM 452  N N   . GLU A 1 59 ? -0.94605  10.54694  11.20086  1.000 69.42458  ? 59 GLU A N   1 
ATOM 453  C CA  . GLU A 1 59 ? -1.00744  9.66101   12.36177  1.000 74.78646  ? 59 GLU A CA  1 
ATOM 454  C C   . GLU A 1 59 ? -1.72742  10.32955  13.52588  1.000 76.88718  ? 59 GLU A C   1 
ATOM 455  O O   . GLU A 1 59 ? -2.72718  9.81317   14.04063  1.000 75.49704  ? 59 GLU A O   1 
ATOM 456  C CB  . GLU A 1 59 ? 0.41092   9.25144   12.77550  1.000 79.22061  ? 59 GLU A CB  1 
ATOM 457  C CG  . GLU A 1 59 ? 0.49950   8.42421   14.05811  1.000 83.85581  ? 59 GLU A CG  1 
ATOM 458  C CD  . GLU A 1 59 ? 1.92857   8.03187   14.41089  1.000 93.01519  ? 59 GLU A CD  1 
ATOM 459  O OE1 . GLU A 1 59 ? 2.71873   8.91329   14.81053  1.000 92.30418  ? 59 GLU A OE1 1 
ATOM 460  O OE2 . GLU A 1 59 ? 2.26517   6.84076   14.28267  1.000 88.02927  ? 59 GLU A OE2 1 
ATOM 461  N N   . LEU A 1 60 ? -1.22473  11.49006  13.95478  1.000 71.54588  ? 60 LEU A N   1 
ATOM 462  C CA  . LEU A 1 60 ? -1.79290  12.16458  15.11458  1.000 65.36013  ? 60 LEU A CA  1 
ATOM 463  C C   . LEU A 1 60 ? -3.21343  12.63585  14.84793  1.000 73.52402  ? 60 LEU A C   1 
ATOM 464  O O   . LEU A 1 60 ? -4.01634  12.73453  15.78222  1.000 75.93970  ? 60 LEU A O   1 
ATOM 465  C CB  . LEU A 1 60 ? -0.90941  13.34159  15.52535  1.000 66.91219  ? 60 LEU A CB  1 
ATOM 466  C CG  . LEU A 1 60 ? 0.57822   13.07534  15.78793  1.000 80.46761  ? 60 LEU A CG  1 
ATOM 467  C CD1 . LEU A 1 60 ? 1.12249   14.10314  16.76310  1.000 104.99797 ? 60 LEU A CD1 1 
ATOM 468  C CD2 . LEU A 1 60 ? 0.83955   11.66091  16.31363  1.000 84.72002  ? 60 LEU A CD2 1 
ATOM 469  N N   . GLU A 1 61 ? -3.54165  12.93698  13.59039  1.000 76.54065  ? 61 GLU A N   1 
ATOM 470  C CA  . GLU A 1 61 ? -4.92118  13.27480  13.26493  1.000 77.97477  ? 61 GLU A CA  1 
ATOM 471  C C   . GLU A 1 61 ? -5.82337  12.05793  13.41310  1.000 78.59110  ? 61 GLU A C   1 
ATOM 472  O O   . GLU A 1 61 ? -6.98810  12.18454  13.80576  1.000 83.90834  ? 61 GLU A O   1 
ATOM 473  C CB  . GLU A 1 61 ? -5.01191  13.84299  11.85037  1.000 80.50511  ? 61 GLU A CB  1 
ATOM 474  C CG  . GLU A 1 61 ? -6.36379  14.45737  11.54167  1.000 97.70872  ? 61 GLU A CG  1 
ATOM 475  C CD  . GLU A 1 61 ? -6.74950  15.51281  12.55657  1.000 110.19834 ? 61 GLU A CD  1 
ATOM 476  O OE1 . GLU A 1 61 ? -5.90409  16.38529  12.84521  1.000 120.01183 ? 61 GLU A OE1 1 
ATOM 477  O OE2 . GLU A 1 61 ? -7.88450  15.46660  13.07757  1.000 104.44115 ? 61 GLU A OE2 1 
ATOM 478  N N   . ALA A 1 62 ? -5.29839  10.86890  13.11275  1.000 74.75205  ? 62 ALA A N   1 
ATOM 479  C CA  . ALA A 1 62 ? -6.06500  9.64966   13.34062  1.000 76.07376  ? 62 ALA A CA  1 
ATOM 480  C C   . ALA A 1 62 ? -6.23475  9.37738   14.82947  1.000 80.02528  ? 62 ALA A C   1 
ATOM 481  O O   . ALA A 1 62 ? -7.29568  8.91171   15.26262  1.000 85.86362  ? 62 ALA A O   1 
ATOM 482  C CB  . ALA A 1 62 ? -5.39040  8.46703   12.64967  1.000 81.63796  ? 62 ALA A CB  1 
ATOM 483  N N   . ARG A 1 63 ? -5.19948  9.65428   15.62854  1.000 80.98511  ? 63 ARG A N   1 
ATOM 484  C CA  . ARG A 1 63 ? -5.34415  9.55125   17.07715  1.000 82.20296  ? 63 ARG A CA  1 
ATOM 485  C C   . ARG A 1 63 ? -6.43373  10.49111  17.57750  1.000 84.97960  ? 63 ARG A C   1 
ATOM 486  O O   . ARG A 1 63 ? -7.22377  10.12663  18.45531  1.000 90.64601  ? 63 ARG A O   1 
ATOM 487  C CB  . ARG A 1 63 ? -4.01197  9.85422   17.77075  1.000 83.66194  ? 63 ARG A CB  1 
ATOM 488  C CG  . ARG A 1 63 ? -4.02577  9.64649   19.29048  1.000 86.13850  ? 63 ARG A CG  1 
ATOM 489  C CD  . ARG A 1 63 ? -2.69280  10.02055  19.95596  1.000 93.48590  ? 63 ARG A CD  1 
ATOM 490  N NE  . ARG A 1 63 ? -2.44797  11.45961  19.96087  1.000 94.72192  ? 63 ARG A NE  1 
ATOM 491  C CZ  . ARG A 1 63 ? -1.36883  12.03956  20.47144  1.000 95.65716  ? 63 ARG A CZ  1 
ATOM 492  N NH1 . ARG A 1 63 ? -0.38659  11.32847  21.00353  1.000 86.76812  ? 63 ARG A NH1 1 
ATOM 493  N NH2 . ARG A 1 63 ? -1.27074  13.36684  20.44306  1.000 87.16001  ? 63 ARG A NH2 1 
ATOM 494  N N   . ARG A 1 64 ? -6.50394  11.70118  17.01560  1.000 79.97143  ? 64 ARG A N   1 
ATOM 495  C CA  . ARG A 1 64 ? -7.54191  12.64095  17.42395  1.000 82.67302  ? 64 ARG A CA  1 
ATOM 496  C C   . ARG A 1 64 ? -8.92188  12.12979  17.02292  1.000 83.89600  ? 64 ARG A C   1 
ATOM 497  O O   . ARG A 1 64 ? -9.87982  12.23776  17.79714  1.000 88.70806  ? 64 ARG A O   1 
ATOM 498  C CB  . ARG A 1 64 ? -7.26652  14.01968  16.81701  1.000 88.34786  ? 64 ARG A CB  1 
ATOM 499  C CG  . ARG A 1 64 ? -8.20443  15.12466  17.28861  1.000 101.03241 ? 64 ARG A CG  1 
ATOM 500  C CD  . ARG A 1 64 ? -7.96316  15.46133  18.76147  1.000 113.36352 ? 64 ARG A CD  1 
ATOM 501  N NE  . ARG A 1 64 ? -6.75893  16.26221  18.96639  1.000 122.72217 ? 64 ARG A NE  1 
ATOM 502  C CZ  . ARG A 1 64 ? -6.73632  17.45353  19.55252  1.000 126.07782 ? 64 ARG A CZ  1 
ATOM 503  N NH1 . ARG A 1 64 ? -7.83534  18.00483  20.04214  1.000 124.02499 ? 64 ARG A NH1 1 
ATOM 504  N NH2 . ARG A 1 64 ? -5.57990  18.10339  19.66013  1.000 117.50994 ? 64 ARG A NH2 1 
ATOM 505  N N   . LEU A 1 65 ? -9.03597  11.54633  15.82619  1.000 83.92706  ? 65 LEU A N   1 
ATOM 506  C CA  . LEU A 1 65 ? -10.29737 10.96629  15.37449  1.000 84.11769  ? 65 LEU A CA  1 
ATOM 507  C C   . LEU A 1 65 ? -10.63036 9.65595   16.07153  1.000 83.08875  ? 65 LEU A C   1 
ATOM 508  O O   . LEU A 1 65 ? -11.71752 9.11199   15.84705  1.000 86.84066  ? 65 LEU A O   1 
ATOM 509  C CB  . LEU A 1 65 ? -10.27352 10.74157  13.86222  1.000 85.05117  ? 65 LEU A CB  1 
ATOM 510  C CG  . LEU A 1 65 ? -10.77677 11.88242  12.97284  1.000 87.13123  ? 65 LEU A CG  1 
ATOM 511  C CD1 . LEU A 1 65 ? -12.27168 12.08044  13.17545  1.000 93.22928  ? 65 LEU A CD1 1 
ATOM 512  C CD2 . LEU A 1 65 ? -10.02376 13.17723  13.21698  1.000 84.15655  ? 65 LEU A CD2 1 
ATOM 513  N N   . LEU A 1 66 ? -9.72343  9.12746   16.88569  1.000 84.41697  ? 66 LEU A N   1 
ATOM 514  C CA  . LEU A 1 66 ? -10.01094 7.95196   17.69302  1.000 84.91762  ? 66 LEU A CA  1 
ATOM 515  C C   . LEU A 1 66 ? -10.33813 8.31918   19.13338  1.000 87.31805  ? 66 LEU A C   1 
ATOM 516  O O   . LEU A 1 66 ? -11.11806 7.61314   19.78318  1.000 82.83884  ? 66 LEU A O   1 
ATOM 517  C CB  . LEU A 1 66 ? -8.81842  6.98914   17.64257  1.000 84.40451  ? 66 LEU A CB  1 
ATOM 518  C CG  . LEU A 1 66 ? -8.72139  5.72142   18.49130  1.000 96.09054  ? 66 LEU A CG  1 
ATOM 519  C CD1 . LEU A 1 66 ? -10.03132 4.96090   18.49036  1.000 94.31247  ? 66 LEU A CD1 1 
ATOM 520  C CD2 . LEU A 1 66 ? -7.60284  4.84687   17.96772  1.000 93.84639  ? 66 LEU A CD2 1 
ATOM 521  N N   . LYS A 1 67 ? -9.77165  9.42493   19.63001  1.000 92.03753  ? 67 LYS A N   1 
ATOM 522  C CA  . LYS A 1 67 ? -10.23285 10.00889  20.88646  1.000 92.48687  ? 67 LYS A CA  1 
ATOM 523  C C   . LYS A 1 67 ? -11.72504 10.30542  20.81568  1.000 98.27603  ? 67 LYS A C   1 
ATOM 524  O O   . LYS A 1 67 ? -12.51155 9.80206   21.62675  1.000 108.11029 ? 67 LYS A O   1 
ATOM 525  C CB  . LYS A 1 67 ? -9.43042  11.27749  21.20395  1.000 96.41974  ? 67 LYS A CB  1 
ATOM 526  C CG  . LYS A 1 67 ? -9.88320  12.03153  22.45644  1.000 103.94938 ? 67 LYS A CG  1 
ATOM 527  C CD  . LYS A 1 67 ? -8.91689  13.16893  22.80882  1.000 103.39585 ? 67 LYS A CD  1 
ATOM 528  C CE  . LYS A 1 67 ? -9.27690  13.84619  24.13350  1.000 99.92696  ? 67 LYS A CE  1 
ATOM 529  N NZ  . LYS A 1 67 ? -8.26691  14.86684  24.55472  1.000 102.57794 ? 67 LYS A NZ  1 
ATOM 530  N N   . GLU A 1 68 ? -12.13454 11.11637  19.84394  1.000 89.60471  ? 68 GLU A N   1 
ATOM 531  C CA  . GLU A 1 68 ? -13.53928 11.16231  19.47715  1.000 85.02389  ? 68 GLU A CA  1 
ATOM 532  C C   . GLU A 1 68 ? -13.92975 9.83108   18.84491  1.000 89.29785  ? 68 GLU A C   1 
ATOM 533  O O   . GLU A 1 68 ? -13.08614 9.09767   18.32191  1.000 93.72074  ? 68 GLU A O   1 
ATOM 534  C CB  . GLU A 1 68 ? -13.80807 12.31025  18.50192  1.000 90.26585  ? 68 GLU A CB  1 
ATOM 535  C CG  . GLU A 1 68 ? -13.92326 13.70167  19.13780  1.000 108.28497 ? 68 GLU A CG  1 
ATOM 536  C CD  . GLU A 1 68 ? -12.68499 14.13476  19.92960  1.000 117.38739 ? 68 GLU A CD  1 
ATOM 537  O OE1 . GLU A 1 68 ? -11.63688 13.45582  19.86620  1.000 104.21172 ? 68 GLU A OE1 1 
ATOM 538  O OE2 . GLU A 1 68 ? -12.76330 15.17416  20.61796  1.000 119.17718 ? 68 GLU A OE2 1 
ATOM 539  N N   . SER A 1 69 ? -15.22316 9.51568   18.90325  1.000 88.35911  ? 69 SER A N   1 
ATOM 540  C CA  . SER A 1 69 ? -15.70861 8.23983   18.38838  1.000 97.80473  ? 69 SER A CA  1 
ATOM 541  C C   . SER A 1 69 ? -15.00402 7.06895   19.06320  1.000 105.14377 ? 69 SER A C   1 
ATOM 542  O O   . SER A 1 69 ? -15.25437 6.76970   20.23613  1.000 97.79153  ? 69 SER A O   1 
ATOM 543  C CB  . SER A 1 69 ? -15.52191 8.16662   16.86824  1.000 97.75584  ? 69 SER A CB  1 
ATOM 544  O OG  . SER A 1 69 ? -15.65860 6.83899   16.39156  1.000 103.32806 ? 69 SER A OG  1 
ATOM 545  N N   . GLY A 1 70 ? -14.10795 6.41466   18.33124  1.000 109.03861 ? 70 GLY A N   1 
ATOM 546  C CA  . GLY A 1 70 ? -13.47968 5.20263   18.81215  1.000 109.23311 ? 70 GLY A CA  1 
ATOM 547  C C   . GLY A 1 70 ? -13.88219 3.99796   17.98816  1.000 113.68152 ? 70 GLY A C   1 
ATOM 548  O O   . GLY A 1 70 ? -13.89550 2.86976   18.49004  1.000 108.64935 ? 70 GLY A O   1 
ATOM 549  N N   . GLY A 1 71 ? -14.21251 4.22938   16.70817  1.000 110.82967 ? 71 GLY A N   1 
ATOM 550  C CA  . GLY A 1 71 ? -14.68513 3.16689   15.84659  1.000 106.66108 ? 71 GLY A CA  1 
ATOM 551  C C   . GLY A 1 71 ? -13.56525 2.41319   15.14503  1.000 112.52446 ? 71 GLY A C   1 
ATOM 552  O O   . GLY A 1 71 ? -12.38995 2.77401   15.21632  1.000 113.01780 ? 71 GLY A O   1 
ATOM 553  N N   . GLU A 1 72 ? -13.96122 1.33953   14.45388  1.000 108.75707 ? 72 GLU A N   1 
ATOM 554  C CA  . GLU A 1 72 ? -12.99501 0.52304   13.72615  1.000 110.12584 ? 72 GLU A CA  1 
ATOM 555  C C   . GLU A 1 72 ? -12.45453 1.24648   12.49782  1.000 109.17091 ? 72 GLU A C   1 
ATOM 556  O O   . GLU A 1 72 ? -11.31448 0.99766   12.08712  1.000 99.28957  ? 72 GLU A O   1 
ATOM 557  C CB  . GLU A 1 72 ? -13.63094 -0.81465  13.33125  1.000 116.00771 ? 72 GLU A CB  1 
ATOM 558  C CG  . GLU A 1 72 ? -14.88779 -0.69603  12.46747  1.000 129.33352 ? 72 GLU A CG  1 
ATOM 559  C CD  . GLU A 1 72 ? -15.51658 -2.04591  12.13760  1.000 139.69832 ? 72 GLU A CD  1 
ATOM 560  O OE1 . GLU A 1 72 ? -14.79606 -2.95190  11.66408  1.000 140.19647 ? 72 GLU A OE1 1 
ATOM 561  O OE2 . GLU A 1 72 ? -16.73796 -2.19982  12.35186  1.000 136.10763 ? 72 GLU A OE2 1 
ATOM 562  N N   . VAL A 1 73 ? -13.24831 2.14228   11.90379  1.000 112.15276 ? 73 VAL A N   1 
ATOM 563  C CA  . VAL A 1 73 ? -12.79121 2.86875   10.72333  1.000 104.70387 ? 73 VAL A CA  1 
ATOM 564  C C   . VAL A 1 73 ? -11.70532 3.87232   11.09317  1.000 96.76888  ? 73 VAL A C   1 
ATOM 565  O O   . VAL A 1 73 ? -10.76097 4.08399   10.32222  1.000 93.26945  ? 73 VAL A O   1 
ATOM 566  C CB  . VAL A 1 73 ? -13.98501 3.53741   10.01092  1.000 109.98741 ? 73 VAL A CB  1 
ATOM 567  C CG1 . VAL A 1 73 ? -14.54344 4.69455   10.83339  1.000 114.64689 ? 73 VAL A CG1 1 
ATOM 568  C CG2 . VAL A 1 73 ? -13.58151 4.00623   8.61835   1.000 104.40050 ? 73 VAL A CG2 1 
ATOM 569  N N   . ALA A 1 74 ? -11.81019 4.50212   12.26736  1.000 96.18600  ? 74 ALA A N   1 
ATOM 570  C CA  . ALA A 1 74 ? -10.71400 5.32016   12.76670  1.000 94.20457  ? 74 ALA A CA  1 
ATOM 571  C C   . ALA A 1 74 ? -9.52964  4.45961   13.17004  1.000 92.80787  ? 74 ALA A C   1 
ATOM 572  O O   . ALA A 1 74 ? -8.37791  4.87129   12.99307  1.000 85.48458  ? 74 ALA A O   1 
ATOM 573  C CB  . ALA A 1 74 ? -11.17722 6.16815   13.95282  1.000 94.10851  ? 74 ALA A CB  1 
ATOM 574  N N   . ARG A 1 75 ? -9.79712  3.26511   13.70001  1.000 99.07232  ? 75 ARG A N   1 
ATOM 575  C CA  . ARG A 1 75 ? -8.72045  2.35437   14.06476  1.000 95.04976  ? 75 ARG A CA  1 
ATOM 576  C C   . ARG A 1 75 ? -7.91639  1.94344   12.83923  1.000 86.59753  ? 75 ARG A C   1 
ATOM 577  O O   . ARG A 1 75 ? -6.68193  2.01028   12.84518  1.000 91.14553  ? 75 ARG A O   1 
ATOM 578  C CB  . ARG A 1 75 ? -9.29514  1.13197   14.77789  1.000 99.55916  ? 75 ARG A CB  1 
ATOM 579  C CG  . ARG A 1 75 ? -8.32659  0.46351   15.73409  1.000 110.96364 ? 75 ARG A CG  1 
ATOM 580  C CD  . ARG A 1 75 ? -9.07070  -0.44345  16.68879  1.000 121.37985 ? 75 ARG A CD  1 
ATOM 581  N NE  . ARG A 1 75 ? -9.98767  0.31600   17.52945  1.000 116.68221 ? 75 ARG A NE  1 
ATOM 582  C CZ  . ARG A 1 75 ? -10.89804 -0.22790  18.32365  1.000 112.31575 ? 75 ARG A CZ  1 
ATOM 583  N NH1 . ARG A 1 75 ? -11.03145 -1.54093  18.42374  1.000 101.35672 ? 75 ARG A NH1 1 
ATOM 584  N NH2 . ARG A 1 75 ? -11.69362 0.56553   19.03530  1.000 112.07066 ? 75 ARG A NH2 1 
ATOM 585  N N   . GLU A 1 76 ? -8.60047  1.52754   11.77042  1.000 83.55474  ? 76 GLU A N   1 
ATOM 586  C CA  . GLU A 1 76 ? -7.89008  1.14003   10.55633  1.000 82.56365  ? 76 GLU A CA  1 
ATOM 587  C C   . GLU A 1 76 ? -7.12085  2.31725   9.96555   1.000 81.70814  ? 76 GLU A C   1 
ATOM 588  O O   . GLU A 1 76 ? -6.00499  2.14318   9.46320   1.000 85.01883  ? 76 GLU A O   1 
ATOM 589  C CB  . GLU A 1 76 ? -8.86646  0.55238   9.53425   1.000 84.21819  ? 76 GLU A CB  1 
ATOM 590  C CG  . GLU A 1 76 ? -8.21530  0.14041   8.21574   1.000 85.77129  ? 76 GLU A CG  1 
ATOM 591  C CD  . GLU A 1 76 ? -9.22660  -0.16131  7.12299   1.000 98.21036  ? 76 GLU A CD  1 
ATOM 592  O OE1 . GLU A 1 76 ? -10.44271 -0.05826  7.39103   1.000 97.84389  ? 76 GLU A OE1 1 
ATOM 593  O OE2 . GLU A 1 76 ? -8.80338  -0.50380  5.99646   1.000 96.08923  ? 76 GLU A OE2 1 
ATOM 594  N N   . ALA A 1 77 ? -7.68566  3.52640   10.03232  1.000 78.21325  ? 77 ALA A N   1 
ATOM 595  C CA  . ALA A 1 77 ? -6.97139  4.69265   9.52116   1.000 72.41572  ? 77 ALA A CA  1 
ATOM 596  C C   . ALA A 1 77 ? -5.70383  4.96687   10.31725  1.000 69.62503  ? 77 ALA A C   1 
ATOM 597  O O   . ALA A 1 77 ? -4.75913  5.56840   9.79357   1.000 68.72255  ? 77 ALA A O   1 
ATOM 598  C CB  . ALA A 1 77 ? -7.87717  5.92221   9.53977   1.000 73.81325  ? 77 ALA A CB  1 
ATOM 599  N N   . LEU A 1 78 ? -5.66556  4.54671   11.58353  1.000 77.16774  ? 78 LEU A N   1 
ATOM 600  C CA  . LEU A 1 78 ? -4.46580  4.75438   12.38842  1.000 80.98968  ? 78 LEU A CA  1 
ATOM 601  C C   . LEU A 1 78 ? -3.37421  3.76570   12.00078  1.000 79.68664  ? 78 LEU A C   1 
ATOM 602  O O   . LEU A 1 78 ? -2.19775  4.13445   11.89300  1.000 77.30929  ? 78 LEU A O   1 
ATOM 603  C CB  . LEU A 1 78 ? -4.80334  4.63097   13.87554  1.000 74.64291  ? 78 LEU A CB  1 
ATOM 604  C CG  . LEU A 1 78 ? -3.66948  4.64390   14.90318  1.000 76.02851  ? 78 LEU A CG  1 
ATOM 605  C CD1 . LEU A 1 78 ? -2.65119  5.73159   14.59069  1.000 76.28497  ? 78 LEU A CD1 1 
ATOM 606  C CD2 . LEU A 1 78 ? -4.22276  4.82796   16.30450  1.000 86.68398  ? 78 LEU A CD2 1 
ATOM 607  N N   . GLU A 1 79 ? -3.74638  2.50261   11.78918  1.000 81.27776  ? 79 GLU A N   1 
ATOM 608  C CA  . GLU A 1 79 ? -2.76542  1.51536   11.35963  1.000 78.21602  ? 79 GLU A CA  1 
ATOM 609  C C   . GLU A 1 79 ? -2.15141  1.90874   10.02450  1.000 80.39759  ? 79 GLU A C   1 
ATOM 610  O O   . GLU A 1 79 ? -0.92746  1.86201   9.86162   1.000 82.61196  ? 79 GLU A O   1 
ATOM 611  C CB  . GLU A 1 79 ? -3.41340  0.13292   11.27115  1.000 89.39179  ? 79 GLU A CB  1 
ATOM 612  C CG  . GLU A 1 79 ? -3.43448  -0.62877  12.59580  1.000 97.65986  ? 79 GLU A CG  1 
ATOM 613  C CD  . GLU A 1 79 ? -3.99542  -2.03724  12.47181  1.000 112.72576 ? 79 GLU A CD  1 
ATOM 614  O OE1 . GLU A 1 79 ? -5.02552  -2.21894  11.78965  1.000 130.64349 ? 79 GLU A OE1 1 
ATOM 615  O OE2 . GLU A 1 79 ? -3.39819  -2.96806  13.04734  1.000 110.61464 ? 79 GLU A OE2 1 
ATOM 616  N N   . LEU A 1 80 ? -2.98579  2.32010   9.06280   1.000 83.22046  ? 80 LEU A N   1 
ATOM 617  C CA  . LEU A 1 80 ? -2.47720  2.70938   7.75185   1.000 76.35664  ? 80 LEU A CA  1 
ATOM 618  C C   . LEU A 1 80 ? -1.53568  3.90009   7.84679   1.000 72.26737  ? 80 LEU A C   1 
ATOM 619  O O   . LEU A 1 80 ? -0.53629  3.94986   7.12359   1.000 72.56982  ? 80 LEU A O   1 
ATOM 620  C CB  . LEU A 1 80 ? -3.64243  3.01318   6.81053   1.000 75.98046  ? 80 LEU A CB  1 
ATOM 621  C CG  . LEU A 1 80 ? -4.55653  1.82745   6.48666   1.000 83.54791  ? 80 LEU A CG  1 
ATOM 622  C CD1 . LEU A 1 80 ? -5.68131  2.22930   5.54572   1.000 94.54279  ? 80 LEU A CD1 1 
ATOM 623  C CD2 . LEU A 1 80 ? -3.75253  0.66934   5.91443   1.000 87.53632  ? 80 LEU A CD2 1 
ATOM 624  N N   . ALA A 1 81 ? -1.83333  4.86246   8.72282   1.000 72.78340  ? 81 ALA A N   1 
ATOM 625  C CA  . ALA A 1 81 ? -0.90586  5.96516   8.94281   1.000 72.79425  ? 81 ALA A CA  1 
ATOM 626  C C   . ALA A 1 81 ? 0.39801   5.46796   9.55121   1.000 74.86060  ? 81 ALA A C   1 
ATOM 627  O O   . ALA A 1 81 ? 1.48206   5.89601   9.13976   1.000 82.55181  ? 81 ALA A O   1 
ATOM 628  C CB  . ALA A 1 81 ? -1.55131  7.02314   9.83607   1.000 76.65756  ? 81 ALA A CB  1 
ATOM 629  N N   . ARG A 1 82 ? 0.31363   4.56207   10.53027  1.000 75.56242  ? 82 ARG A N   1 
ATOM 630  C CA  . ARG A 1 82 ? 1.52428   4.01822   11.13788  1.000 78.69968  ? 82 ARG A CA  1 
ATOM 631  C C   . ARG A 1 82 ? 2.37611   3.29021   10.10452  1.000 76.09011  ? 82 ARG A C   1 
ATOM 632  O O   . ARG A 1 82 ? 3.59623   3.48705   10.04518  1.000 75.13053  ? 82 ARG A O   1 
ATOM 633  C CB  . ARG A 1 82 ? 1.15958   3.08722   12.29742  1.000 90.66578  ? 82 ARG A CB  1 
ATOM 634  C CG  . ARG A 1 82 ? 2.32834   2.74440   13.21153  1.000 97.23626  ? 82 ARG A CG  1 
ATOM 635  C CD  . ARG A 1 82 ? 2.63864   3.89908   14.14833  1.000 96.23161  ? 82 ARG A CD  1 
ATOM 636  N NE  . ARG A 1 82 ? 3.98003   3.83033   14.71911  1.000 100.13332 ? 82 ARG A NE  1 
ATOM 637  C CZ  . ARG A 1 82 ? 4.44890   4.66247   15.64067  1.000 91.04422  ? 82 ARG A CZ  1 
ATOM 638  N NH1 . ARG A 1 82 ? 3.71590   5.65833   16.11126  1.000 80.36480  ? 82 ARG A NH1 1 
ATOM 639  N NH2 . ARG A 1 82 ? 5.68809   4.49665   16.09529  1.000 89.03762  ? 82 ARG A NH2 1 
ATOM 640  N N   . GLU A 1 83 ? 1.74735   2.45304   9.27242   1.000 73.54450  ? 83 GLU A N   1 
ATOM 641  C CA  . GLU A 1 83 ? 2.48239   1.77053   8.21047   1.000 72.85890  ? 83 GLU A CA  1 
ATOM 642  C C   . GLU A 1 83 ? 3.16275   2.77305   7.28786   1.000 76.22921  ? 83 GLU A C   1 
ATOM 643  O O   . GLU A 1 83 ? 4.34707   2.62298   6.96252   1.000 78.03119  ? 83 GLU A O   1 
ATOM 644  C CB  . GLU A 1 83 ? 1.54190   0.85928   7.41612   1.000 72.35450  ? 83 GLU A CB  1 
ATOM 645  C CG  . GLU A 1 83 ? 2.22300   -0.11896  6.44203   1.000 80.97674  ? 83 GLU A CG  1 
ATOM 646  C CD  . GLU A 1 83 ? 3.13358   -1.12730  7.12935   1.000 98.14842  ? 83 GLU A CD  1 
ATOM 647  O OE1 . GLU A 1 83 ? 2.69351   -1.74267  8.12202   1.000 109.06241 ? 83 GLU A OE1 1 
ATOM 648  O OE2 . GLU A 1 83 ? 4.27904   -1.32075  6.66645   1.000 104.68454 ? 83 GLU A OE2 1 
ATOM 649  N N   . ALA A 1 84 ? 2.43197   3.81183   6.86976   1.000 73.10422  ? 84 ALA A N   1 
ATOM 650  C CA  . ALA A 1 84 ? 3.02763   4.85375   6.03991   1.000 70.01755  ? 84 ALA A CA  1 
ATOM 651  C C   . ALA A 1 84 ? 4.20424   5.51661   6.74463   1.000 77.44393  ? 84 ALA A C   1 
ATOM 652  O O   . ALA A 1 84 ? 5.23784   5.77836   6.11797   1.000 77.98605  ? 84 ALA A O   1 
ATOM 653  C CB  . ALA A 1 84 ? 1.97484   5.89284   5.66075   1.000 61.02740  ? 84 ALA A CB  1 
ATOM 654  N N   . ARG A 1 85 ? 4.07156   5.79166   8.04793   1.000 82.43232  ? 85 ARG A N   1 
ATOM 655  C CA  . ARG A 1 85 ? 5.19439   6.35090   8.79839   1.000 80.24722  ? 85 ARG A CA  1 
ATOM 656  C C   . ARG A 1 85 ? 6.38121   5.39924   8.79107   1.000 85.10432  ? 85 ARG A C   1 
ATOM 657  O O   . ARG A 1 85 ? 7.53241   5.82891   8.65027   1.000 83.12945  ? 85 ARG A O   1 
ATOM 658  C CB  . ARG A 1 85 ? 4.78382   6.66313   10.24027  1.000 79.27783  ? 85 ARG A CB  1 
ATOM 659  C CG  . ARG A 1 85 ? 5.80263   7.52097   11.00821  1.000 84.88742  ? 85 ARG A CG  1 
ATOM 660  C CD  . ARG A 1 85 ? 5.59153   7.46872   12.52655  1.000 95.69553  ? 85 ARG A CD  1 
ATOM 661  N NE  . ARG A 1 85 ? 6.33006   8.50739   13.24216  1.000 90.57356  ? 85 ARG A NE  1 
ATOM 662  C CZ  . ARG A 1 85 ? 7.65232   8.59880   13.31401  1.000 92.30246  ? 85 ARG A CZ  1 
ATOM 663  N NH1 . ARG A 1 85 ? 8.44179   7.68454   12.77165  1.000 85.06886  ? 85 ARG A NH1 1 
ATOM 664  N NH2 . ARG A 1 85 ? 8.19816   9.62899   13.95546  1.000 91.10839  ? 85 ARG A NH2 1 
ATOM 665  N N   . ARG A 1 86 ? 6.11881   4.09985   8.93966   1.000 79.16411  ? 86 ARG A N   1 
ATOM 666  C CA  . ARG A 1 86 ? 7.20694   3.13186   8.96024   1.000 71.42307  ? 86 ARG A CA  1 
ATOM 667  C C   . ARG A 1 86 ? 7.85387   2.99488   7.58977   1.000 76.03478  ? 86 ARG A C   1 
ATOM 668  O O   . ARG A 1 86 ? 9.08306   2.91468   7.48592   1.000 83.61120  ? 86 ARG A O   1 
ATOM 669  C CB  . ARG A 1 86 ? 6.69590   1.78563   9.46137   1.000 86.87406  ? 86 ARG A CB  1 
ATOM 670  C CG  . ARG A 1 86 ? 6.20096   1.83937   10.89194  1.000 92.39088  ? 86 ARG A CG  1 
ATOM 671  C CD  . ARG A 1 86 ? 5.76573   0.47441   11.38489  1.000 103.00715 ? 86 ARG A CD  1 
ATOM 672  N NE  . ARG A 1 86 ? 4.99205   0.55901   12.61842  1.000 116.54022 ? 86 ARG A NE  1 
ATOM 673  C CZ  . ARG A 1 86 ? 5.49703   0.87703   13.80426  1.000 123.39710 ? 86 ARG A CZ  1 
ATOM 674  N NH1 . ARG A 1 86 ? 6.77875   1.17274   13.95585  1.000 123.76499 ? 86 ARG A NH1 1 
ATOM 675  N NH2 . ARG A 1 86 ? 4.69666   0.89592   14.86667  1.000 122.81751 ? 86 ARG A NH2 1 
ATOM 676  N N   . GLU A 1 87 ? 7.05145   2.97333   6.52444   1.000 73.09043  ? 87 GLU A N   1 
ATOM 677  C CA  . GLU A 1 87 ? 7.64017   2.90662   5.19259   1.000 78.61564  ? 87 GLU A CA  1 
ATOM 678  C C   . GLU A 1 87 ? 8.43259   4.16537   4.86544   1.000 82.44600  ? 87 GLU A C   1 
ATOM 679  O O   . GLU A 1 87 ? 9.41511   4.09958   4.11728   1.000 85.95871  ? 87 GLU A O   1 
ATOM 680  C CB  . GLU A 1 87 ? 6.56071   2.67099   4.13687   1.000 78.16415  ? 87 GLU A CB  1 
ATOM 681  C CG  . GLU A 1 87 ? 6.07609   1.23041   4.05726   1.000 85.29898  ? 87 GLU A CG  1 
ATOM 682  C CD  . GLU A 1 87 ? 7.08640   0.29990   3.40530   1.000 91.25959  ? 87 GLU A CD  1 
ATOM 683  O OE1 . GLU A 1 87 ? 8.13234   0.78542   2.92631   1.000 89.39493  ? 87 GLU A OE1 1 
ATOM 684  O OE2 . GLU A 1 87 ? 6.83436   -0.92292  3.37369   1.000 96.81516  ? 87 GLU A OE2 1 
ATOM 685  N N   . ALA A 1 88 ? 8.03207   5.31354   5.41587   1.000 74.55436  ? 88 ALA A N   1 
ATOM 686  C CA  . ALA A 1 88 ? 8.77316   6.54343   5.15846   1.000 76.48786  ? 88 ALA A CA  1 
ATOM 687  C C   . ALA A 1 88 ? 10.09557  6.56508   5.91750   1.000 87.17422  ? 88 ALA A C   1 
ATOM 688  O O   . ALA A 1 88 ? 11.11791  7.00242   5.37555   1.000 92.57642  ? 88 ALA A O   1 
ATOM 689  C CB  . ALA A 1 88 ? 7.92156   7.75718   5.52284   1.000 82.52821  ? 88 ALA A CB  1 
ATOM 690  N N   . ARG A 1 89 ? 10.09610  6.10827   7.17609   1.000 86.55356  ? 89 ARG A N   1 
ATOM 691  C CA  . ARG A 1 89 ? 11.34460  6.02010   7.93104   1.000 82.56511  ? 89 ARG A CA  1 
ATOM 692  C C   . ARG A 1 89 ? 12.33392  5.08367   7.25001   1.000 79.24763  ? 89 ARG A C   1 
ATOM 693  O O   . ARG A 1 89 ? 13.54760  5.31431   7.30265   1.000 78.52612  ? 89 ARG A O   1 
ATOM 694  C CB  . ARG A 1 89 ? 11.06458  5.54742   9.36054   1.000 89.44686  ? 89 ARG A CB  1 
ATOM 695  C CG  . ARG A 1 89 ? 11.03292  6.64551   10.43391  1.000 103.40048 ? 89 ARG A CG  1 
ATOM 696  C CD  . ARG A 1 89 ? 12.39623  7.28562   10.72274  1.000 102.93993 ? 89 ARG A CD  1 
ATOM 697  N NE  . ARG A 1 89 ? 12.45231  7.79604   12.09248  1.000 122.54397 ? 89 ARG A NE  1 
ATOM 698  C CZ  . ARG A 1 89 ? 13.09754  8.89390   12.46857  1.000 110.26430 ? 89 ARG A CZ  1 
ATOM 699  N NH1 . ARG A 1 89 ? 13.78647  9.61982   11.60505  1.000 102.54222 ? 89 ARG A NH1 1 
ATOM 700  N NH2 . ARG A 1 89 ? 13.04561  9.27565   13.74390  1.000 95.47212  ? 89 ARG A NH2 1 
ATOM 701  N N   . GLU A 1 90 ? 11.83547  4.02600   6.60420   1.000 74.11718  ? 90 GLU A N   1 
ATOM 702  C CA  . GLU A 1 90 ? 12.71795  3.12898   5.86672   1.000 73.31531  ? 90 GLU A CA  1 
ATOM 703  C C   . GLU A 1 90 ? 13.27250  3.80599   4.62098   1.000 82.12062  ? 90 GLU A C   1 
ATOM 704  O O   . GLU A 1 90 ? 14.46666  3.68804   4.32583   1.000 94.96474  ? 90 GLU A O   1 
ATOM 705  C CB  . GLU A 1 90 ? 11.97737  1.84549   5.49489   1.000 80.08264  ? 90 GLU A CB  1 
ATOM 706  C CG  . GLU A 1 90 ? 11.72772  0.91282   6.66800   1.000 76.49014  ? 90 GLU A CG  1 
ATOM 707  C CD  . GLU A 1 90 ? 11.20855  -0.44405  6.23265   1.000 95.74457  ? 90 GLU A CD  1 
ATOM 708  O OE1 . GLU A 1 90 ? 10.94138  -0.62795  5.02394   1.000 101.00690 ? 90 GLU A OE1 1 
ATOM 709  O OE2 . GLU A 1 90 ? 11.05518  -1.32510  7.10375   1.000 99.69032  ? 90 GLU A OE2 1 
ATOM 710  N N   . ALA A 1 91 ? 12.41976  4.50979   3.87082   1.000 81.29030  ? 91 ALA A N   1 
ATOM 711  C CA  . ALA A 1 91 ? 12.90742  5.29540   2.74148   1.000 82.17302  ? 91 ALA A CA  1 
ATOM 712  C C   . ALA A 1 91 ? 13.89382  6.36252   3.19583   1.000 84.18447  ? 91 ALA A C   1 
ATOM 713  O O   . ALA A 1 91 ? 14.82993  6.70000   2.46178   1.000 79.84141  ? 91 ALA A O   1 
ATOM 714  C CB  . ALA A 1 91 ? 11.73304  5.93522   2.00260   1.000 78.68631  ? 91 ALA A CB  1 
ATOM 715  N N   . LEU A 1 92 ? 13.69120  6.90472   4.39811   1.000 86.96410  ? 92 LEU A N   1 
ATOM 716  C CA  . LEU A 1 92 ? 14.64915  7.82407   5.00294   1.000 85.53518  ? 92 LEU A CA  1 
ATOM 717  C C   . LEU A 1 92 ? 16.01578  7.17568   5.17345   1.000 91.68487  ? 92 LEU A C   1 
ATOM 718  O O   . LEU A 1 92 ? 17.01473  7.63202   4.60645   1.000 90.70047  ? 92 LEU A O   1 
ATOM 719  C CB  . LEU A 1 92 ? 14.12983  8.28214   6.36098   1.000 83.29972  ? 92 LEU A CB  1 
ATOM 720  C CG  . LEU A 1 92 ? 14.90033  9.42511   7.01140   1.000 87.76418  ? 92 LEU A CG  1 
ATOM 721  C CD1 . LEU A 1 92 ? 15.22473  10.53617  6.01994   1.000 77.28393  ? 92 LEU A CD1 1 
ATOM 722  C CD2 . LEU A 1 92 ? 14.13385  9.92920   8.20628   1.000 102.21831 ? 92 LEU A CD2 1 
ATOM 723  N N   . GLU A 1 93 ? 16.07512  6.12398   5.99276   1.000 88.76193  ? 93 GLU A N   1 
ATOM 724  C CA  . GLU A 1 93 ? 17.34654  5.48168   6.30002   1.000 88.76093  ? 93 GLU A CA  1 
ATOM 725  C C   . GLU A 1 93 ? 18.00613  4.91861   5.04921   1.000 92.13583  ? 93 GLU A C   1 
ATOM 726  O O   . GLU A 1 93 ? 19.23814  4.88787   4.95763   1.000 99.88040  ? 93 GLU A O   1 
ATOM 727  C CB  . GLU A 1 93 ? 17.11879  4.38678   7.33998   1.000 86.93449  ? 93 GLU A CB  1 
ATOM 728  C CG  . GLU A 1 93 ? 16.68948  4.92869   8.69226   1.000 86.16262  ? 93 GLU A CG  1 
ATOM 729  C CD  . GLU A 1 93 ? 16.52391  3.84356   9.73008   1.000 91.51945  ? 93 GLU A CD  1 
ATOM 730  O OE1 . GLU A 1 93 ? 17.50471  3.11485   9.99405   1.000 94.57950  ? 93 GLU A OE1 1 
ATOM 731  O OE2 . GLU A 1 93 ? 15.41282  3.72769   10.28844  1.000 92.23166  ? 93 GLU A OE2 1 
ATOM 732  N N   . ALA A 1 94 ? 17.20831  4.47970   4.07407   1.000 94.01577  ? 94 ALA A N   1 
ATOM 733  C CA  . ALA A 1 94 ? 17.77349  4.00120   2.81833   1.000 95.02447  ? 94 ALA A CA  1 
ATOM 734  C C   . ALA A 1 94 ? 18.31091  5.14713   1.97159   1.000 96.08630  ? 94 ALA A C   1 
ATOM 735  O O   . ALA A 1 94 ? 19.21284  4.93844   1.15278   1.000 97.48998  ? 94 ALA A O   1 
ATOM 736  C CB  . ALA A 1 94 ? 16.72688  3.20807   2.03745   1.000 98.19147  ? 94 ALA A CB  1 
ATOM 737  N N   . ALA A 1 95 ? 17.77493  6.35695   2.14683   1.000 97.35382  ? 95 ALA A N   1 
ATOM 738  C CA  . ALA A 1 95 ? 18.30651  7.51442   1.43943   1.000 96.26473  ? 95 ALA A CA  1 
ATOM 739  C C   . ALA A 1 95 ? 19.57928  8.05204   2.07852   1.000 93.87000  ? 95 ALA A C   1 
ATOM 740  O O   . ALA A 1 95 ? 20.40103  8.65363   1.37839   1.000 90.31150  ? 95 ALA A O   1 
ATOM 741  C CB  . ALA A 1 95 ? 17.25472  8.62314   1.36752   1.000 89.33857  ? 95 ALA A CB  1 
ATOM 742  N N   . GLU A 1 96 ? 19.76293  7.84291   3.38582   1.000 95.62051  ? 96 GLU A N   1 
ATOM 743  C CA  . GLU A 1 96 ? 20.98378  8.29575   4.04509   1.000 96.62390  ? 96 GLU A CA  1 
ATOM 744  C C   . GLU A 1 96 ? 22.21110  7.56212   3.51463   1.000 94.62253  ? 96 GLU A C   1 
ATOM 745  O O   . GLU A 1 96 ? 23.30651  8.13537   3.47511   1.000 86.52676  ? 96 GLU A O   1 
ATOM 746  C CB  . GLU A 1 96 ? 20.86037  8.11631   5.56298   1.000 95.09381  ? 96 GLU A CB  1 
ATOM 747  C CG  . GLU A 1 96 ? 20.12648  9.25828   6.26872   1.000 96.22421  ? 96 GLU A CG  1 
ATOM 748  C CD  . GLU A 1 96 ? 19.83265  8.97605   7.73566   1.000 101.62277 ? 96 GLU A CD  1 
ATOM 749  O OE1 . GLU A 1 96 ? 20.03495  7.82666   8.18476   1.000 101.53028 ? 96 GLU A OE1 1 
ATOM 750  O OE2 . GLU A 1 96 ? 19.38701  9.90978   8.43768   1.000 98.25733  ? 96 GLU A OE2 1 
ATOM 751  N N   . GLU A 1 97 ? 22.04721  6.31154   3.09189   1.000 95.07862  ? 97 GLU A N   1 
ATOM 752  C CA  . GLU A 1 97 ? 23.15409  5.51534   2.57113   1.000 92.17812  ? 97 GLU A CA  1 
ATOM 753  C C   . GLU A 1 97 ? 23.32200  5.70185   1.06679   1.000 91.68707  ? 97 GLU A C   1 
ATOM 754  O O   . GLU A 1 97 ? 23.99339  6.63442   0.62197   1.000 96.05870  ? 97 GLU A O   1 
ATOM 755  C CB  . GLU A 1 97 ? 22.94484  4.03352   2.90822   1.000 90.81754  ? 97 GLU A CB  1 
ATOM 756  C CG  . GLU A 1 97 ? 21.79549  3.36060   2.16216   1.000 95.49457  ? 97 GLU A CG  1 
ATOM 757  C CD  . GLU A 1 97 ? 21.45531  1.98567   2.72464   1.000 107.28391 ? 97 GLU A CD  1 
ATOM 758  O OE1 . GLU A 1 97 ? 21.48629  1.82094   3.96254   1.000 108.43683 ? 97 GLU A OE1 1 
ATOM 759  O OE2 . GLU A 1 97 ? 21.14670  1.06991   1.93377   1.000 105.43716 ? 97 GLU A OE2 1 
ATOM 760  N N   . LEU B 1 2  ? 18.31668  -15.47214 -4.21382  1.000 89.85907  ? 2  LEU B N   1 
ATOM 761  C CA  . LEU B 1 2  ? 16.92727  -15.78783 -3.90669  1.000 91.03343  ? 2  LEU B CA  1 
ATOM 762  C C   . LEU B 1 2  ? 16.26111  -14.67266 -3.10658  1.000 99.58194  ? 2  LEU B C   1 
ATOM 763  O O   . LEU B 1 2  ? 15.04746  -14.48733 -3.18066  1.000 105.04671 ? 2  LEU B O   1 
ATOM 764  C CB  . LEU B 1 2  ? 16.83819  -17.10930 -3.14427  1.000 84.03051  ? 2  LEU B CB  1 
ATOM 765  C CG  . LEU B 1 2  ? 15.44369  -17.73302 -3.10446  1.000 95.89166  ? 2  LEU B CG  1 
ATOM 766  C CD1 . LEU B 1 2  ? 15.07372  -18.29376 -4.46518  1.000 93.31990  ? 2  LEU B CD1 1 
ATOM 767  C CD2 . LEU B 1 2  ? 15.37034  -18.81387 -2.03939  1.000 105.57293 ? 2  LEU B CD2 1 
ATOM 768  N N   . GLU B 1 3  ? 17.06798  -13.93082 -2.34189  1.000 106.07714 ? 3  GLU B N   1 
ATOM 769  C CA  . GLU B 1 3  ? 16.54427  -12.80528 -1.57319  1.000 98.56110  ? 3  GLU B CA  1 
ATOM 770  C C   . GLU B 1 3  ? 16.11340  -11.66002 -2.48320  1.000 100.80722 ? 3  GLU B C   1 
ATOM 771  O O   . GLU B 1 3  ? 15.24186  -10.86691 -2.10918  1.000 98.78525  ? 3  GLU B O   1 
ATOM 772  C CB  . GLU B 1 3  ? 17.58225  -12.30553 -0.56211  1.000 94.57176  ? 3  GLU B CB  1 
ATOM 773  C CG  . GLU B 1 3  ? 18.92685  -11.83821 -1.14435  1.000 103.68752 ? 3  GLU B CG  1 
ATOM 774  C CD  . GLU B 1 3  ? 19.72215  -12.94069 -1.82890  1.000 103.71902 ? 3  GLU B CD  1 
ATOM 775  O OE1 . GLU B 1 3  ? 19.91648  -14.00894 -1.21031  1.000 95.53712  ? 3  GLU B OE1 1 
ATOM 776  O OE2 . GLU B 1 3  ? 20.15408  -12.73871 -2.98376  1.000 95.83491  ? 3  GLU B OE2 1 
ATOM 777  N N   . GLU B 1 4  ? 16.72423  -11.55007 -3.66600  1.000 106.57782 ? 4  GLU B N   1 
ATOM 778  C CA  . GLU B 1 4  ? 16.26574  -10.58970 -4.66450  1.000 102.84678 ? 4  GLU B CA  1 
ATOM 779  C C   . GLU B 1 4  ? 14.93773  -11.00510 -5.27802  1.000 98.73142  ? 4  GLU B C   1 
ATOM 780  O O   . GLU B 1 4  ? 14.13768  -10.14436 -5.66380  1.000 101.21952 ? 4  GLU B O   1 
ATOM 781  C CB  . GLU B 1 4  ? 17.32704  -10.42185 -5.75224  1.000 110.58599 ? 4  GLU B CB  1 
ATOM 782  C CG  . GLU B 1 4  ? 16.96351  -9.43290  -6.85173  1.000 120.68151 ? 4  GLU B CG  1 
ATOM 783  C CD  . GLU B 1 4  ? 16.73713  -8.02603  -6.34500  1.000 126.47460 ? 4  GLU B CD  1 
ATOM 784  O OE1 . GLU B 1 4  ? 17.58962  -7.51067  -5.59140  1.000 127.71940 ? 4  GLU B OE1 1 
ATOM 785  O OE2 . GLU B 1 4  ? 15.70285  -7.43195  -6.71521  1.000 120.22530 ? 4  GLU B OE2 1 
ATOM 786  N N   . GLU B 1 5  ? 14.68664  -12.30964 -5.38234  1.000 95.53046  ? 5  GLU B N   1 
ATOM 787  C CA  . GLU B 1 5  ? 13.40235  -12.76343 -5.89928  1.000 98.38844  ? 5  GLU B CA  1 
ATOM 788  C C   . GLU B 1 5  ? 12.26752  -12.37582 -4.95857  1.000 100.65774 ? 5  GLU B C   1 
ATOM 789  O O   . GLU B 1 5  ? 11.18979  -11.97277 -5.41099  1.000 101.83437 ? 5  GLU B O   1 
ATOM 790  C CB  . GLU B 1 5  ? 13.44031  -14.27312 -6.12992  1.000 100.33531 ? 5  GLU B CB  1 
ATOM 791  C CG  . GLU B 1 5  ? 12.19485  -14.83650 -6.78482  1.000 103.08034 ? 5  GLU B CG  1 
ATOM 792  C CD  . GLU B 1 5  ? 12.43886  -16.19181 -7.40806  1.000 111.73962 ? 5  GLU B CD  1 
ATOM 793  O OE1 . GLU B 1 5  ? 13.32958  -16.29081 -8.27786  1.000 119.76817 ? 5  GLU B OE1 1 
ATOM 794  O OE2 . GLU B 1 5  ? 11.74986  -17.15952 -7.02254  1.000 108.78538 ? 5  GLU B OE2 1 
ATOM 795  N N   . ALA B 1 6  ? 12.49959  -12.46487 -3.64623  1.000 99.39039  ? 6  ALA B N   1 
ATOM 796  C CA  . ALA B 1 6  ? 11.47798  -12.06343 -2.68579  1.000 85.74983  ? 6  ALA B CA  1 
ATOM 797  C C   . ALA B 1 6  ? 11.24746  -10.55690 -2.70591  1.000 80.24451  ? 6  ALA B C   1 
ATOM 798  O O   . ALA B 1 6  ? 10.12528  -10.10185 -2.45916  1.000 79.25610  ? 6  ALA B O   1 
ATOM 799  C CB  . ALA B 1 6  ? 11.86592  -12.53076 -1.28339  1.000 88.55368  ? 6  ALA B CB  1 
ATOM 800  N N   . ARG B 1 7  ? 12.28823  -9.77136  -2.99550  1.000 81.37916  ? 7  ARG B N   1 
ATOM 801  C CA  . ARG B 1 7  ? 12.10913  -8.33003  -3.14180  1.000 81.40082  ? 7  ARG B CA  1 
ATOM 802  C C   . ARG B 1 7  ? 11.20060  -8.01335  -4.32575  1.000 85.19111  ? 7  ARG B C   1 
ATOM 803  O O   . ARG B 1 7  ? 10.35337  -7.11599  -4.24598  1.000 84.34860  ? 7  ARG B O   1 
ATOM 804  C CB  . ARG B 1 7  ? 13.47055  -7.65173  -3.31165  1.000 87.63149  ? 7  ARG B CB  1 
ATOM 805  C CG  . ARG B 1 7  ? 13.97604  -6.88209  -2.09245  1.000 84.79027  ? 7  ARG B CG  1 
ATOM 806  C CD  . ARG B 1 7  ? 15.03415  -5.83726  -2.47321  1.000 93.66060  ? 7  ARG B CD  1 
ATOM 807  N NE  . ARG B 1 7  ? 14.53185  -4.82279  -3.39514  1.000 97.54929  ? 7  ARG B NE  1 
ATOM 808  C CZ  . ARG B 1 7  ? 15.25964  -3.82615  -3.88438  1.000 94.78903  ? 7  ARG B CZ  1 
ATOM 809  N NH1 . ARG B 1 7  ? 16.54354  -3.69926  -3.59211  1.000 86.10656  ? 7  ARG B NH1 1 
ATOM 810  N NH2 . ARG B 1 7  ? 14.68637  -2.93713  -4.69155  1.000 94.55052  ? 7  ARG B NH2 1 
ATOM 811  N N   . GLU B 1 8  ? 11.36036  -8.74417  -5.43299  1.000 86.29066  ? 8  GLU B N   1 
ATOM 812  C CA  . GLU B 1 8  ? 10.51199  -8.52513  -6.59790  1.000 81.33636  ? 8  GLU B CA  1 
ATOM 813  C C   . GLU B 1 8  ? 9.08992   -9.00141  -6.34603  1.000 84.09082  ? 8  GLU B C   1 
ATOM 814  O O   . GLU B 1 8  ? 8.12865   -8.33876  -6.74880  1.000 94.41039  ? 8  GLU B O   1 
ATOM 815  C CB  . GLU B 1 8  ? 11.10563  -9.22475  -7.82416  1.000 88.89067  ? 8  GLU B CB  1 
ATOM 816  C CG  . GLU B 1 8  ? 12.52079  -8.78760  -8.23052  1.000 98.05780  ? 8  GLU B CG  1 
ATOM 817  C CD  . GLU B 1 8  ? 12.67681  -7.28632  -8.48217  1.000 114.90419 ? 8  GLU B CD  1 
ATOM 818  O OE1 . GLU B 1 8  ? 11.72875  -6.49399  -8.26466  1.000 109.66919 ? 8  GLU B OE1 1 
ATOM 819  O OE2 . GLU B 1 8  ? 13.78773  -6.89382  -8.89361  1.000 125.14911 ? 8  GLU B OE2 1 
ATOM 820  N N   . LEU B 1 9  ? 8.93429   -10.16089 -5.70036  1.000 80.83719  ? 9  LEU B N   1 
ATOM 821  C CA  . LEU B 1 9  ? 7.59875   -10.61717 -5.32752  1.000 73.47410  ? 9  LEU B CA  1 
ATOM 822  C C   . LEU B 1 9  ? 6.94204   -9.63944  -4.36456  1.000 69.96448  ? 9  LEU B C   1 
ATOM 823  O O   . LEU B 1 9  ? 5.72741   -9.41775  -4.42213  1.000 73.60378  ? 9  LEU B O   1 
ATOM 824  C CB  . LEU B 1 9  ? 7.66729   -12.01616 -4.71355  1.000 74.66515  ? 9  LEU B CB  1 
ATOM 825  C CG  . LEU B 1 9  ? 7.40907   -13.22509 -5.62067  1.000 86.72656  ? 9  LEU B CG  1 
ATOM 826  C CD1 . LEU B 1 9  ? 5.94432   -13.30653 -6.02006  1.000 75.98340  ? 9  LEU B CD1 1 
ATOM 827  C CD2 . LEU B 1 9  ? 8.29274   -13.18502 -6.86418  1.000 88.43198  ? 9  LEU B CD2 1 
ATOM 828  N N   . ALA B 1 10 ? 7.73232   -9.03316  -3.47868  1.000 69.60400  ? 10 ALA B N   1 
ATOM 829  C CA  . ALA B 1 10 ? 7.18565   -8.02158  -2.58232  1.000 65.49917  ? 10 ALA B CA  1 
ATOM 830  C C   . ALA B 1 10 ? 6.75200   -6.78058  -3.35431  1.000 69.09703  ? 10 ALA B C   1 
ATOM 831  O O   . ALA B 1 10 ? 5.60057   -6.34421  -3.24750  1.000 71.70588  ? 10 ALA B O   1 
ATOM 832  C CB  . ALA B 1 10 ? 8.20939   -7.65908  -1.50779  1.000 73.38108  ? 10 ALA B CB  1 
ATOM 833  N N   . GLU B 1 11 ? 7.66087   -6.20162  -4.14535  1.000 73.75445  ? 11 GLU B N   1 
ATOM 834  C CA  . GLU B 1 11 ? 7.33031   -4.98528  -4.88398  1.000 68.22724  ? 11 GLU B CA  1 
ATOM 835  C C   . GLU B 1 11 ? 6.14356   -5.19560  -5.81005  1.000 67.87936  ? 11 GLU B C   1 
ATOM 836  O O   . GLU B 1 11 ? 5.33644   -4.28102  -6.00880  1.000 70.28274  ? 11 GLU B O   1 
ATOM 837  C CB  . GLU B 1 11 ? 8.53808   -4.49312  -5.67857  1.000 63.41881  ? 11 GLU B CB  1 
ATOM 838  C CG  . GLU B 1 11 ? 9.54271   -3.75206  -4.82885  1.000 73.37385  ? 11 GLU B CG  1 
ATOM 839  C CD  . GLU B 1 11 ? 8.88424   -2.67730  -3.98484  1.000 85.56748  ? 11 GLU B CD  1 
ATOM 840  O OE1 . GLU B 1 11 ? 8.05945   -1.90894  -4.52690  1.000 81.85363  ? 11 GLU B OE1 1 
ATOM 841  O OE2 . GLU B 1 11 ? 9.18260   -2.60930  -2.77349  1.000 81.53387  ? 11 GLU B OE2 1 
ATOM 842  N N   . GLU B 1 12 ? 6.02004   -6.38954  -6.39305  1.000 74.88849  ? 12 GLU B N   1 
ATOM 843  C CA  . GLU B 1 12 ? 4.85268   -6.67704  -7.21873  1.000 79.98222  ? 12 GLU B CA  1 
ATOM 844  C C   . GLU B 1 12 ? 3.58007   -6.68693  -6.38236  1.000 78.26411  ? 12 GLU B C   1 
ATOM 845  O O   . GLU B 1 12 ? 2.52500   -6.23194  -6.84046  1.000 83.20027  ? 12 GLU B O   1 
ATOM 846  C CB  . GLU B 1 12 ? 5.02215   -8.01256  -7.94520  1.000 87.13044  ? 12 GLU B CB  1 
ATOM 847  C CG  . GLU B 1 12 ? 6.03055   -8.00362  -9.08978  1.000 93.77662  ? 12 GLU B CG  1 
ATOM 848  C CD  . GLU B 1 12 ? 6.33175   -9.40180  -9.59884  1.000 102.07035 ? 12 GLU B CD  1 
ATOM 849  O OE1 . GLU B 1 12 ? 5.57956   -10.33511 -9.24528  1.000 98.68414  ? 12 GLU B OE1 1 
ATOM 850  O OE2 . GLU B 1 12 ? 7.32361   -9.57127  -10.33913 1.000 105.25501 ? 12 GLU B OE2 1 
ATOM 851  N N   . ALA B 1 13 ? 3.66052   -7.20093  -5.15156  1.000 71.38802  ? 13 ALA B N   1 
ATOM 852  C CA  . ALA B 1 13 ? 2.49222   -7.20615  -4.27845  1.000 72.24658  ? 13 ALA B CA  1 
ATOM 853  C C   . ALA B 1 13 ? 2.09719   -5.79508  -3.86371  1.000 70.37701  ? 13 ALA B C   1 
ATOM 854  O O   . ALA B 1 13 ? 0.91013   -5.52337  -3.65175  1.000 68.65416  ? 13 ALA B O   1 
ATOM 855  C CB  . ALA B 1 13 ? 2.75663   -8.07182  -3.04613  1.000 70.54181  ? 13 ALA B CB  1 
ATOM 856  N N   . ARG B 1 14 ? 3.06855   -4.88702  -3.74721  1.000 60.74874  ? 14 ARG B N   1 
ATOM 857  C CA  . ARG B 1 14 ? 2.74292   -3.50293  -3.42426  1.000 59.95870  ? 14 ARG B CA  1 
ATOM 858  C C   . ARG B 1 14 ? 1.95811   -2.85092  -4.55365  1.000 67.05561  ? 14 ARG B C   1 
ATOM 859  O O   . ARG B 1 14 ? 1.04144   -2.05886  -4.30668  1.000 74.30121  ? 14 ARG B O   1 
ATOM 860  C CB  . ARG B 1 14 ? 4.02207   -2.72208  -3.13408  1.000 66.90327  ? 14 ARG B CB  1 
ATOM 861  C CG  . ARG B 1 14 ? 4.96298   -3.44916  -2.20378  1.000 65.31824  ? 14 ARG B CG  1 
ATOM 862  C CD  . ARG B 1 14 ? 6.15761   -2.60829  -1.83075  1.000 63.24705  ? 14 ARG B CD  1 
ATOM 863  N NE  . ARG B 1 14 ? 6.23529   -2.45180  -0.38533  1.000 73.44165  ? 14 ARG B NE  1 
ATOM 864  C CZ  . ARG B 1 14 ? 7.17417   -2.99579  0.37516   1.000 86.60759  ? 14 ARG B CZ  1 
ATOM 865  N NH1 . ARG B 1 14 ? 8.15338   -3.71685  -0.14660  1.000 87.17210  ? 14 ARG B NH1 1 
ATOM 866  N NH2 . ARG B 1 14 ? 7.12911   -2.81355  1.69190   1.000 88.41181  ? 14 ARG B NH2 1 
ATOM 867  N N   . GLU B 1 15 ? 2.30345   -3.17560  -5.79886  1.000 64.79313  ? 15 GLU B N   1 
ATOM 868  C CA  . GLU B 1 15 ? 1.56252   -2.64384  -6.93516  1.000 57.70689  ? 15 GLU B CA  1 
ATOM 869  C C   . GLU B 1 15 ? 0.13494   -3.17420  -6.95782  1.000 59.60368  ? 15 GLU B C   1 
ATOM 870  O O   . GLU B 1 15 ? -0.81384  -2.40865  -7.16466  1.000 63.22987  ? 15 GLU B O   1 
ATOM 871  C CB  . GLU B 1 15 ? 2.28773   -2.99783  -8.22980  1.000 64.78215  ? 15 GLU B CB  1 
ATOM 872  C CG  . GLU B 1 15 ? 3.60659   -2.28313  -8.40280  1.000 66.10124  ? 15 GLU B CG  1 
ATOM 873  C CD  . GLU B 1 15 ? 4.31375   -2.69636  -9.66945  1.000 71.70699  ? 15 GLU B CD  1 
ATOM 874  O OE1 . GLU B 1 15 ? 3.78004   -3.57108  -10.38365 1.000 74.21776  ? 15 GLU B OE1 1 
ATOM 875  O OE2 . GLU B 1 15 ? 5.39857   -2.14753  -9.95238  1.000 80.14174  ? 15 GLU B OE2 1 
ATOM 876  N N   . VAL B 1 16 ? -0.03500  -4.48100  -6.74523  1.000 58.62661  ? 16 VAL B N   1 
ATOM 877  C CA  . VAL B 1 16 ? -1.36561  -5.07950  -6.77900  1.000 57.32211  ? 16 VAL B CA  1 
ATOM 878  C C   . VAL B 1 16 ? -2.21502  -4.54558  -5.63407  1.000 64.41703  ? 16 VAL B C   1 
ATOM 879  O O   . VAL B 1 16 ? -3.41955  -4.30964  -5.79087  1.000 69.74233  ? 16 VAL B O   1 
ATOM 880  C CB  . VAL B 1 16 ? -1.25573  -6.61505  -6.73618  1.000 54.53687  ? 16 VAL B CB  1 
ATOM 881  C CG1 . VAL B 1 16 ? -2.61390  -7.24922  -6.46470  1.000 52.07654  ? 16 VAL B CG1 1 
ATOM 882  C CG2 . VAL B 1 16 ? -0.65433  -7.14347  -8.02652  1.000 51.05242  ? 16 VAL B CG2 1 
ATOM 883  N N   . ARG B 1 17 ? -1.60182  -4.34492  -4.46615  1.000 67.23940  ? 17 ARG B N   1 
ATOM 884  C CA  . ARG B 1 17 ? -2.32495  -3.78037  -3.33142  1.000 69.42585  ? 17 ARG B CA  1 
ATOM 885  C C   . ARG B 1 17 ? -2.86796  -2.39754  -3.66278  1.000 67.20850  ? 17 ARG B C   1 
ATOM 886  O O   . ARG B 1 17 ? -4.07220  -2.14232  -3.54199  1.000 68.12108  ? 17 ARG B O   1 
ATOM 887  C CB  . ARG B 1 17 ? -1.40902  -3.71216  -2.11015  1.000 70.63521  ? 17 ARG B CB  1 
ATOM 888  C CG  . ARG B 1 17 ? -2.04712  -3.06041  -0.90370  1.000 72.45746  ? 17 ARG B CG  1 
ATOM 889  C CD  . ARG B 1 17 ? -1.02559  -2.81756  0.18738   1.000 76.99154  ? 17 ARG B CD  1 
ATOM 890  N NE  . ARG B 1 17 ? -1.59877  -2.10135  1.31970   1.000 84.28815  ? 17 ARG B NE  1 
ATOM 891  C CZ  . ARG B 1 17 ? -0.91042  -1.71803  2.38628   1.000 95.83041  ? 17 ARG B CZ  1 
ATOM 892  N NH1 . ARG B 1 17 ? 0.39212   -1.93248  2.48230   1.000 96.90388  ? 17 ARG B NH1 1 
ATOM 893  N NH2 . ARG B 1 17 ? -1.53980  -1.08618  3.37243   1.000 97.78577  ? 17 ARG B NH2 1 
ATOM 894  N N   . ARG B 1 18 ? -1.98614  -1.49160  -4.08895  1.000 65.04411  ? 18 ARG B N   1 
ATOM 895  C CA  . ARG B 1 18 ? -2.40180  -0.12254  -4.36481  1.000 66.83564  ? 18 ARG B CA  1 
ATOM 896  C C   . ARG B 1 18 ? -3.46167  -0.08251  -5.45906  1.000 69.96377  ? 18 ARG B C   1 
ATOM 897  O O   . ARG B 1 18 ? -4.45214  0.64952   -5.34903  1.000 73.50126  ? 18 ARG B O   1 
ATOM 898  C CB  . ARG B 1 18 ? -1.18303  0.71590   -4.75081  1.000 69.54165  ? 18 ARG B CB  1 
ATOM 899  C CG  . ARG B 1 18 ? -1.48321  2.17700   -4.96028  1.000 72.12397  ? 18 ARG B CG  1 
ATOM 900  C CD  . ARG B 1 18 ? -1.98594  2.80959   -3.67767  1.000 70.42193  ? 18 ARG B CD  1 
ATOM 901  N NE  . ARG B 1 18 ? -2.41808  4.18142   -3.90643  1.000 74.50502  ? 18 ARG B NE  1 
ATOM 902  C CZ  . ARG B 1 18 ? -3.66479  4.60577   -3.75562  1.000 71.07229  ? 18 ARG B CZ  1 
ATOM 903  N NH1 . ARG B 1 18 ? -4.62090  3.79982   -3.32585  1.000 74.97640  ? 18 ARG B NH1 1 
ATOM 904  N NH2 . ARG B 1 18 ? -3.96066  5.86852   -4.04917  1.000 71.03527  ? 18 ARG B NH2 1 
ATOM 905  N N   . ARG B 1 19 ? -3.28146  -0.88139  -6.51417  1.000 71.12379  ? 19 ARG B N   1 
ATOM 906  C CA  . ARG B 1 19 ? -4.27669  -0.93795  -7.57936  1.000 66.46491  ? 19 ARG B CA  1 
ATOM 907  C C   . ARG B 1 19 ? -5.60919  -1.47755  -7.07567  1.000 66.48896  ? 19 ARG B C   1 
ATOM 908  O O   . ARG B 1 19 ? -6.66898  -1.01242  -7.51156  1.000 66.09176  ? 19 ARG B O   1 
ATOM 909  C CB  . ARG B 1 19 ? -3.75332  -1.78681  -8.73568  1.000 62.44055  ? 19 ARG B CB  1 
ATOM 910  C CG  . ARG B 1 19 ? -4.65110  -1.77847  -9.95200  1.000 66.14409  ? 19 ARG B CG  1 
ATOM 911  C CD  . ARG B 1 19 ? -4.91235  -0.35940  -10.42189 1.000 66.51936  ? 19 ARG B CD  1 
ATOM 912  N NE  . ARG B 1 19 ? -5.90040  -0.31706  -11.49312 1.000 70.82579  ? 19 ARG B NE  1 
ATOM 913  C CZ  . ARG B 1 19 ? -6.67011  0.72826   -11.76627 1.000 72.06942  ? 19 ARG B CZ  1 
ATOM 914  N NH1 . ARG B 1 19 ? -6.61379  1.83724   -11.04592 1.000 78.83199  ? 19 ARG B NH1 1 
ATOM 915  N NH2 . ARG B 1 19 ? -7.51969  0.65885   -12.78703 1.000 72.19538  ? 19 ARG B NH2 1 
ATOM 916  N N   . ALA B 1 20 ? -5.57844  -2.45037  -6.16107  1.000 63.31444  ? 20 ALA B N   1 
ATOM 917  C CA  . ALA B 1 20 ? -6.80940  -2.89158  -5.51692  1.000 62.33711  ? 20 ALA B CA  1 
ATOM 918  C C   . ALA B 1 20 ? -7.40940  -1.78741  -4.66526  1.000 72.42758  ? 20 ALA B C   1 
ATOM 919  O O   . ALA B 1 20 ? -8.63638  -1.67156  -4.57759  1.000 78.22891  ? 20 ALA B O   1 
ATOM 920  C CB  . ALA B 1 20 ? -6.54897  -4.13196  -4.66348  1.000 65.14688  ? 20 ALA B CB  1 
ATOM 921  N N   . GLU B 1 21 ? -6.56073  -0.97759  -4.02844  1.000 73.06774  ? 21 GLU B N   1 
ATOM 922  C CA  . GLU B 1 21 ? -7.04451  0.16630   -3.26414  1.000 70.22007  ? 21 GLU B CA  1 
ATOM 923  C C   . GLU B 1 21 ? -7.70051  1.19934   -4.17428  1.000 74.44687  ? 21 GLU B C   1 
ATOM 924  O O   . GLU B 1 21 ? -8.72691  1.78820   -3.81431  1.000 83.29122  ? 21 GLU B O   1 
ATOM 925  C CB  . GLU B 1 21 ? -5.88660  0.77883   -2.47437  1.000 64.50110  ? 21 GLU B CB  1 
ATOM 926  C CG  . GLU B 1 21 ? -5.40794  -0.09665  -1.32938  1.000 68.75107  ? 21 GLU B CG  1 
ATOM 927  C CD  . GLU B 1 21 ? -4.18164  0.45398   -0.62914  1.000 74.60762  ? 21 GLU B CD  1 
ATOM 928  O OE1 . GLU B 1 21 ? -3.58306  1.42403   -1.13959  1.000 71.37056  ? 21 GLU B OE1 1 
ATOM 929  O OE2 . GLU B 1 21 ? -3.82104  -0.07961  0.44188   1.000 81.02718  ? 21 GLU B OE2 1 
ATOM 930  N N   . GLU B 1 22 ? -7.13064  1.43107   -5.36031  1.000 66.93856  ? 22 GLU B N   1 
ATOM 931  C CA  . GLU B 1 22 ? -7.76141  2.35392   -6.29834  1.000 58.14666  ? 22 GLU B CA  1 
ATOM 932  C C   . GLU B 1 22 ? -9.05743  1.78664   -6.84237  1.000 57.84901  ? 22 GLU B C   1 
ATOM 933  O O   . GLU B 1 22 ? -10.04546 2.51315   -6.98617  1.000 67.37244  ? 22 GLU B O   1 
ATOM 934  C CB  . GLU B 1 22 ? -6.82545  2.67704   -7.45109  1.000 57.56086  ? 22 GLU B CB  1 
ATOM 935  C CG  . GLU B 1 22 ? -5.68373  3.56006   -7.06440  1.000 64.18181  ? 22 GLU B CG  1 
ATOM 936  C CD  . GLU B 1 22 ? -4.80273  3.84934   -8.24369  1.000 80.63846  ? 22 GLU B CD  1 
ATOM 937  O OE1 . GLU B 1 22 ? -5.03916  3.24324   -9.30908  1.000 89.40505  ? 22 GLU B OE1 1 
ATOM 938  O OE2 . GLU B 1 22 ? -3.88010  4.67741   -8.11517  1.000 93.74949  ? 22 GLU B OE2 1 
ATOM 939  N N   . LEU B 1 23 ? -9.06744  0.49755   -7.17337  1.000 58.99405  ? 23 LEU B N   1 
ATOM 940  C CA  . LEU B 1 23 ? -10.29714 -0.10489  -7.66645  1.000 57.88645  ? 23 LEU B CA  1 
ATOM 941  C C   . LEU B 1 23 ? -11.38235 -0.08480  -6.59891  1.000 67.65036  ? 23 LEU B C   1 
ATOM 942  O O   . LEU B 1 23 ? -12.52229 0.30367   -6.87735  1.000 82.56096  ? 23 LEU B O   1 
ATOM 943  C CB  . LEU B 1 23 ? -10.03462 -1.53039  -8.14647  1.000 60.15766  ? 23 LEU B CB  1 
ATOM 944  C CG  . LEU B 1 23 ? -9.25184  -1.61502  -9.45821  1.000 67.75048  ? 23 LEU B CG  1 
ATOM 945  C CD1 . LEU B 1 23 ? -9.28504  -3.02380  -10.03194 1.000 64.69892  ? 23 LEU B CD1 1 
ATOM 946  C CD2 . LEU B 1 23 ? -9.75261  -0.60320  -10.47025 1.000 69.77414  ? 23 LEU B CD2 1 
ATOM 947  N N   . ARG B 1 24 ? -11.04437 -0.47670  -5.36795  1.000 67.43524  ? 24 ARG B N   1 
ATOM 948  C CA  . ARG B 1 24 ? -12.05278 -0.55716  -4.31385  1.000 76.17412  ? 24 ARG B CA  1 
ATOM 949  C C   . ARG B 1 24 ? -12.70388 0.80081   -4.05301  1.000 84.42881  ? 24 ARG B C   1 
ATOM 950  O O   . ARG B 1 24 ? -13.93441 0.89790   -3.96239  1.000 87.20120  ? 24 ARG B O   1 
ATOM 951  C CB  . ARG B 1 24 ? -11.42597 -1.11966  -3.03663  1.000 74.37270  ? 24 ARG B CB  1 
ATOM 952  C CG  . ARG B 1 24 ? -12.36687 -1.16907  -1.84627  1.000 76.75839  ? 24 ARG B CG  1 
ATOM 953  C CD  . ARG B 1 24 ? -11.63827 -1.60488  -0.58577  1.000 80.43716  ? 24 ARG B CD  1 
ATOM 954  N NE  . ARG B 1 24 ? -10.43519 -0.81585  -0.35500  1.000 82.95606  ? 24 ARG B NE  1 
ATOM 955  C CZ  . ARG B 1 24 ? -10.41774 0.48686   -0.10113  1.000 89.27438  ? 24 ARG B CZ  1 
ATOM 956  N NH1 . ARG B 1 24 ? -11.53287 1.17102   0.10188   1.000 86.39904  ? 24 ARG B NH1 1 
ATOM 957  N NH2 . ARG B 1 24 ? -9.24980  1.11817   -0.04605  1.000 91.31473  ? 24 ARG B NH2 1 
ATOM 958  N N   . ARG B 1 25 ? -11.89564 1.86057   -3.93321  1.000 82.58388  ? 25 ARG B N   1 
ATOM 959  C CA  . ARG B 1 25 ? -12.44000 3.20354   -3.73597  1.000 72.76589  ? 25 ARG B CA  1 
ATOM 960  C C   . ARG B 1 25 ? -13.40536 3.58658   -4.85123  1.000 69.70917  ? 25 ARG B C   1 
ATOM 961  O O   . ARG B 1 25 ? -14.47044 4.16165   -4.59414  1.000 69.07327  ? 25 ARG B O   1 
ATOM 962  C CB  . ARG B 1 25 ? -11.29761 4.21218   -3.64998  1.000 70.26855  ? 25 ARG B CB  1 
ATOM 963  C CG  . ARG B 1 25 ? -11.73894 5.65064   -3.50561  1.000 78.21410  ? 25 ARG B CG  1 
ATOM 964  C CD  . ARG B 1 25 ? -10.55354 6.56984   -3.73162  1.000 100.54346 ? 25 ARG B CD  1 
ATOM 965  N NE  . ARG B 1 25 ? -10.91135 7.98324   -3.73244  1.000 109.98121 ? 25 ARG B NE  1 
ATOM 966  C CZ  . ARG B 1 25 ? -10.63084 8.82081   -4.72286  1.000 97.96154  ? 25 ARG B CZ  1 
ATOM 967  N NH1 . ARG B 1 25 ? -10.00251 8.41526   -5.81592  1.000 84.69926  ? 25 ARG B NH1 1 
ATOM 968  N NH2 . ARG B 1 25 ? -10.98993 10.09662  -4.61513  1.000 102.44150 ? 25 ARG B NH2 1 
ATOM 969  N N   . ARG B 1 26 ? -13.04280 3.27751   -6.09739  1.000 75.51921  ? 26 ARG B N   1 
ATOM 970  C CA  . ARG B 1 26 ? -13.91453 3.56123   -7.23246  1.000 77.55727  ? 26 ARG B CA  1 
ATOM 971  C C   . ARG B 1 26 ? -15.24567 2.83024   -7.09760  1.000 74.25297  ? 26 ARG B C   1 
ATOM 972  O O   . ARG B 1 26 ? -16.30829 3.39850   -7.37603  1.000 77.30577  ? 26 ARG B O   1 
ATOM 973  C CB  . ARG B 1 26 ? -13.20282 3.16265   -8.52854  1.000 80.45034  ? 26 ARG B CB  1 
ATOM 974  C CG  . ARG B 1 26 ? -13.80495 3.71303   -9.80662  1.000 87.33261  ? 26 ARG B CG  1 
ATOM 975  C CD  . ARG B 1 26 ? -13.68815 5.22698   -9.86141  1.000 94.87373  ? 26 ARG B CD  1 
ATOM 976  N NE  . ARG B 1 26 ? -12.30166 5.67528   -9.90455  1.000 80.69733  ? 26 ARG B NE  1 
ATOM 977  C CZ  . ARG B 1 26 ? -11.93228 6.94809   -9.89233  1.000 84.38918  ? 26 ARG B CZ  1 
ATOM 978  N NH1 . ARG B 1 26 ? -12.82350 7.92577   -9.84878  1.000 91.68805  ? 26 ARG B NH1 1 
ATOM 979  N NH2 . ARG B 1 26 ? -10.63780 7.24790   -9.93259  1.000 88.41719  ? 26 ARG B NH2 1 
ATOM 980  N N   . ALA B 1 27 ? -15.20591 1.57409   -6.64675  1.000 66.08566  ? 27 ALA B N   1 
ATOM 981  C CA  . ALA B 1 27 ? -16.41924 0.76913   -6.56184  1.000 68.57192  ? 27 ALA B CA  1 
ATOM 982  C C   . ALA B 1 27 ? -17.30506 1.21498   -5.40685  1.000 78.95834  ? 27 ALA B C   1 
ATOM 983  O O   . ALA B 1 27 ? -18.53098 1.28469   -5.55002  1.000 88.46967  ? 27 ALA B O   1 
ATOM 984  C CB  . ALA B 1 27 ? -16.05489 -0.70646  -6.41991  1.000 74.86072  ? 27 ALA B CB  1 
ATOM 985  N N   . GLU B 1 28 ? -16.70693 1.51048   -4.25231  1.000 79.73855  ? 28 GLU B N   1 
ATOM 986  C CA  . GLU B 1 28 ? -17.48175 2.02471   -3.12773  1.000 77.06456  ? 28 GLU B CA  1 
ATOM 987  C C   . GLU B 1 28 ? -18.14411 3.34990   -3.48337  1.000 79.33687  ? 28 GLU B C   1 
ATOM 988  O O   . GLU B 1 28 ? -19.35757 3.51636   -3.31349  1.000 74.82359  ? 28 GLU B O   1 
ATOM 989  C CB  . GLU B 1 28 ? -16.57582 2.17806   -1.90855  1.000 77.06291  ? 28 GLU B CB  1 
ATOM 990  C CG  . GLU B 1 28 ? -16.11289 0.85342   -1.32635  1.000 81.11079  ? 28 GLU B CG  1 
ATOM 991  C CD  . GLU B 1 28 ? -15.18222 1.02480   -0.14237  1.000 97.71978  ? 28 GLU B CD  1 
ATOM 992  O OE1 . GLU B 1 28 ? -14.81910 2.17866   0.16847   1.000 89.70219  ? 28 GLU B OE1 1 
ATOM 993  O OE2 . GLU B 1 28 ? -14.81491 0.00462   0.47888   1.000 100.63314 ? 28 GLU B OE2 1 
ATOM 994  N N   . GLU B 1 29 ? -17.35334 4.30797   -3.97878  1.000 81.13639  ? 29 GLU B N   1 
ATOM 995  C CA  . GLU B 1 29 ? -17.90623 5.56731   -4.46888  1.000 89.80764  ? 29 GLU B CA  1 
ATOM 996  C C   . GLU B 1 29 ? -19.03811 5.33112   -5.46111  1.000 86.04705  ? 29 GLU B C   1 
ATOM 997  O O   . GLU B 1 29 ? -20.04374 6.05130   -5.44239  1.000 88.59249  ? 29 GLU B O   1 
ATOM 998  C CB  . GLU B 1 29 ? -16.79624 6.39951   -5.11765  1.000 89.33659  ? 29 GLU B CB  1 
ATOM 999  C CG  . GLU B 1 29 ? -17.22176 7.78746   -5.59301  1.000 97.90181  ? 29 GLU B CG  1 
ATOM 1000 C CD  . GLU B 1 29 ? -16.07106 8.57750   -6.20181  1.000 107.81206 ? 29 GLU B CD  1 
ATOM 1001 O OE1 . GLU B 1 29 ? -14.92999 8.06491   -6.21183  1.000 98.42558  ? 29 GLU B OE1 1 
ATOM 1002 O OE2 . GLU B 1 29 ? -16.30634 9.71815   -6.65678  1.000 104.92005 ? 29 GLU B OE2 1 
ATOM 1003 N N   . ALA B 1 30 ? -18.89839 4.31817   -6.32043  1.000 78.97701  ? 30 ALA B N   1 
ATOM 1004 C CA  . ALA B 1 30 ? -19.93235 4.00428   -7.30115  1.000 80.44107  ? 30 ALA B CA  1 
ATOM 1005 C C   . ALA B 1 30 ? -21.11318 3.27833   -6.66468  1.000 81.46253  ? 30 ALA B C   1 
ATOM 1006 O O   . ALA B 1 30 ? -22.26760 3.51163   -7.04149  1.000 88.67386  ? 30 ALA B O   1 
ATOM 1007 C CB  . ALA B 1 30 ? -19.34536 3.16034   -8.43346  1.000 84.95099  ? 30 ALA B CB  1 
ATOM 1008 N N   . ARG B 1 31 ? -20.85260 2.38187   -5.71083  1.000 79.51996  ? 31 ARG B N   1 
ATOM 1009 C CA  . ARG B 1 31 ? -21.96220 1.73377   -5.01698  1.000 84.52951  ? 31 ARG B CA  1 
ATOM 1010 C C   . ARG B 1 31 ? -22.75101 2.74197   -4.19270  1.000 86.24681  ? 31 ARG B C   1 
ATOM 1011 O O   . ARG B 1 31 ? -23.98782 2.70325   -4.16660  1.000 80.99062  ? 31 ARG B O   1 
ATOM 1012 C CB  . ARG B 1 31 ? -21.45742 0.60796   -4.11781  1.000 87.71165  ? 31 ARG B CB  1 
ATOM 1013 C CG  . ARG B 1 31 ? -22.56136 -0.03842  -3.31655  1.000 93.54751  ? 31 ARG B CG  1 
ATOM 1014 C CD  . ARG B 1 31 ? -22.45718 0.29006   -1.83864  1.000 107.74015 ? 31 ARG B CD  1 
ATOM 1015 N NE  . ARG B 1 31 ? -23.69016 -0.04819  -1.13463  1.000 132.88389 ? 31 ARG B NE  1 
ATOM 1016 C CZ  . ARG B 1 31 ? -24.71638 0.77930   -0.97932  1.000 128.86355 ? 31 ARG B CZ  1 
ATOM 1017 N NH1 . ARG B 1 31 ? -24.69070 2.01050   -1.46489  1.000 112.28274 ? 31 ARG B NH1 1 
ATOM 1018 N NH2 . ARG B 1 31 ? -25.80250 0.35598   -0.33594  1.000 115.55075 ? 31 ARG B NH2 1 
ATOM 1019 N N   . GLU B 1 32 ? -22.04634 3.65183   -3.51590  1.000 89.04981  ? 32 GLU B N   1 
ATOM 1020 C CA  . GLU B 1 32 ? -22.71199 4.70331   -2.75514  1.000 90.89767  ? 32 GLU B CA  1 
ATOM 1021 C C   . GLU B 1 32 ? -23.72660 5.44372   -3.61635  1.000 90.81827  ? 32 GLU B C   1 
ATOM 1022 O O   . GLU B 1 32 ? -24.90733 5.53830   -3.26223  1.000 99.13788  ? 32 GLU B O   1 
ATOM 1023 C CB  . GLU B 1 32 ? -21.67191 5.66831   -2.18026  1.000 95.29708  ? 32 GLU B CB  1 
ATOM 1024 C CG  . GLU B 1 32 ? -20.88463 5.09282   -0.99870  1.000 111.15320 ? 32 GLU B CG  1 
ATOM 1025 C CD  . GLU B 1 32 ? -19.55780 5.79663   -0.75575  1.000 112.47469 ? 32 GLU B CD  1 
ATOM 1026 O OE1 . GLU B 1 32 ? -19.19833 6.69468   -1.54602  1.000 99.13787  ? 32 GLU B OE1 1 
ATOM 1027 O OE2 . GLU B 1 32 ? -18.87162 5.44653   0.22934   1.000 93.48748  ? 32 GLU B OE2 1 
ATOM 1028 N N   . THR B 1 33 ? -23.29320 5.95274   -4.76107  1.000 81.93365  ? 33 THR B N   1 
ATOM 1029 C CA  . THR B 1 33 ? -24.19180 6.64048   -5.67442  1.000 84.98677  ? 33 THR B CA  1 
ATOM 1030 C C   . THR B 1 33 ? -24.81562 5.61773   -6.62872  1.000 88.12949  ? 33 THR B C   1 
ATOM 1031 O O   . THR B 1 33 ? -24.91491 4.42834   -6.31308  1.000 82.37168  ? 33 THR B O   1 
ATOM 1032 C CB  . THR B 1 33 ? -23.43187 7.75295   -6.40307  1.000 89.64675  ? 33 THR B CB  1 
ATOM 1033 O OG1 . THR B 1 33 ? -22.55959 7.17660   -7.38203  1.000 99.73552  ? 33 THR B OG1 1 
ATOM 1034 C CG2 . THR B 1 33 ? -22.60336 8.55273   -5.41478  1.000 77.68718  ? 33 THR B CG2 1 
ATOM 1035 N N   . GLY B 1 34 ? -25.26469 6.07333   -7.79344  1.000 88.40592  ? 34 GLY B N   1 
ATOM 1036 C CA  . GLY B 1 34 ? -25.72741 5.18830   -8.84288  1.000 86.67681  ? 34 GLY B CA  1 
ATOM 1037 C C   . GLY B 1 34 ? -25.12011 5.58886   -10.17048 1.000 106.13091 ? 34 GLY B C   1 
ATOM 1038 O O   . GLY B 1 34 ? -25.62405 5.22430   -11.23825 1.000 111.30314 ? 34 GLY B O   1 
ATOM 1039 N N   . GLU B 1 35 ? -24.01981 6.34643   -10.09891 1.000 111.68872 ? 35 GLU B N   1 
ATOM 1040 C CA  . GLU B 1 35 ? -23.39623 6.90608   -11.29464 1.000 123.40896 ? 35 GLU B CA  1 
ATOM 1041 C C   . GLU B 1 35 ? -22.80903 5.82041   -12.18561 1.000 117.41863 ? 35 GLU B C   1 
ATOM 1042 O O   . GLU B 1 35 ? -22.64586 6.03038   -13.39323 1.000 118.41296 ? 35 GLU B O   1 
ATOM 1043 C CB  . GLU B 1 35 ? -22.31778 7.91437   -10.88274 1.000 128.64029 ? 35 GLU B CB  1 
ATOM 1044 C CG  . GLU B 1 35 ? -21.93068 8.93874   -11.94460 1.000 128.76143 ? 35 GLU B CG  1 
ATOM 1045 C CD  . GLU B 1 35 ? -20.59268 8.64394   -12.60321 1.000 140.01495 ? 35 GLU B CD  1 
ATOM 1046 O OE1 . GLU B 1 35 ? -20.26946 9.30270   -13.61538 1.000 128.74680 ? 35 GLU B OE1 1 
ATOM 1047 O OE2 . GLU B 1 35 ? -19.86543 7.75378   -12.11399 1.000 143.50655 ? 35 GLU B OE2 1 
ATOM 1048 N N   . ALA B 1 36 ? -22.49452 4.66161   -11.61568 1.000 105.46067 ? 36 ALA B N   1 
ATOM 1049 C CA  . ALA B 1 36 ? -21.84615 3.59932   -12.37217 1.000 103.45856 ? 36 ALA B CA  1 
ATOM 1050 C C   . ALA B 1 36 ? -22.76883 3.05847   -13.45801 1.000 104.37303 ? 36 ALA B C   1 
ATOM 1051 O O   . ALA B 1 36 ? -23.84732 2.53068   -13.16759 1.000 104.78455 ? 36 ALA B O   1 
ATOM 1052 C CB  . ALA B 1 36 ? -21.41811 2.47437   -11.43106 1.000 96.03364  ? 36 ALA B CB  1 
ATOM 1053 N N   . SER B 1 37 ? -22.34788 3.20777   -14.71059 1.000 92.49578  ? 37 SER B N   1 
ATOM 1054 C CA  . SER B 1 37 ? -23.01188 2.54017   -15.81640 1.000 88.76434  ? 37 SER B CA  1 
ATOM 1055 C C   . SER B 1 37 ? -22.74688 1.03793   -15.75837 1.000 93.95556  ? 37 SER B C   1 
ATOM 1056 O O   . SER B 1 37 ? -21.77742 0.57497   -15.15013 1.000 98.62310  ? 37 SER B O   1 
ATOM 1057 C CB  . SER B 1 37 ? -22.52882 3.11604   -17.14792 1.000 85.63963  ? 37 SER B CB  1 
ATOM 1058 O OG  . SER B 1 37 ? -21.32926 2.48796   -17.57293 1.000 86.32854  ? 37 SER B OG  1 
ATOM 1059 N N   . GLU B 1 38 ? -23.63256 0.27013   -16.39937 1.000 94.04461  ? 38 GLU B N   1 
ATOM 1060 C CA  . GLU B 1 38 ? -23.44850 -1.17748  -16.44834 1.000 92.04181  ? 38 GLU B CA  1 
ATOM 1061 C C   . GLU B 1 38 ? -22.10781 -1.53672  -17.08258 1.000 88.17901  ? 38 GLU B C   1 
ATOM 1062 O O   . GLU B 1 38 ? -21.46870 -2.51841  -16.68564 1.000 90.26556  ? 38 GLU B O   1 
ATOM 1063 C CB  . GLU B 1 38 ? -24.60832 -1.83262  -17.20609 1.000 99.69382  ? 38 GLU B CB  1 
ATOM 1064 C CG  . GLU B 1 38 ? -25.94090 -1.86570  -16.44275 1.000 115.39391 ? 38 GLU B CG  1 
ATOM 1065 C CD  . GLU B 1 38 ? -26.91004 -2.92896  -16.95573 1.000 124.66754 ? 38 GLU B CD  1 
ATOM 1066 O OE1 . GLU B 1 38 ? -27.05874 -3.06157  -18.18790 1.000 115.05905 ? 38 GLU B OE1 1 
ATOM 1067 O OE2 . GLU B 1 38 ? -27.53368 -3.62356  -16.12309 1.000 113.91529 ? 38 GLU B OE2 1 
ATOM 1068 N N   . GLU B 1 39 ? -21.66201 -0.74539  -18.06282 1.000 79.47362  ? 39 GLU B N   1 
ATOM 1069 C CA  . GLU B 1 39 ? -20.32077 -0.92427  -18.61269 1.000 75.54514  ? 39 GLU B CA  1 
ATOM 1070 C C   . GLU B 1 39 ? -19.26063 -0.69858  -17.54274 1.000 81.20701  ? 39 GLU B C   1 
ATOM 1071 O O   . GLU B 1 39 ? -18.37219 -1.53578  -17.33948 1.000 78.62853  ? 39 GLU B O   1 
ATOM 1072 C CB  . GLU B 1 39 ? -20.09737 0.03587   -19.78401 1.000 79.07778  ? 39 GLU B CB  1 
ATOM 1073 C CG  . GLU B 1 39 ? -20.45473 -0.51917  -21.14951 1.000 98.10495  ? 39 GLU B CG  1 
ATOM 1074 C CD  . GLU B 1 39 ? -20.07838 0.42554   -22.27867 1.000 94.72129  ? 39 GLU B CD  1 
ATOM 1075 O OE1 . GLU B 1 39 ? -19.33445 1.39303   -22.01678 1.000 86.86086  ? 39 GLU B OE1 1 
ATOM 1076 O OE2 . GLU B 1 39 ? -20.52983 0.20555   -23.42435 1.000 119.12905 ? 39 GLU B OE2 1 
ATOM 1077 N N   . HIS B 1 40 ? -19.33894 0.44060   -16.85195 1.000 82.21711  ? 40 HIS B N   1 
ATOM 1078 C CA  . HIS B 1 40 ? -18.31371 0.79735   -15.87794 1.000 81.79329  ? 40 HIS B CA  1 
ATOM 1079 C C   . HIS B 1 40 ? -18.32568 -0.16357  -14.69706 1.000 78.65793  ? 40 HIS B C   1 
ATOM 1080 O O   . HIS B 1 40 ? -17.26752 -0.63232  -14.26097 1.000 79.98222  ? 40 HIS B O   1 
ATOM 1081 C CB  . HIS B 1 40 ? -18.52442 2.24143   -15.41207 1.000 92.92866  ? 40 HIS B CB  1 
ATOM 1082 C CG  . HIS B 1 40 ? -17.33364 2.84578   -14.72935 1.000 97.41243  ? 40 HIS B CG  1 
ATOM 1083 N ND1 . HIS B 1 40 ? -16.18492 3.19007   -15.40842 1.000 96.16481  ? 40 HIS B ND1 1 
ATOM 1084 C CD2 . HIS B 1 40 ? -17.11518 3.17015   -13.43164 1.000 87.30256  ? 40 HIS B CD2 1 
ATOM 1085 C CE1 . HIS B 1 40 ? -15.31028 3.70045   -14.55958 1.000 94.23359  ? 40 HIS B CE1 1 
ATOM 1086 N NE2 . HIS B 1 40 ? -15.85017 3.70121   -13.35418 1.000 87.14919  ? 40 HIS B NE2 1 
ATOM 1087 N N   . ALA B 1 41 ? -19.51734 -0.47624  -14.17818 1.000 75.47089  ? 41 ALA B N   1 
ATOM 1088 C CA  . ALA B 1 41 ? -19.63089 -1.41439  -13.06666 1.000 65.39918  ? 41 ALA B CA  1 
ATOM 1089 C C   . ALA B 1 41 ? -19.04988 -2.77220  -13.42619 1.000 69.08225  ? 41 ALA B C   1 
ATOM 1090 O O   . ALA B 1 41 ? -18.33076 -3.37408  -12.62139 1.000 81.90441  ? 41 ALA B O   1 
ATOM 1091 C CB  . ALA B 1 41 ? -21.09082 -1.55138  -12.64046 1.000 72.25317  ? 41 ALA B CB  1 
ATOM 1092 N N   . ALA B 1 42 ? -19.34507 -3.26714  -14.62998 1.000 70.40589  ? 42 ALA B N   1 
ATOM 1093 C CA  . ALA B 1 42 ? -18.73613 -4.50608  -15.08966 1.000 75.73956  ? 42 ALA B CA  1 
ATOM 1094 C C   . ALA B 1 42 ? -17.24931 -4.35248  -15.37752 1.000 76.46547  ? 42 ALA B C   1 
ATOM 1095 O O   . ALA B 1 42 ? -16.52209 -5.34719  -15.31010 1.000 82.96297  ? 42 ALA B O   1 
ATOM 1096 C CB  . ALA B 1 42 ? -19.46820 -5.02430  -16.32965 1.000 77.99962  ? 42 ALA B CB  1 
ATOM 1097 N N   . ALA B 1 43 ? -16.78701 -3.14608  -15.70902 1.000 69.29146  ? 43 ALA B N   1 
ATOM 1098 C CA  . ALA B 1 43 ? -15.36568 -2.94448  -15.95263 1.000 72.33116  ? 43 ALA B CA  1 
ATOM 1099 C C   . ALA B 1 43 ? -14.57589 -2.99789  -14.64924 1.000 70.31724  ? 43 ALA B C   1 
ATOM 1100 O O   . ALA B 1 43 ? -13.52376 -3.64099  -14.57952 1.000 74.44849  ? 43 ALA B O   1 
ATOM 1101 C CB  . ALA B 1 43 ? -15.15051 -1.61559  -16.67673 1.000 79.25872  ? 43 ALA B CB  1 
ATOM 1102 N N   . LEU B 1 44 ? -15.05448 -2.30355  -13.61118 1.000 72.60445  ? 44 LEU B N   1 
ATOM 1103 C CA  . LEU B 1 44 ? -14.37323 -2.33264  -12.31807 1.000 70.12155  ? 44 LEU B CA  1 
ATOM 1104 C C   . LEU B 1 44 ? -14.29878 -3.75427  -11.77420 1.000 69.91476  ? 44 LEU B C   1 
ATOM 1105 O O   . LEU B 1 44 ? -13.26212 -4.17977  -11.25044 1.000 68.28922  ? 44 LEU B O   1 
ATOM 1106 C CB  . LEU B 1 44 ? -15.09917 -1.42189  -11.32570 1.000 72.24401  ? 44 LEU B CB  1 
ATOM 1107 C CG  . LEU B 1 44 ? -14.59331 0.00040   -11.06158 1.000 73.47629  ? 44 LEU B CG  1 
ATOM 1108 C CD1 . LEU B 1 44 ? -13.21236 -0.00272  -10.43074 1.000 75.75792  ? 44 LEU B CD1 1 
ATOM 1109 C CD2 . LEU B 1 44 ? -14.61485 0.85534   -12.32361 1.000 74.90467  ? 44 LEU B CD2 1 
ATOM 1110 N N   . LEU B 1 45 ? -15.39334 -4.50481  -11.90530 1.000 73.80746  ? 45 LEU B N   1 
ATOM 1111 C CA  . LEU B 1 45 ? -15.43647 -5.88605  -11.43471 1.000 74.94058  ? 45 LEU B CA  1 
ATOM 1112 C C   . LEU B 1 45 ? -14.43067 -6.76596  -12.16467 1.000 74.13493  ? 45 LEU B C   1 
ATOM 1113 O O   . LEU B 1 45 ? -13.74871 -7.58982  -11.54207 1.000 76.26987  ? 45 LEU B O   1 
ATOM 1114 C CB  . LEU B 1 45 ? -16.84865 -6.43570  -11.61842 1.000 85.96572  ? 45 LEU B CB  1 
ATOM 1115 C CG  . LEU B 1 45 ? -17.20274 -7.85325  -11.17535 1.000 94.24635  ? 45 LEU B CG  1 
ATOM 1116 C CD1 . LEU B 1 45 ? -17.55628 -7.93465  -9.69764  1.000 94.81894  ? 45 LEU B CD1 1 
ATOM 1117 C CD2 . LEU B 1 45 ? -18.35006 -8.32151  -12.04602 1.000 98.15228  ? 45 LEU B CD2 1 
ATOM 1118 N N   . ALA B 1 46 ? -14.33999 -6.62132  -13.48885 1.000 75.41716  ? 46 ALA B N   1 
ATOM 1119 C CA  . ALA B 1 46 ? -13.45673 -7.47949  -14.27187 1.000 70.03860  ? 46 ALA B CA  1 
ATOM 1120 C C   . ALA B 1 46 ? -11.99903 -7.25655  -13.89495 1.000 68.39604  ? 46 ALA B C   1 
ATOM 1121 O O   . ALA B 1 46 ? -11.24542 -8.21646  -13.69646 1.000 69.12828  ? 46 ALA B O   1 
ATOM 1122 C CB  . ALA B 1 46 ? -13.67273 -7.23561  -15.76572 1.000 72.35467  ? 46 ALA B CB  1 
ATOM 1123 N N   . GLU B 1 47 ? -11.58237 -5.99026  -13.78518 1.000 69.32506  ? 47 GLU B N   1 
ATOM 1124 C CA  . GLU B 1 47 ? -10.19696 -5.71045  -13.42233 1.000 72.90281  ? 47 GLU B CA  1 
ATOM 1125 C C   . GLU B 1 47 ? -9.92844  -6.06053  -11.96662 1.000 66.79741  ? 47 GLU B C   1 
ATOM 1126 O O   . GLU B 1 47 ? -8.78887  -6.36780  -11.60493 1.000 66.32020  ? 47 GLU B O   1 
ATOM 1127 C CB  . GLU B 1 47 ? -9.85030  -4.24223  -13.69731 1.000 80.47675  ? 47 GLU B CB  1 
ATOM 1128 C CG  . GLU B 1 47 ? -8.34452  -3.98631  -13.88666 1.000 81.69038  ? 47 GLU B CG  1 
ATOM 1129 C CD  . GLU B 1 47 ? -7.90491  -2.58560  -13.48935 1.000 79.91294  ? 47 GLU B CD  1 
ATOM 1130 O OE1 . GLU B 1 47 ? -8.68504  -1.62762  -13.69022 1.000 74.93837  ? 47 GLU B OE1 1 
ATOM 1131 O OE2 . GLU B 1 47 ? -6.76478  -2.44590  -12.99524 1.000 74.43304  ? 47 GLU B OE2 1 
ATOM 1132 N N   . ALA B 1 48 ? -10.95871 -6.02866  -11.12205 1.000 59.94354  ? 48 ALA B N   1 
ATOM 1133 C CA  . ALA B 1 48 ? -10.78317 -6.46430  -9.74206  1.000 67.12102  ? 48 ALA B CA  1 
ATOM 1134 C C   . ALA B 1 48 ? -10.67507 -7.98212  -9.64918  1.000 67.21951  ? 48 ALA B C   1 
ATOM 1135 O O   . ALA B 1 48 ? -9.84647  -8.50546  -8.89458  1.000 68.40800  ? 48 ALA B O   1 
ATOM 1136 C CB  . ALA B 1 48 ? -11.93515 -5.95235  -8.88194  1.000 76.21313  ? 48 ALA B CB  1 
ATOM 1137 N N   . ALA B 1 49 ? -11.51964 -8.70649  -10.38879 1.000 71.55429  ? 49 ALA B N   1 
ATOM 1138 C CA  . ALA B 1 49 ? -11.42389 -10.16324 -10.40516 1.000 69.89263  ? 49 ALA B CA  1 
ATOM 1139 C C   . ALA B 1 49 ? -10.05945 -10.61565 -10.90349 1.000 67.71698  ? 49 ALA B C   1 
ATOM 1140 O O   . ALA B 1 49 ? -9.40476  -11.45596 -10.27361 1.000 64.27835  ? 49 ALA B O   1 
ATOM 1141 C CB  . ALA B 1 49 ? -12.53442 -10.75325 -11.27314 1.000 73.93680  ? 49 ALA B CB  1 
ATOM 1142 N N   . VAL B 1 50 ? -9.61807  -10.06609 -12.03681 1.000 67.35181  ? 50 VAL B N   1 
ATOM 1143 C CA  . VAL B 1 50 ? -8.28569  -10.36227 -12.55246 1.000 65.28025  ? 50 VAL B CA  1 
ATOM 1144 C C   . VAL B 1 50 ? -7.22383  -9.99858  -11.52337 1.000 68.79630  ? 50 VAL B C   1 
ATOM 1145 O O   . VAL B 1 50 ? -6.29236  -10.77139 -11.26590 1.000 73.96167  ? 50 VAL B O   1 
ATOM 1146 C CB  . VAL B 1 50 ? -8.06454  -9.62236  -13.88357 1.000 62.42124  ? 50 VAL B CB  1 
ATOM 1147 C CG1 . VAL B 1 50 ? -6.61739  -9.73291  -14.32113 1.000 64.43049  ? 50 VAL B CG1 1 
ATOM 1148 C CG2 . VAL B 1 50 ? -8.99907  -10.17028 -14.95017 1.000 65.63842  ? 50 VAL B CG2 1 
ATOM 1149 N N   . LEU B 1 51 ? -7.35144  -8.82068  -10.91312 1.000 67.91293  ? 51 LEU B N   1 
ATOM 1150 C CA  . LEU B 1 51 ? -6.40219  -8.41758  -9.88543  1.000 59.94950  ? 51 LEU B CA  1 
ATOM 1151 C C   . LEU B 1 51 ? -6.39418  -9.39425  -8.71800  1.000 65.96926  ? 51 LEU B C   1 
ATOM 1152 O O   . LEU B 1 51 ? -5.34282  -9.61920  -8.10773  1.000 67.31560  ? 51 LEU B O   1 
ATOM 1153 C CB  . LEU B 1 51 ? -6.73544  -7.01006  -9.40449  1.000 56.61836  ? 51 LEU B CB  1 
ATOM 1154 C CG  . LEU B 1 51 ? -5.62325  -6.28875  -8.66629  1.000 58.98884  ? 51 LEU B CG  1 
ATOM 1155 C CD1 . LEU B 1 51 ? -4.42697  -6.17309  -9.58137  1.000 80.85043  ? 51 LEU B CD1 1 
ATOM 1156 C CD2 . LEU B 1 51 ? -6.10581  -4.92096  -8.26879  1.000 61.15919  ? 51 LEU B CD2 1 
ATOM 1157 N N   . GLU B 1 52 ? -7.54937  -9.98219  -8.39562  1.000 68.27828  ? 52 GLU B N   1 
ATOM 1158 C CA  . GLU B 1 52 ? -7.60354  -10.97274 -7.32511  1.000 67.44111  ? 52 GLU B CA  1 
ATOM 1159 C C   . GLU B 1 52 ? -6.81555  -12.21924 -7.70170  1.000 68.25693  ? 52 GLU B C   1 
ATOM 1160 O O   . GLU B 1 52 ? -5.98156  -12.69984 -6.92531  1.000 69.42015  ? 52 GLU B O   1 
ATOM 1161 C CB  . GLU B 1 52 ? -9.05521  -11.33595 -7.00963  1.000 68.70094  ? 52 GLU B CB  1 
ATOM 1162 C CG  . GLU B 1 52 ? -9.20827  -12.66026 -6.26531  1.000 69.90479  ? 52 GLU B CG  1 
ATOM 1163 C CD  . GLU B 1 52 ? -10.22023 -12.59357 -5.13205  1.000 87.79378  ? 52 GLU B CD  1 
ATOM 1164 O OE1 . GLU B 1 52 ? -11.32269 -12.04953 -5.34634  1.000 90.08999  ? 52 GLU B OE1 1 
ATOM 1165 O OE2 . GLU B 1 52 ? -9.91115  -13.08017 -4.02392  1.000 90.97573  ? 52 GLU B OE2 1 
ATOM 1166 N N   . LEU B 1 53 ? -7.07164  -12.75795 -8.89712  1.000 65.38807  ? 53 LEU B N   1 
ATOM 1167 C CA  . LEU B 1 53 ? -6.32435  -13.92117 -9.36299  1.000 63.79665  ? 53 LEU B CA  1 
ATOM 1168 C C   . LEU B 1 53 ? -4.82538  -13.65347 -9.35465  1.000 68.50558  ? 53 LEU B C   1 
ATOM 1169 O O   . LEU B 1 53 ? -4.04045  -14.51087 -8.93657  1.000 72.10089  ? 53 LEU B O   1 
ATOM 1170 C CB  . LEU B 1 53 ? -6.80189  -14.32213 -10.75877 1.000 63.57796  ? 53 LEU B CB  1 
ATOM 1171 C CG  . LEU B 1 53 ? -6.18428  -15.55993 -11.41523 1.000 70.09369  ? 53 LEU B CG  1 
ATOM 1172 C CD1 . LEU B 1 53 ? -6.44166  -16.81821 -10.60918 1.000 72.61901  ? 53 LEU B CD1 1 
ATOM 1173 C CD2 . LEU B 1 53 ? -6.73029  -15.72259 -12.82700 1.000 74.37778  ? 53 LEU B CD2 1 
ATOM 1174 N N   . LYS B 1 54 ? -4.41083  -12.46363 -9.79941  1.000 70.74633  ? 54 LYS B N   1 
ATOM 1175 C CA  . LYS B 1 54 ? -3.00195  -12.08702 -9.71905  1.000 64.55711  ? 54 LYS B CA  1 
ATOM 1176 C C   . LYS B 1 54 ? -2.49622  -12.14998 -8.28426  1.000 66.73956  ? 54 LYS B C   1 
ATOM 1177 O O   . LYS B 1 54 ? -1.36544  -12.58269 -8.03255  1.000 70.72033  ? 54 LYS B O   1 
ATOM 1178 C CB  . LYS B 1 54 ? -2.80455  -10.68161 -10.28621 1.000 65.29448  ? 54 LYS B CB  1 
ATOM 1179 C CG  . LYS B 1 54 ? -1.35155  -10.24370 -10.41075 1.000 72.97655  ? 54 LYS B CG  1 
ATOM 1180 C CD  . LYS B 1 54 ? -0.91239  -10.14001 -11.86308 1.000 76.01375  ? 54 LYS B CD  1 
ATOM 1181 C CE  . LYS B 1 54 ? 0.27156   -9.19096  -12.00859 1.000 76.37731  ? 54 LYS B CE  1 
ATOM 1182 N NZ  . LYS B 1 54 ? 0.48921   -8.75176  -13.41753 1.000 82.81653  ? 54 LYS B NZ  1 
ATOM 1183 N N   . ALA B 1 55 ? -3.32336  -11.72211 -7.32863  1.000 61.59583  ? 55 ALA B N   1 
ATOM 1184 C CA  . ALA B 1 55 ? -2.89910  -11.70880 -5.93456  1.000 64.86370  ? 55 ALA B CA  1 
ATOM 1185 C C   . ALA B 1 55 ? -2.84933  -13.11113 -5.34802  1.000 65.19101  ? 55 ALA B C   1 
ATOM 1186 O O   . ALA B 1 55 ? -2.06301  -13.36910 -4.43070  1.000 69.43453  ? 55 ALA B O   1 
ATOM 1187 C CB  . ALA B 1 55 ? -3.83095  -10.82192 -5.11367  1.000 72.89651  ? 55 ALA B CB  1 
ATOM 1188 N N   . VAL B 1 56 ? -3.68414  -14.02106 -5.85066  1.000 61.14240  ? 56 VAL B N   1 
ATOM 1189 C CA  . VAL B 1 56 ? -3.60264  -15.41497 -5.42947  1.000 61.40360  ? 56 VAL B CA  1 
ATOM 1190 C C   . VAL B 1 56 ? -2.33724  -16.06573 -5.98167  1.000 75.47161  ? 56 VAL B C   1 
ATOM 1191 O O   . VAL B 1 56 ? -1.66503  -16.83584 -5.28347  1.000 82.45791  ? 56 VAL B O   1 
ATOM 1192 C CB  . VAL B 1 56 ? -4.87276  -16.17031 -5.86120  1.000 54.06354  ? 56 VAL B CB  1 
ATOM 1193 C CG1 . VAL B 1 56 ? -4.82057  -17.61938 -5.40966  1.000 67.96884  ? 56 VAL B CG1 1 
ATOM 1194 C CG2 . VAL B 1 56 ? -6.10460  -15.48733 -5.30289  1.000 63.34519  ? 56 VAL B CG2 1 
ATOM 1195 N N   . LEU B 1 57 ? -1.98517  -15.76152 -7.23788  1.000 76.98985  ? 57 LEU B N   1 
ATOM 1196 C CA  . LEU B 1 57 ? -0.76306  -16.31406 -7.81914  1.000 71.14418  ? 57 LEU B CA  1 
ATOM 1197 C C   . LEU B 1 57 ? 0.47020   -15.81660 -7.07675  1.000 72.35599  ? 57 LEU B C   1 
ATOM 1198 O O   . LEU B 1 57 ? 1.38175   -16.59727 -6.77982  1.000 80.96704  ? 57 LEU B O   1 
ATOM 1199 C CB  . LEU B 1 57 ? -0.66012  -15.96222 -9.30766  1.000 81.76904  ? 57 LEU B CB  1 
ATOM 1200 C CG  . LEU B 1 57 ? -1.83747  -16.18297 -10.26662 1.000 78.61872  ? 57 LEU B CG  1 
ATOM 1201 C CD1 . LEU B 1 57 ? -1.52751  -15.59208 -11.63934 1.000 68.09738  ? 57 LEU B CD1 1 
ATOM 1202 C CD2 . LEU B 1 57 ? -2.21644  -17.65405 -10.38442 1.000 74.08847  ? 57 LEU B CD2 1 
ATOM 1203 N N   . LEU B 1 58 ? 0.51669   -14.51873 -6.76775  1.000 68.42799  ? 58 LEU B N   1 
ATOM 1204 C CA  . LEU B 1 58 ? 1.64695   -13.98207 -6.01823  1.000 67.82994  ? 58 LEU B CA  1 
ATOM 1205 C C   . LEU B 1 58 ? 1.70287   -14.57335 -4.61450  1.000 73.47729  ? 58 LEU B C   1 
ATOM 1206 O O   . LEU B 1 58 ? 2.79109   -14.83239 -4.08627  1.000 79.41190  ? 58 LEU B O   1 
ATOM 1207 C CB  . LEU B 1 58 ? 1.55900   -12.45741 -5.96324  1.000 68.25204  ? 58 LEU B CB  1 
ATOM 1208 C CG  . LEU B 1 58 ? 1.83971   -11.72017 -7.27780  1.000 70.96069  ? 58 LEU B CG  1 
ATOM 1209 C CD1 . LEU B 1 58 ? 1.99599   -10.22348 -7.04375  1.000 71.42314  ? 58 LEU B CD1 1 
ATOM 1210 C CD2 . LEU B 1 58 ? 3.05656   -12.28813 -7.99897  1.000 81.99655  ? 58 LEU B CD2 1 
ATOM 1211 N N   . GLU B 1 59 ? 0.53881   -14.80063 -4.00007  1.000 74.60672  ? 59 GLU B N   1 
ATOM 1212 C CA  . GLU B 1 59 ? 0.49874   -15.42511 -2.68008  1.000 79.46481  ? 59 GLU B CA  1 
ATOM 1213 C C   . GLU B 1 59 ? 1.08634   -16.82990 -2.72172  1.000 77.44104  ? 59 GLU B C   1 
ATOM 1214 O O   . GLU B 1 59 ? 1.99884   -17.15886 -1.95465  1.000 79.58989  ? 59 GLU B O   1 
ATOM 1215 C CB  . GLU B 1 59 ? -0.94033  -15.45782 -2.15633  1.000 79.04525  ? 59 GLU B CB  1 
ATOM 1216 C CG  . GLU B 1 59 ? -1.09216  -16.08248 -0.77028  1.000 80.06479  ? 59 GLU B CG  1 
ATOM 1217 C CD  . GLU B 1 59 ? -2.52282  -16.03496 -0.25159  1.000 91.07321  ? 59 GLU B CD  1 
ATOM 1218 O OE1 . GLU B 1 59 ? -3.38525  -16.75983 -0.79257  1.000 96.71112  ? 59 GLU B OE1 1 
ATOM 1219 O OE2 . GLU B 1 59 ? -2.78664  -15.27274 0.70089   1.000 90.76266  ? 59 GLU B OE2 1 
ATOM 1220 N N   . LEU B 1 60 ? 0.57435   -17.67508 -3.61830  1.000 73.24244  ? 60 LEU B N   1 
ATOM 1221 C CA  . LEU B 1 60 ? 1.08131   -19.03841 -3.71851  1.000 75.67295  ? 60 LEU B CA  1 
ATOM 1222 C C   . LEU B 1 60 ? 2.55289   -19.06622 -4.10224  1.000 79.68001  ? 60 LEU B C   1 
ATOM 1223 O O   . LEU B 1 60 ? 3.30088   -19.92136 -3.61522  1.000 86.05659  ? 60 LEU B O   1 
ATOM 1224 C CB  . LEU B 1 60 ? 0.24997   -19.84196 -4.71732  1.000 71.32362  ? 60 LEU B CB  1 
ATOM 1225 C CG  . LEU B 1 60 ? -0.95581  -20.55700 -4.10421  1.000 80.07429  ? 60 LEU B CG  1 
ATOM 1226 C CD1 . LEU B 1 60 ? -1.94144  -19.57451 -3.49015  1.000 75.83240  ? 60 LEU B CD1 1 
ATOM 1227 C CD2 . LEU B 1 60 ? -1.63781  -21.42904 -5.13920  1.000 84.80947  ? 60 LEU B CD2 1 
ATOM 1228 N N   . GLU B 1 61 ? 2.98983   -18.14519 -4.96147  1.000 76.51603  ? 61 GLU B N   1 
ATOM 1229 C CA  . GLU B 1 61 ? 4.41469   -18.05042 -5.25094  1.000 82.14126  ? 61 GLU B CA  1 
ATOM 1230 C C   . GLU B 1 61 ? 5.20165   -17.63662 -4.01488  1.000 82.97029  ? 61 GLU B C   1 
ATOM 1231 O O   . GLU B 1 61 ? 6.37032   -18.01190 -3.86903  1.000 90.31105  ? 61 GLU B O   1 
ATOM 1232 C CB  . GLU B 1 61 ? 4.65529   -17.07276 -6.40093  1.000 86.63466  ? 61 GLU B CB  1 
ATOM 1233 C CG  . GLU B 1 61 ? 6.08763   -17.04966 -6.90595  1.000 94.17182  ? 61 GLU B CG  1 
ATOM 1234 C CD  . GLU B 1 61 ? 6.59756   -18.43301 -7.27023  1.000 110.90612 ? 61 GLU B CD  1 
ATOM 1235 O OE1 . GLU B 1 61 ? 5.87864   -19.16642 -7.98086  1.000 119.41905 ? 61 GLU B OE1 1 
ATOM 1236 O OE2 . GLU B 1 61 ? 7.71960   -18.78757 -6.84869  1.000 111.71182 ? 61 GLU B OE2 1 
ATOM 1237 N N   . ALA B 1 62 ? 4.57759   -16.88193 -3.10946  1.000 75.35559  ? 62 ALA B N   1 
ATOM 1238 C CA  . ALA B 1 62 ? 5.24204   -16.54015 -1.85768  1.000 75.62568  ? 62 ALA B CA  1 
ATOM 1239 C C   . ALA B 1 62 ? 5.27705   -17.73107 -0.91063  1.000 75.72230  ? 62 ALA B C   1 
ATOM 1240 O O   . ALA B 1 62 ? 6.23850   -17.90026 -0.15368  1.000 84.87247  ? 62 ALA B O   1 
ATOM 1241 C CB  . ALA B 1 62 ? 4.54591   -15.35277 -1.19880  1.000 79.96531  ? 62 ALA B CB  1 
ATOM 1242 N N   . ARG B 1 63 ? 4.23362   -18.56118 -0.92935  1.000 75.16148  ? 63 ARG B N   1 
ATOM 1243 C CA  . ARG B 1 63 ? 4.24595   -19.77338 -0.11923  1.000 74.37290  ? 63 ARG B CA  1 
ATOM 1244 C C   . ARG B 1 63 ? 5.31005   -20.73534 -0.61226  1.000 83.00638  ? 63 ARG B C   1 
ATOM 1245 O O   . ARG B 1 63 ? 5.93613   -21.44446 0.18238   1.000 88.63028  ? 63 ARG B O   1 
ATOM 1246 C CB  . ARG B 1 63 ? 2.88052   -20.44138 -0.16392  1.000 67.19999  ? 63 ARG B CB  1 
ATOM 1247 C CG  . ARG B 1 63 ? 1.79748   -19.59753 0.43182   1.000 76.57213  ? 63 ARG B CG  1 
ATOM 1248 C CD  . ARG B 1 63 ? 0.49512   -20.33994 0.46180   1.000 81.10509  ? 63 ARG B CD  1 
ATOM 1249 N NE  . ARG B 1 63 ? -0.60380  -19.41910 0.70839   1.000 84.75297  ? 63 ARG B NE  1 
ATOM 1250 C CZ  . ARG B 1 63 ? -1.05234  -19.09834 1.91274   1.000 98.74312  ? 63 ARG B CZ  1 
ATOM 1251 N NH1 . ARG B 1 63 ? -0.49413  -19.58454 3.01091   1.000 98.24590  ? 63 ARG B NH1 1 
ATOM 1252 N NH2 . ARG B 1 63 ? -2.07860  -18.25964 2.01904   1.000 104.41531 ? 63 ARG B NH2 1 
ATOM 1253 N N   . ARG B 1 64 ? 5.52235   -20.77668 -1.92808  1.000 81.74109  ? 64 ARG B N   1 
ATOM 1254 C CA  . ARG B 1 64 ? 6.61460   -21.56606 -2.48000  1.000 85.54196  ? 64 ARG B CA  1 
ATOM 1255 C C   . ARG B 1 64 ? 7.96223   -20.99993 -2.05051  1.000 90.61495  ? 64 ARG B C   1 
ATOM 1256 O O   . ARG B 1 64 ? 8.85509   -21.74266 -1.62999  1.000 102.48900 ? 64 ARG B O   1 
ATOM 1257 C CB  . ARG B 1 64 ? 6.51412   -21.60496 -4.00464  1.000 95.60839  ? 64 ARG B CB  1 
ATOM 1258 C CG  . ARG B 1 64 ? 5.35114   -22.42733 -4.54873  1.000 106.58220 ? 64 ARG B CG  1 
ATOM 1259 C CD  . ARG B 1 64 ? 5.10241   -22.11136 -6.01807  1.000 106.85863 ? 64 ARG B CD  1 
ATOM 1260 N NE  . ARG B 1 64 ? 5.61003   -23.15882 -6.89730  1.000 112.76059 ? 64 ARG B NE  1 
ATOM 1261 C CZ  . ARG B 1 64 ? 6.83389   -23.18227 -7.40729  1.000 105.78792 ? 64 ARG B CZ  1 
ATOM 1262 N NH1 . ARG B 1 64 ? 7.71747   -22.23807 -7.12849  1.000 99.33506  ? 64 ARG B NH1 1 
ATOM 1263 N NH2 . ARG B 1 64 ? 7.18347   -24.18353 -8.20947  1.000 102.16905 ? 64 ARG B NH2 1 
ATOM 1264 N N   . LEU B 1 65 ? 8.12525   -19.67713 -2.15324  1.000 84.42193  ? 65 LEU B N   1 
ATOM 1265 C CA  . LEU B 1 65 ? 9.38709   -19.04751 -1.77161  1.000 83.11168  ? 65 LEU B CA  1 
ATOM 1266 C C   . LEU B 1 65 ? 9.68636   -19.24651 -0.29151  1.000 93.88937  ? 65 LEU B C   1 
ATOM 1267 O O   . LEU B 1 65 ? 10.84750  -19.41398 0.09899   1.000 103.82698 ? 65 LEU B O   1 
ATOM 1268 C CB  . LEU B 1 65 ? 9.34951   -17.55937 -2.10710  1.000 80.62666  ? 65 LEU B CB  1 
ATOM 1269 C CG  . LEU B 1 65 ? 10.55229  -17.02706 -2.88009  1.000 89.69897  ? 65 LEU B CG  1 
ATOM 1270 C CD1 . LEU B 1 65 ? 10.85966  -17.93034 -4.05584  1.000 101.97114 ? 65 LEU B CD1 1 
ATOM 1271 C CD2 . LEU B 1 65 ? 10.30538  -15.60266 -3.34022  1.000 99.53803  ? 65 LEU B CD2 1 
ATOM 1272 N N   . LEU B 1 66 ? 8.65251   -19.21598 0.54922   1.000 97.46685  ? 66 LEU B N   1 
ATOM 1273 C CA  . LEU B 1 66 ? 8.84125   -19.48816 1.96956   1.000 101.20510 ? 66 LEU B CA  1 
ATOM 1274 C C   . LEU B 1 66 ? 9.18546   -20.95293 2.21364   1.000 105.39160 ? 66 LEU B C   1 
ATOM 1275 O O   . LEU B 1 66 ? 9.98501   -21.26920 3.10337   1.000 109.94516 ? 66 LEU B O   1 
ATOM 1276 C CB  . LEU B 1 66 ? 7.58558   -19.08414 2.73796   1.000 103.17029 ? 66 LEU B CB  1 
ATOM 1277 C CG  . LEU B 1 66 ? 7.40893   -19.67805 4.13150   1.000 112.52145 ? 66 LEU B CG  1 
ATOM 1278 C CD1 . LEU B 1 66 ? 8.35985   -19.04321 5.12726   1.000 111.88540 ? 66 LEU B CD1 1 
ATOM 1279 C CD2 . LEU B 1 66 ? 5.97147   -19.49366 4.56750   1.000 112.85122 ? 66 LEU B CD2 1 
ATOM 1280 N N   . LYS B 1 67 ? 8.59111   -21.86100 1.43451   1.000 105.26718 ? 67 LYS B N   1 
ATOM 1281 C CA  . LYS B 1 67 ? 8.93205   -23.27499 1.53557   1.000 104.65948 ? 67 LYS B CA  1 
ATOM 1282 C C   . LYS B 1 67 ? 10.38857  -23.52966 1.16613   1.000 108.80367 ? 67 LYS B C   1 
ATOM 1283 O O   . LYS B 1 67 ? 11.06906  -24.33714 1.80751   1.000 120.32765 ? 67 LYS B O   1 
ATOM 1284 C CB  . LYS B 1 67 ? 8.00289   -24.09693 0.64431   1.000 101.80203 ? 67 LYS B CB  1 
ATOM 1285 C CG  . LYS B 1 67 ? 6.61106   -24.30339 1.21272   1.000 104.25333 ? 67 LYS B CG  1 
ATOM 1286 C CD  . LYS B 1 67 ? 6.66051   -24.59156 2.69765   1.000 106.69213 ? 67 LYS B CD  1 
ATOM 1287 C CE  . LYS B 1 67 ? 5.54415   -25.54200 3.08076   1.000 97.92115  ? 67 LYS B CE  1 
ATOM 1288 N NZ  . LYS B 1 67 ? 5.82693   -26.26761 4.34604   1.000 102.65614 ? 67 LYS B NZ  1 
ATOM 1289 N N   . GLU B 1 68 ? 10.88465  -22.84592 0.12972   1.000 105.07624 ? 68 GLU B N   1 
ATOM 1290 C CA  . GLU B 1 68 ? 12.27209  -23.03714 -0.28555  1.000 109.09566 ? 68 GLU B CA  1 
ATOM 1291 C C   . GLU B 1 68 ? 13.24118  -22.41115 0.71018   1.000 112.79877 ? 68 GLU B C   1 
ATOM 1292 O O   . GLU B 1 68 ? 14.31919  -22.96086 0.96719   1.000 126.51085 ? 68 GLU B O   1 
ATOM 1293 C CB  . GLU B 1 68 ? 12.49429  -22.44987 -1.67924  1.000 110.46570 ? 68 GLU B CB  1 
ATOM 1294 C CG  . GLU B 1 68 ? 11.87148  -23.24487 -2.81165  1.000 124.90621 ? 68 GLU B CG  1 
ATOM 1295 C CD  . GLU B 1 68 ? 12.57343  -23.00569 -4.13217  1.000 136.27366 ? 68 GLU B CD  1 
ATOM 1296 O OE1 . GLU B 1 68 ? 13.29710  -21.99392 -4.24020  1.000 144.46905 ? 68 GLU B OE1 1 
ATOM 1297 O OE2 . GLU B 1 68 ? 12.40644  -23.82873 -5.05660  1.000 148.80310 ? 68 GLU B OE2 1 
ATOM 1298 N N   . SER B 1 69 ? 12.88610  -21.25677 1.26570   1.000 105.50382 ? 69 SER B N   1 
ATOM 1299 C CA  . SER B 1 69 ? 13.70470  -20.60992 2.28506   1.000 102.92318 ? 69 SER B CA  1 
ATOM 1300 C C   . SER B 1 69 ? 12.78915  -19.78753 3.17563   1.000 106.00370 ? 69 SER B C   1 
ATOM 1301 O O   . SER B 1 69 ? 12.11738  -18.86913 2.69586   1.000 108.34091 ? 69 SER B O   1 
ATOM 1302 C CB  . SER B 1 69 ? 14.78494  -19.72781 1.65585   1.000 104.11315 ? 69 SER B CB  1 
ATOM 1303 O OG  . SER B 1 69 ? 15.35998  -18.86352 2.62030   1.000 116.98554 ? 69 SER B OG  1 
ATOM 1304 N N   . GLY B 1 70 ? 12.75514  -20.11731 4.46357   1.000 110.21593 ? 70 GLY B N   1 
ATOM 1305 C CA  . GLY B 1 70 ? 11.91887  -19.38810 5.39645   1.000 109.60863 ? 70 GLY B CA  1 
ATOM 1306 C C   . GLY B 1 70 ? 12.49338  -18.03716 5.77595   1.000 114.89615 ? 70 GLY B C   1 
ATOM 1307 O O   . GLY B 1 70 ? 12.50833  -17.67190 6.95572   1.000 112.78938 ? 70 GLY B O   1 
ATOM 1308 N N   . GLY B 1 71 ? 12.95679  -17.27770 4.78203   1.000 107.24758 ? 71 GLY B N   1 
ATOM 1309 C CA  . GLY B 1 71 ? 13.58864  -16.00263 5.05799   1.000 102.66459 ? 71 GLY B CA  1 
ATOM 1310 C C   . GLY B 1 71 ? 12.58324  -14.93462 5.44570   1.000 108.50481 ? 71 GLY B C   1 
ATOM 1311 O O   . GLY B 1 71 ? 11.40996  -14.98257 5.07667   1.000 104.75444 ? 71 GLY B O   1 
ATOM 1312 N N   . GLU B 1 72 ? 13.06339  -13.95868 6.22177   1.000 114.05937 ? 72 GLU B N   1 
ATOM 1313 C CA  . GLU B 1 72 ? 12.22340  -12.82478 6.59641   1.000 115.63953 ? 72 GLU B CA  1 
ATOM 1314 C C   . GLU B 1 72 ? 11.78836  -12.02007 5.38084   1.000 111.35672 ? 72 GLU B C   1 
ATOM 1315 O O   . GLU B 1 72 ? 10.66471  -11.50319 5.34804   1.000 111.80918 ? 72 GLU B O   1 
ATOM 1316 C CB  . GLU B 1 72 ? 12.96422  -11.92695 7.58792   1.000 112.57850 ? 72 GLU B CB  1 
ATOM 1317 C CG  . GLU B 1 72 ? 12.06394  -10.99728 8.40553   1.000 117.84884 ? 72 GLU B CG  1 
ATOM 1318 C CD  . GLU B 1 72 ? 10.78517  -11.65980 8.87970   1.000 120.00707 ? 72 GLU B CD  1 
ATOM 1319 O OE1 . GLU B 1 72 ? 10.86007  -12.61982 9.67326   1.000 124.87075 ? 72 GLU B OE1 1 
ATOM 1320 O OE2 . GLU B 1 72 ? 9.69773   -11.20564 8.46470   1.000 119.82390 ? 72 GLU B OE2 1 
ATOM 1321 N N   . VAL B 1 73 ? 12.65925  -11.89694 4.37903   1.000 99.76806  ? 73 VAL B N   1 
ATOM 1322 C CA  . VAL B 1 73 ? 12.27491  -11.19529 3.16101   1.000 99.64875  ? 73 VAL B CA  1 
ATOM 1323 C C   . VAL B 1 73 ? 11.15307  -11.93782 2.44941   1.000 95.77506  ? 73 VAL B C   1 
ATOM 1324 O O   . VAL B 1 73 ? 10.19366  -11.32269 1.97049   1.000 100.33965 ? 73 VAL B O   1 
ATOM 1325 C CB  . VAL B 1 73 ? 13.50196  -10.99140 2.25660   1.000 109.21472 ? 73 VAL B CB  1 
ATOM 1326 C CG1 . VAL B 1 73 ? 14.37711  -9.88169  2.80822   1.000 110.83877 ? 73 VAL B CG1 1 
ATOM 1327 C CG2 . VAL B 1 73 ? 14.31587  -12.27845 2.17497   1.000 107.72369 ? 73 VAL B CG2 1 
ATOM 1328 N N   . ALA B 1 74 ? 11.23207  -13.26929 2.38997   1.000 87.23882  ? 74 ALA B N   1 
ATOM 1329 C CA  . ALA B 1 74 ? 10.13202  -14.03661 1.82074   1.000 84.43719  ? 74 ALA B CA  1 
ATOM 1330 C C   . ALA B 1 74 ? 8.88807   -13.96132 2.69371   1.000 89.22078  ? 74 ALA B C   1 
ATOM 1331 O O   . ALA B 1 74 ? 7.76526   -13.99485 2.17562   1.000 86.85164  ? 74 ALA B O   1 
ATOM 1332 C CB  . ALA B 1 74 ? 10.55591  -15.48877 1.61674   1.000 94.24427  ? 74 ALA B CB  1 
ATOM 1333 N N   . ARG B 1 75 ? 9.06306   -13.85313 4.01104   1.000 93.25800  ? 75 ARG B N   1 
ATOM 1334 C CA  . ARG B 1 75 ? 7.90822   -13.77779 4.89413   1.000 99.26047  ? 75 ARG B CA  1 
ATOM 1335 C C   . ARG B 1 75 ? 7.11933   -12.49664 4.65062   1.000 92.54425  ? 75 ARG B C   1 
ATOM 1336 O O   . ARG B 1 75 ? 5.90939   -12.54779 4.40725   1.000 91.43462  ? 75 ARG B O   1 
ATOM 1337 C CB  . ARG B 1 75 ? 8.34806   -13.89697 6.35432   1.000 105.72219 ? 75 ARG B CB  1 
ATOM 1338 C CG  . ARG B 1 75 ? 8.40906   -15.34991 6.84755   1.000 113.01107 ? 75 ARG B CG  1 
ATOM 1339 C CD  . ARG B 1 75 ? 9.01529   -15.46690 8.24521   1.000 110.67249 ? 75 ARG B CD  1 
ATOM 1340 N NE  . ARG B 1 75 ? 9.91487   -16.60806 8.36946   1.000 105.51383 ? 75 ARG B NE  1 
ATOM 1341 C CZ  . ARG B 1 75 ? 9.54876   -17.81780 8.77105   1.000 97.63540  ? 75 ARG B CZ  1 
ATOM 1342 N NH1 . ARG B 1 75 ? 8.29647   -18.08767 9.11112   1.000 90.26345  ? 75 ARG B NH1 1 
ATOM 1343 N NH2 . ARG B 1 75 ? 10.46075  -18.78139 8.83732   1.000 92.95061  ? 75 ARG B NH2 1 
ATOM 1344 N N   . GLU B 1 76 ? 7.78714   -11.33529 4.68236   1.000 87.48527  ? 76 GLU B N   1 
ATOM 1345 C CA  . GLU B 1 76 ? 7.05472   -10.08952 4.45642   1.000 96.54636  ? 76 GLU B CA  1 
ATOM 1346 C C   . GLU B 1 76 ? 6.41549   -10.05045 3.07247   1.000 94.21435  ? 76 GLU B C   1 
ATOM 1347 O O   . GLU B 1 76 ? 5.34119   -9.46038  2.90649   1.000 98.22174  ? 76 GLU B O   1 
ATOM 1348 C CB  . GLU B 1 76 ? 7.95699   -8.86583  4.66151   1.000 102.28935 ? 76 GLU B CB  1 
ATOM 1349 C CG  . GLU B 1 76 ? 8.99062   -8.59677  3.57448   1.000 106.34530 ? 76 GLU B CG  1 
ATOM 1350 C CD  . GLU B 1 76 ? 10.14915  -7.74652  4.07777   1.000 113.00057 ? 76 GLU B CD  1 
ATOM 1351 O OE1 . GLU B 1 76 ? 9.88793   -6.63221  4.58357   1.000 123.37532 ? 76 GLU B OE1 1 
ATOM 1352 O OE2 . GLU B 1 76 ? 11.31379  -8.18750  3.97222   1.000 111.28352 ? 76 GLU B OE2 1 
ATOM 1353 N N   . ALA B 1 77 ? 7.03914   -10.67955 2.07434   1.000 86.33280  ? 77 ALA B N   1 
ATOM 1354 C CA  . ALA B 1 77 ? 6.41712   -10.73016 0.75642   1.000 82.81962  ? 77 ALA B CA  1 
ATOM 1355 C C   . ALA B 1 77 ? 5.11517   -11.52073 0.79808   1.000 80.23355  ? 77 ALA B C   1 
ATOM 1356 O O   . ALA B 1 77 ? 4.14513   -11.16646 0.11799   1.000 83.39073  ? 77 ALA B O   1 
ATOM 1357 C CB  . ALA B 1 77 ? 7.38392   -11.32441 -0.26855  1.000 76.01943  ? 77 ALA B CB  1 
ATOM 1358 N N   . LEU B 1 78 ? 5.06377   -12.58587 1.59979   1.000 73.53666  ? 78 LEU B N   1 
ATOM 1359 C CA  . LEU B 1 78 ? 3.81528   -13.33072 1.71463   1.000 79.95561  ? 78 LEU B CA  1 
ATOM 1360 C C   . LEU B 1 78 ? 2.75452   -12.49848 2.42415   1.000 83.89446  ? 78 LEU B C   1 
ATOM 1361 O O   . LEU B 1 78 ? 1.56997   -12.55935 2.07254   1.000 83.03448  ? 78 LEU B O   1 
ATOM 1362 C CB  . LEU B 1 78 ? 4.05381   -14.65672 2.44072   1.000 82.05675  ? 78 LEU B CB  1 
ATOM 1363 C CG  . LEU B 1 78 ? 3.06919   -15.81621 2.20132   1.000 92.52314  ? 78 LEU B CG  1 
ATOM 1364 C CD1 . LEU B 1 78 ? 3.65370   -17.12541 2.70661   1.000 105.30072 ? 78 LEU B CD1 1 
ATOM 1365 C CD2 . LEU B 1 78 ? 1.69011   -15.59703 2.82476   1.000 82.78852  ? 78 LEU B CD2 1 
ATOM 1366 N N   . GLU B 1 79 ? 3.16332   -11.70534 3.41716   1.000 82.19282  ? 79 GLU B N   1 
ATOM 1367 C CA  . GLU B 1 79 ? 2.21400   -10.83947 4.10825   1.000 86.73237  ? 79 GLU B CA  1 
ATOM 1368 C C   . GLU B 1 79 ? 1.63840   -9.79550  3.15940   1.000 87.49880  ? 79 GLU B C   1 
ATOM 1369 O O   . GLU B 1 79 ? 0.42404   -9.55641  3.14579   1.000 84.68323  ? 79 GLU B O   1 
ATOM 1370 C CB  . GLU B 1 79 ? 2.89535   -10.17678 5.30868   1.000 94.07074  ? 79 GLU B CB  1 
ATOM 1371 C CG  . GLU B 1 79 ? 1.93670   -9.66882  6.38330   1.000 108.19153 ? 79 GLU B CG  1 
ATOM 1372 C CD  . GLU B 1 79 ? 2.63975   -9.32696  7.68960   1.000 105.38685 ? 79 GLU B CD  1 
ATOM 1373 O OE1 . GLU B 1 79 ? 3.88906   -9.29391  7.70851   1.000 99.94036  ? 79 GLU B OE1 1 
ATOM 1374 O OE2 . GLU B 1 79 ? 1.94160   -9.09999  8.70125   1.000 115.31705 ? 79 GLU B OE2 1 
ATOM 1375 N N   . LEU B 1 80 ? 2.49670   -9.17986  2.34188   1.000 87.91492  ? 80 LEU B N   1 
ATOM 1376 C CA  . LEU B 1 80 ? 2.04107   -8.18001  1.38097   1.000 84.43885  ? 80 LEU B CA  1 
ATOM 1377 C C   . LEU B 1 80 ? 1.10627   -8.78153  0.33429   1.000 86.23309  ? 80 LEU B C   1 
ATOM 1378 O O   . LEU B 1 80 ? 0.13709   -8.13199  -0.07898  1.000 87.76046  ? 80 LEU B O   1 
ATOM 1379 C CB  . LEU B 1 80 ? 3.25437   -7.52337  0.71991   1.000 76.53971  ? 80 LEU B CB  1 
ATOM 1380 C CG  . LEU B 1 80 ? 4.13268   -6.72033  1.68645   1.000 76.73793  ? 80 LEU B CG  1 
ATOM 1381 C CD1 . LEU B 1 80 ? 5.43101   -6.26746  1.03622   1.000 73.47485  ? 80 LEU B CD1 1 
ATOM 1382 C CD2 . LEU B 1 80 ? 3.36646   -5.51723  2.22594   1.000 89.55028  ? 80 LEU B CD2 1 
ATOM 1383 N N   . ALA B 1 81 ? 1.36980   -10.01822 -0.09516  1.000 82.67127  ? 81 ALA B N   1 
ATOM 1384 C CA  . ALA B 1 81 ? 0.49218   -10.67176 -1.06240  1.000 76.15517  ? 81 ALA B CA  1 
ATOM 1385 C C   . ALA B 1 81 ? -0.87280  -10.97811 -0.45649  1.000 77.46112  ? 81 ALA B C   1 
ATOM 1386 O O   . ALA B 1 81 ? -1.90455  -10.80646 -1.11761  1.000 75.81924  ? 81 ALA B O   1 
ATOM 1387 C CB  . ALA B 1 81 ? 1.14802   -11.94945 -1.58500  1.000 82.39462  ? 81 ALA B CB  1 
ATOM 1388 N N   . ARG B 1 82 ? -0.89675  -11.44162 0.79620   1.000 78.16663  ? 82 ARG B N   1 
ATOM 1389 C CA  . ARG B 1 82 ? -2.16504  -11.65327 1.48435   1.000 80.42240  ? 82 ARG B CA  1 
ATOM 1390 C C   . ARG B 1 82 ? -2.94431  -10.35170 1.59277   1.000 77.10130  ? 82 ARG B C   1 
ATOM 1391 O O   . ARG B 1 82 ? -4.15800  -10.32205 1.35837   1.000 75.24642  ? 82 ARG B O   1 
ATOM 1392 C CB  . ARG B 1 82 ? -1.91492  -12.23870 2.87367   1.000 87.61960  ? 82 ARG B CB  1 
ATOM 1393 C CG  . ARG B 1 82 ? -1.32410  -13.63470 2.87238   1.000 78.52216  ? 82 ARG B CG  1 
ATOM 1394 C CD  . ARG B 1 82 ? -1.28134  -14.21233 4.27219   1.000 88.30858  ? 82 ARG B CD  1 
ATOM 1395 N NE  . ARG B 1 82 ? -2.62055  -14.32235 4.83721   1.000 107.84269 ? 82 ARG B NE  1 
ATOM 1396 C CZ  . ARG B 1 82 ? -3.02914  -13.68607 5.92657   1.000 99.66894  ? 82 ARG B CZ  1 
ATOM 1397 N NH1 . ARG B 1 82 ? -2.21743  -12.89673 6.61130   1.000 80.92934  ? 82 ARG B NH1 1 
ATOM 1398 N NH2 . ARG B 1 82 ? -4.28373  -13.84514 6.33870   1.000 98.94556  ? 82 ARG B NH2 1 
ATOM 1399 N N   . GLU B 1 83 ? -2.25479  -9.26288  1.94231   1.000 75.19429  ? 83 GLU B N   1 
ATOM 1400 C CA  . GLU B 1 83 ? -2.90374  -7.95998  2.03782   1.000 78.69402  ? 83 GLU B CA  1 
ATOM 1401 C C   . GLU B 1 83 ? -3.47607  -7.52836  0.69468   1.000 76.52961  ? 83 GLU B C   1 
ATOM 1402 O O   . GLU B 1 83 ? -4.60568  -7.02925  0.62335   1.000 73.84025  ? 83 GLU B O   1 
ATOM 1403 C CB  . GLU B 1 83 ? -1.90746  -6.92450  2.55804   1.000 80.13921  ? 83 GLU B CB  1 
ATOM 1404 C CG  . GLU B 1 83 ? -2.51467  -5.56058  2.85705   1.000 92.67960  ? 83 GLU B CG  1 
ATOM 1405 C CD  . GLU B 1 83 ? -1.57061  -4.65760  3.63690   1.000 109.62327 ? 83 GLU B CD  1 
ATOM 1406 O OE1 . GLU B 1 83 ? -0.39273  -4.53880  3.24162   1.000 105.84947 ? 83 GLU B OE1 1 
ATOM 1407 O OE2 . GLU B 1 83 ? -2.00181  -4.06534  4.64861   1.000 126.74760 ? 83 GLU B OE2 1 
ATOM 1408 N N   . ALA B 1 84 ? -2.70828  -7.70812  -0.38194  1.000 73.64861  ? 84 ALA B N   1 
ATOM 1409 C CA  . ALA B 1 84 ? -3.22911  -7.42038  -1.71345  1.000 72.68568  ? 84 ALA B CA  1 
ATOM 1410 C C   . ALA B 1 84 ? -4.41846  -8.31192  -2.04489  1.000 71.07890  ? 84 ALA B C   1 
ATOM 1411 O O   . ALA B 1 84 ? -5.42245  -7.83750  -2.59022  1.000 69.57278  ? 84 ALA B O   1 
ATOM 1412 C CB  . ALA B 1 84 ? -2.12684  -7.58801  -2.75762  1.000 77.62733  ? 84 ALA B CB  1 
ATOM 1413 N N   . ARG B 1 85 ? -4.32175  -9.60664  -1.73192  1.000 73.18619  ? 85 ARG B N   1 
ATOM 1414 C CA  . ARG B 1 85 ? -5.45420  -10.50188 -1.94125  1.000 73.22311  ? 85 ARG B CA  1 
ATOM 1415 C C   . ARG B 1 85 ? -6.69164  -9.98342  -1.22124  1.000 80.86494  ? 85 ARG B C   1 
ATOM 1416 O O   . ARG B 1 85 ? -7.77471  -9.89037  -1.81053  1.000 80.53852  ? 85 ARG B O   1 
ATOM 1417 C CB  . ARG B 1 85 ? -5.10553  -11.91282 -1.46516  1.000 76.70806  ? 85 ARG B CB  1 
ATOM 1418 C CG  . ARG B 1 85 ? -6.31452  -12.81508 -1.25501  1.000 85.88926  ? 85 ARG B CG  1 
ATOM 1419 C CD  . ARG B 1 85 ? -5.90250  -14.18769 -0.74114  1.000 96.27973  ? 85 ARG B CD  1 
ATOM 1420 N NE  . ARG B 1 85 ? -5.43274  -14.13648 0.64006   1.000 104.45354 ? 85 ARG B NE  1 
ATOM 1421 C CZ  . ARG B 1 85 ? -6.20737  -13.91493 1.69436   1.000 103.08668 ? 85 ARG B CZ  1 
ATOM 1422 N NH1 . ARG B 1 85 ? -7.51346  -13.73937 1.56921   1.000 99.80979  ? 85 ARG B NH1 1 
ATOM 1423 N NH2 . ARG B 1 85 ? -5.65885  -13.86820 2.90551   1.000 96.05252  ? 85 ARG B NH2 1 
ATOM 1424 N N   . ARG B 1 86 ? -6.53926  -9.61568  0.05436   1.000 81.98631  ? 86 ARG B N   1 
ATOM 1425 C CA  . ARG B 1 86 ? -7.68367  -9.15854  0.83666   1.000 80.16007  ? 86 ARG B CA  1 
ATOM 1426 C C   . ARG B 1 86 ? -8.25707  -7.85757  0.28294   1.000 78.30275  ? 86 ARG B C   1 
ATOM 1427 O O   . ARG B 1 86 ? -9.48060  -7.71756  0.16253   1.000 80.52567  ? 86 ARG B O   1 
ATOM 1428 C CB  . ARG B 1 86 ? -7.28164  -9.00163  2.30295   1.000 88.56109  ? 86 ARG B CB  1 
ATOM 1429 C CG  . ARG B 1 86 ? -6.85362  -10.30769 2.96725   1.000 94.49592  ? 86 ARG B CG  1 
ATOM 1430 C CD  . ARG B 1 86 ? -6.64273  -10.12944 4.46060   1.000 96.94796  ? 86 ARG B CD  1 
ATOM 1431 N NE  . ARG B 1 86 ? -5.71830  -9.04092  4.75322   1.000 99.65820  ? 86 ARG B NE  1 
ATOM 1432 C CZ  . ARG B 1 86 ? -5.51170  -8.53992  5.96330   1.000 100.42724 ? 86 ARG B CZ  1 
ATOM 1433 N NH1 . ARG B 1 86 ? -6.14216  -9.01615  7.02526   1.000 105.90242 ? 86 ARG B NH1 1 
ATOM 1434 N NH2 . ARG B 1 86 ? -4.65231  -7.53525  6.11154   1.000 92.81383  ? 86 ARG B NH2 1 
ATOM 1435 N N   . GLU B 1 87 ? -7.39457  -6.89528  -0.06282  1.000 75.85400  ? 87 GLU B N   1 
ATOM 1436 C CA  . GLU B 1 87 ? -7.88070  -5.66152  -0.67472  1.000 74.29496  ? 87 GLU B CA  1 
ATOM 1437 C C   . GLU B 1 87 ? -8.56650  -5.93002  -2.00859  1.000 79.67378  ? 87 GLU B C   1 
ATOM 1438 O O   . GLU B 1 87 ? -9.55070  -5.26055  -2.34446  1.000 84.37508  ? 87 GLU B O   1 
ATOM 1439 C CB  . GLU B 1 87 ? -6.73393  -4.66399  -0.86755  1.000 72.08828  ? 87 GLU B CB  1 
ATOM 1440 C CG  . GLU B 1 87 ? -6.29084  -3.91189  0.38915   1.000 78.76210  ? 87 GLU B CG  1 
ATOM 1441 C CD  . GLU B 1 87 ? -7.20570  -2.74808  0.76886   1.000 88.72694  ? 87 GLU B CD  1 
ATOM 1442 O OE1 . GLU B 1 87 ? -8.24682  -2.54861  0.10696   1.000 81.43967  ? 87 GLU B OE1 1 
ATOM 1443 O OE2 . GLU B 1 87 ? -6.86877  -2.02052  1.73047   1.000 85.27176  ? 87 GLU B OE2 1 
ATOM 1444 N N   . ALA B 1 88 ? -8.06357  -6.89470  -2.78247  1.000 72.07786  ? 88 ALA B N   1 
ATOM 1445 C CA  . ALA B 1 88 ? -8.71462  -7.23391  -4.04264  1.000 69.14856  ? 88 ALA B CA  1 
ATOM 1446 C C   . ALA B 1 88 ? -10.10193 -7.81313  -3.80684  1.000 78.62520  ? 88 ALA B C   1 
ATOM 1447 O O   . ALA B 1 88 ? -11.04453 -7.49425  -4.54031  1.000 82.72585  ? 88 ALA B O   1 
ATOM 1448 C CB  . ALA B 1 88 ? -7.85557  -8.21615  -4.83504  1.000 77.49539  ? 88 ALA B CB  1 
ATOM 1449 N N   . ARG B 1 89 ? -10.24752 -8.66476  -2.78742  1.000 80.27023  ? 89 ARG B N   1 
ATOM 1450 C CA  . ARG B 1 89 ? -11.54955 -9.26206  -2.50826  1.000 77.74964  ? 89 ARG B CA  1 
ATOM 1451 C C   . ARG B 1 89 ? -12.55839 -8.20752  -2.07113  1.000 87.17467  ? 89 ARG B C   1 
ATOM 1452 O O   . ARG B 1 89 ? -13.74262 -8.29695  -2.41685  1.000 95.26477  ? 89 ARG B O   1 
ATOM 1453 C CB  . ARG B 1 89 ? -11.41390 -10.35552 -1.44879  1.000 78.31527  ? 89 ARG B CB  1 
ATOM 1454 C CG  . ARG B 1 89 ? -12.63036 -11.26842 -1.32875  1.000 83.13975  ? 89 ARG B CG  1 
ATOM 1455 C CD  . ARG B 1 89 ? -12.76890 -12.16828 -2.54671  1.000 79.16283  ? 89 ARG B CD  1 
ATOM 1456 N NE  . ARG B 1 89 ? -13.99298 -12.96034 -2.51355  1.000 83.78167  ? 89 ARG B NE  1 
ATOM 1457 C CZ  . ARG B 1 89 ? -14.07838 -14.22671 -2.89963  1.000 89.96576  ? 89 ARG B CZ  1 
ATOM 1458 N NH1 . ARG B 1 89 ? -13.03252 -14.87205 -3.38917  1.000 81.33935  ? 89 ARG B NH1 1 
ATOM 1459 N NH2 . ARG B 1 89 ? -15.24457 -14.85977 -2.79806  1.000 97.11511  ? 89 ARG B NH2 1 
ATOM 1460 N N   . GLU B 1 90 ? -12.11430 -7.19836  -1.31416  1.000 85.18356  ? 90 GLU B N   1 
ATOM 1461 C CA  . GLU B 1 90 ? -13.01819 -6.10460  -0.96918  1.000 84.25628  ? 90 GLU B CA  1 
ATOM 1462 C C   . GLU B 1 90 ? -13.44044 -5.33523  -2.21314  1.000 81.45173  ? 90 GLU B C   1 
ATOM 1463 O O   . GLU B 1 90 ? -14.58900 -4.88911  -2.31498  1.000 82.42833  ? 90 GLU B O   1 
ATOM 1464 C CB  . GLU B 1 90 ? -12.37034 -5.16535  0.04796   1.000 82.72083  ? 90 GLU B CB  1 
ATOM 1465 C CG  . GLU B 1 90 ? -12.24934 -5.75077  1.44297   1.000 91.98587  ? 90 GLU B CG  1 
ATOM 1466 C CD  . GLU B 1 90 ? -11.80049 -4.72842  2.46862   1.000 102.45335 ? 90 GLU B CD  1 
ATOM 1467 O OE1 . GLU B 1 90 ? -11.51060 -3.57670  2.08137   1.000 100.74389 ? 90 GLU B OE1 1 
ATOM 1468 O OE2 . GLU B 1 90 ? -11.72213 -5.08322  3.66299   1.000 118.43380 ? 90 GLU B OE2 1 
ATOM 1469 N N   . ALA B 1 91 ? -12.52573 -5.17381  -3.17105  1.000 74.83420  ? 91 ALA B N   1 
ATOM 1470 C CA  . ALA B 1 91 ? -12.89870 -4.57964  -4.44750  1.000 74.38852  ? 91 ALA B CA  1 
ATOM 1471 C C   . ALA B 1 91 ? -13.88168 -5.46144  -5.20836  1.000 76.01572  ? 91 ALA B C   1 
ATOM 1472 O O   . ALA B 1 91 ? -14.75072 -4.94461  -5.91881  1.000 73.43555  ? 91 ALA B O   1 
ATOM 1473 C CB  . ALA B 1 91 ? -11.64937 -4.31636  -5.28666  1.000 69.57184  ? 91 ALA B CB  1 
ATOM 1474 N N   . LEU B 1 92 ? -13.76824 -6.78617  -5.07638  1.000 73.11752  ? 92 LEU B N   1 
ATOM 1475 C CA  . LEU B 1 92 ? -14.73055 -7.67518  -5.71865  1.000 67.41680  ? 92 LEU B CA  1 
ATOM 1476 C C   . LEU B 1 92 ? -16.13230 -7.45560  -5.17353  1.000 79.42446  ? 92 LEU B C   1 
ATOM 1477 O O   . LEU B 1 92 ? -17.08289 -7.23941  -5.93089  1.000 87.51938  ? 92 LEU B O   1 
ATOM 1478 C CB  . LEU B 1 92 ? -14.33519 -9.13708  -5.52398  1.000 76.73970  ? 92 LEU B CB  1 
ATOM 1479 C CG  . LEU B 1 92 ? -13.76425 -9.85161  -6.73998  1.000 83.21105  ? 92 LEU B CG  1 
ATOM 1480 C CD1 . LEU B 1 92 ? -14.85754 -10.08943 -7.78789  1.000 80.74236  ? 92 LEU B CD1 1 
ATOM 1481 C CD2 . LEU B 1 92 ? -12.63858 -9.04363  -7.29516  1.000 82.74732  ? 92 LEU B CD2 1 
ATOM 1482 N N   . GLU B 1 93 ? -16.27631 -7.54284  -3.85211  1.000 75.72484  ? 93 GLU B N   1 
ATOM 1483 C CA  . GLU B 1 93 ? -17.59649 -7.44866  -3.24640  1.000 83.08075  ? 93 GLU B CA  1 
ATOM 1484 C C   . GLU B 1 93 ? -18.21377 -6.07736  -3.46406  1.000 97.05397  ? 93 GLU B C   1 
ATOM 1485 O O   . GLU B 1 93 ? -19.43035 -5.96938  -3.65211  1.000 106.85440 ? 93 GLU B O   1 
ATOM 1486 C CB  . GLU B 1 93 ? -17.49124 -7.76458  -1.76108  1.000 88.03396  ? 93 GLU B CB  1 
ATOM 1487 C CG  . GLU B 1 93 ? -17.08399 -9.19505  -1.50715  1.000 92.21821  ? 93 GLU B CG  1 
ATOM 1488 C CD  . GLU B 1 93 ? -17.00544 -9.51273  -0.03983  1.000 122.85187 ? 93 GLU B CD  1 
ATOM 1489 O OE1 . GLU B 1 93 ? -18.03036 -9.35382  0.65594   1.000 164.21905 ? 93 GLU B OE1 1 
ATOM 1490 O OE2 . GLU B 1 93 ? -15.91760 -9.91958  0.41708   1.000 111.27402 ? 93 GLU B OE2 1 
ATOM 1491 N N   . ALA B 1 94 ? -17.39854 -5.02147  -3.44503  1.000 93.71816  ? 94 ALA B N   1 
ATOM 1492 C CA  . ALA B 1 94 ? -17.92451 -3.68522  -3.69789  1.000 95.59956  ? 94 ALA B CA  1 
ATOM 1493 C C   . ALA B 1 94 ? -18.40043 -3.54889  -5.13795  1.000 93.84672  ? 94 ALA B C   1 
ATOM 1494 O O   . ALA B 1 94 ? -19.39076 -2.85926  -5.40927  1.000 95.98960  ? 94 ALA B O   1 
ATOM 1495 C CB  . ALA B 1 94 ? -16.86322 -2.63341  -3.37644  1.000 98.39685  ? 94 ALA B CB  1 
ATOM 1496 N N   . ALA B 1 95 ? -17.71221 -4.20935  -6.07311  1.000 94.80092  ? 95 ALA B N   1 
ATOM 1497 C CA  . ALA B 1 95 ? -18.09904 -4.15178  -7.47823  1.000 97.98938  ? 95 ALA B CA  1 
ATOM 1498 C C   . ALA B 1 95 ? -19.34182 -4.97983  -7.77323  1.000 100.37375 ? 95 ALA B C   1 
ATOM 1499 O O   . ALA B 1 95 ? -20.00382 -4.74515  -8.79095  1.000 99.50194  ? 95 ALA B O   1 
ATOM 1500 C CB  . ALA B 1 95 ? -16.94319 -4.62127  -8.36004  1.000 91.06689  ? 95 ALA B CB  1 
ATOM 1501 N N   . GLU B 1 96 ? -19.66509 -5.94769  -6.91417  1.000 101.92741 ? 96 GLU B N   1 
ATOM 1502 C CA  . GLU B 1 96 ? -20.90207 -6.70064  -7.08005  1.000 106.89749 ? 96 GLU B CA  1 
ATOM 1503 C C   . GLU B 1 96 ? -22.11909 -5.79283  -6.94045  1.000 103.83596 ? 96 GLU B C   1 
ATOM 1504 O O   . GLU B 1 96 ? -23.13072 -5.99069  -7.62472  1.000 107.72105 ? 96 GLU B O   1 
ATOM 1505 C CB  . GLU B 1 96 ? -20.94454 -7.83914  -6.05748  1.000 109.12576 ? 96 GLU B CB  1 
ATOM 1506 C CG  . GLU B 1 96 ? -22.17718 -8.72309  -6.11638  1.000 116.19619 ? 96 GLU B CG  1 
ATOM 1507 C CD  . GLU B 1 96 ? -22.24525 -9.54395  -7.38795  1.000 117.83391 ? 96 GLU B CD  1 
ATOM 1508 O OE1 . GLU B 1 96 ? -21.24383 -10.21568 -7.71071  1.000 117.33905 ? 96 GLU B OE1 1 
ATOM 1509 O OE2 . GLU B 1 96 ? -23.30072 -9.52953  -8.05738  1.000 111.95581 ? 96 GLU B OE2 1 
ATOM 1510 N N   . GLU B 1 97 ? -22.02857 -4.78117  -6.08470  1.000 96.34354  ? 97 GLU B N   1 
ATOM 1511 C CA  . GLU B 1 97 ? -23.12343 -3.84505  -5.86260  1.000 91.96113  ? 97 GLU B CA  1 
ATOM 1512 C C   . GLU B 1 97 ? -23.08797 -2.68183  -6.84847  1.000 83.28542  ? 97 GLU B C   1 
ATOM 1513 O O   . GLU B 1 97 ? -22.08766 -1.97374  -6.95171  1.000 79.17431  ? 97 GLU B O   1 
ATOM 1514 C CB  . GLU B 1 97 ? -23.07461 -3.32007  -4.42597  1.000 103.22457 ? 97 GLU B CB  1 
ATOM 1515 C CG  . GLU B 1 97 ? -23.80998 -4.18018  -3.40189  1.000 116.61136 ? 97 GLU B CG  1 
ATOM 1516 C CD  . GLU B 1 97 ? -23.22207 -5.57691  -3.23770  1.000 120.17093 ? 97 GLU B CD  1 
ATOM 1517 O OE1 . GLU B 1 97 ? -22.15669 -5.86381  -3.82317  1.000 112.67991 ? 97 GLU B OE1 1 
ATOM 1518 O OE2 . GLU B 1 97 ? -23.83787 -6.39703  -2.52293  1.000 128.63381 ? 97 GLU B OE2 1 
# 
